data_4W6Z
#
_entry.id   4W6Z
#
_cell.length_a   144.338
_cell.length_b   144.338
_cell.length_c   128.204
_cell.angle_alpha   90.00
_cell.angle_beta   90.00
_cell.angle_gamma   120.00
#
_symmetry.space_group_name_H-M   'P 3 2 1'
#
loop_
_entity.id
_entity.type
_entity.pdbx_description
1 polymer 'Alcohol dehydrogenase 1'
2 non-polymer 'ZINC ION'
3 non-polymer NICOTINAMIDE-8-IODO-ADENINE-DINUCLEOTIDE
4 non-polymer TRIFLUOROETHANOL
5 water water
#
_entity_poly.entity_id   1
_entity_poly.type   'polypeptide(L)'
_entity_poly.pdbx_seq_one_letter_code
;SIPETQKGVIFYESHGKLEYKDIPVPKPKANELLINVKYSGVCHTDLHAWHGDWPLPVKLPLVGGHEGAGVVVGMGENVK
GWKIGDYAGIKWLNGSCMACEYCELGNESNCPHADLSGYTHDGSFQQYATADAVQAAHIPQGTDLAQVAPILCAGITVYK
ALKSANLMAGHWVAISGAAGGLGSLAVQYAKAMGYRVLGIDGGEGKEELFRSIGGEVFIDFTKEKDIVGAVLKATDGGAH
GVINVSVSEAAIEASTRYVRANGTTVLVGMPAGAKCCSDVFNQVVKSISIVGSYVGNRADTREALDFFARGLVKSPIKVV
GLSTLPEIYEKMEKGQIVGRYVVDTSK
;
_entity_poly.pdbx_strand_id   A,B,C,D
#
loop_
_chem_comp.id
_chem_comp.type
_chem_comp.name
_chem_comp.formula
8ID non-polymer NICOTINAMIDE-8-IODO-ADENINE-DINUCLEOTIDE 'C21 H27 I N7 O14 P2 1'
ETF non-polymer TRIFLUOROETHANOL 'C2 H3 F3 O'
ZN non-polymer 'ZINC ION' 'Zn 2'
#
# COMPACT_ATOMS: atom_id res chain seq x y z
N SER A 1 -22.45 60.88 -10.75
CA SER A 1 -22.70 59.80 -11.74
C SER A 1 -21.97 58.52 -11.32
N ILE A 2 -20.71 58.36 -11.72
CA ILE A 2 -20.00 57.11 -11.52
C ILE A 2 -18.88 57.31 -10.53
N PRO A 3 -18.95 56.66 -9.38
CA PRO A 3 -17.91 56.87 -8.37
C PRO A 3 -16.56 56.35 -8.79
N GLU A 4 -15.53 56.71 -8.04
CA GLU A 4 -14.15 56.28 -8.27
C GLU A 4 -13.80 55.16 -7.30
N THR A 5 -14.55 55.08 -6.20
CA THR A 5 -14.30 54.13 -5.10
C THR A 5 -15.59 53.40 -4.75
N GLN A 6 -15.41 52.15 -4.32
CA GLN A 6 -16.49 51.23 -4.03
C GLN A 6 -15.95 50.21 -3.05
N LYS A 7 -16.83 49.32 -2.60
CA LYS A 7 -16.51 48.21 -1.70
C LYS A 7 -16.57 46.86 -2.43
N GLY A 8 -15.59 46.02 -2.14
CA GLY A 8 -15.52 44.63 -2.62
C GLY A 8 -14.99 43.65 -1.58
N VAL A 9 -15.21 42.36 -1.86
CA VAL A 9 -14.54 41.34 -1.13
C VAL A 9 -13.42 40.76 -2.00
N ILE A 10 -12.22 40.74 -1.43
CA ILE A 10 -11.02 40.49 -2.20
C ILE A 10 -10.02 39.76 -1.30
N PHE A 11 -9.32 38.77 -1.86
CA PHE A 11 -8.21 38.09 -1.19
C PHE A 11 -6.95 38.28 -2.02
N TYR A 12 -5.78 38.20 -1.35
CA TYR A 12 -4.48 38.54 -2.00
C TYR A 12 -3.53 37.31 -2.24
N GLU A 13 -3.77 36.21 -1.52
CA GLU A 13 -3.13 34.91 -1.79
C GLU A 13 -4.24 33.90 -1.64
N SER A 14 -4.06 32.67 -2.16
CA SER A 14 -5.16 31.67 -2.17
C SER A 14 -5.53 31.28 -0.73
N HIS A 15 -6.84 31.25 -0.46
CA HIS A 15 -7.38 30.83 0.85
C HIS A 15 -6.99 31.82 1.94
N GLY A 16 -6.54 33.01 1.54
CA GLY A 16 -6.13 34.06 2.49
C GLY A 16 -7.33 34.85 3.02
N LYS A 17 -7.04 35.86 3.85
CA LYS A 17 -8.14 36.62 4.45
C LYS A 17 -9.06 37.30 3.38
N LEU A 18 -10.36 37.04 3.49
CA LEU A 18 -11.35 37.67 2.63
C LEU A 18 -11.57 39.07 3.14
N GLU A 19 -11.12 40.06 2.38
CA GLU A 19 -11.11 41.43 2.93
C GLU A 19 -12.35 42.17 2.46
N TYR A 20 -13.14 42.72 3.38
CA TYR A 20 -14.21 43.63 2.96
C TYR A 20 -13.66 45.05 3.05
N LYS A 21 -13.40 45.68 1.91
CA LYS A 21 -12.68 46.94 1.93
C LYS A 21 -12.98 47.79 0.73
N ASP A 22 -12.47 49.01 0.76
CA ASP A 22 -12.62 49.97 -0.32
C ASP A 22 -11.61 49.70 -1.42
N ILE A 23 -12.11 49.50 -2.66
CA ILE A 23 -11.22 49.26 -3.80
C ILE A 23 -11.53 50.21 -4.94
N PRO A 24 -10.64 50.26 -5.95
CA PRO A 24 -10.94 51.15 -7.11
C PRO A 24 -12.13 50.65 -7.94
N VAL A 25 -12.84 51.56 -8.60
CA VAL A 25 -13.85 51.15 -9.57
C VAL A 25 -13.10 50.92 -10.87
N PRO A 26 -13.39 49.81 -11.56
CA PRO A 26 -12.69 49.54 -12.82
C PRO A 26 -13.28 50.31 -13.97
N LYS A 27 -12.40 50.62 -14.93
CA LYS A 27 -12.77 51.31 -16.20
C LYS A 27 -13.11 50.28 -17.27
N PRO A 28 -14.18 50.53 -18.05
CA PRO A 28 -14.43 49.56 -19.11
C PRO A 28 -13.40 49.63 -20.24
N LYS A 29 -13.10 48.48 -20.83
CA LYS A 29 -12.38 48.47 -22.09
C LYS A 29 -13.38 48.65 -23.21
N ALA A 30 -12.85 48.83 -24.42
CA ALA A 30 -13.64 49.14 -25.63
C ALA A 30 -14.75 48.12 -25.85
N ASN A 31 -14.48 46.87 -25.49
CA ASN A 31 -15.45 45.79 -25.72
C ASN A 31 -16.45 45.64 -24.58
N GLU A 32 -16.24 46.34 -23.47
CA GLU A 32 -16.85 45.94 -22.19
C GLU A 32 -17.88 46.90 -21.69
N LEU A 33 -18.76 46.38 -20.85
CA LEU A 33 -19.66 47.16 -20.07
C LEU A 33 -19.11 47.35 -18.67
N LEU A 34 -19.49 48.47 -18.06
CA LEU A 34 -19.29 48.68 -16.66
C LEU A 34 -20.67 48.53 -16.06
N ILE A 35 -20.78 47.62 -15.11
CA ILE A 35 -22.04 47.30 -14.50
C ILE A 35 -21.95 47.72 -13.05
N ASN A 36 -22.99 48.37 -12.56
CA ASN A 36 -23.25 48.52 -11.10
C ASN A 36 -24.06 47.30 -10.67
N VAL A 37 -23.39 46.36 -10.00
CA VAL A 37 -23.98 45.11 -9.56
C VAL A 37 -24.80 45.35 -8.29
N LYS A 38 -26.05 44.88 -8.31
CA LYS A 38 -26.98 45.10 -7.21
C LYS A 38 -27.03 43.88 -6.32
N TYR A 39 -27.01 42.72 -6.98
CA TYR A 39 -26.94 41.41 -6.31
C TYR A 39 -25.94 40.44 -7.02
N SER A 40 -25.37 39.49 -6.23
CA SER A 40 -24.60 38.40 -6.80
C SER A 40 -24.97 37.14 -6.12
N GLY A 41 -25.38 36.13 -6.88
CA GLY A 41 -25.52 34.81 -6.32
C GLY A 41 -24.14 34.43 -5.89
N VAL A 42 -24.06 33.51 -4.94
CA VAL A 42 -22.76 32.93 -4.53
C VAL A 42 -22.74 31.47 -4.98
N CYS A 43 -21.75 31.13 -5.82
CA CYS A 43 -21.63 29.78 -6.42
C CYS A 43 -20.54 29.03 -5.70
N HIS A 44 -20.76 27.72 -5.57
CA HIS A 44 -19.79 26.88 -4.86
C HIS A 44 -18.48 27.02 -5.61
N THR A 45 -18.56 27.24 -6.90
CA THR A 45 -17.37 27.53 -7.69
C THR A 45 -16.51 28.61 -7.06
N ASP A 46 -17.15 29.62 -6.47
CA ASP A 46 -16.45 30.81 -5.92
C ASP A 46 -15.58 30.39 -4.71
N LEU A 47 -16.02 29.33 -4.02
CA LEU A 47 -15.30 28.74 -2.90
C LEU A 47 -14.07 27.93 -3.37
N HIS A 48 -14.29 27.12 -4.43
CA HIS A 48 -13.19 26.30 -5.03
C HIS A 48 -12.04 27.21 -5.44
N ALA A 49 -12.47 28.37 -5.96
CA ALA A 49 -11.62 29.49 -6.36
C ALA A 49 -10.81 30.01 -5.11
N TRP A 50 -11.49 30.38 -4.02
CA TRP A 50 -10.81 30.93 -2.88
C TRP A 50 -9.86 29.88 -2.30
N HIS A 51 -10.34 28.63 -2.14
CA HIS A 51 -9.46 27.51 -1.63
C HIS A 51 -8.30 27.09 -2.55
N GLY A 52 -8.37 27.45 -3.83
CA GLY A 52 -7.38 26.99 -4.84
C GLY A 52 -7.50 25.51 -5.14
N ASP A 53 -8.75 25.01 -5.11
CA ASP A 53 -9.08 23.61 -5.38
C ASP A 53 -8.74 23.15 -6.85
N TRP A 54 -8.71 24.09 -7.80
CA TRP A 54 -8.53 23.77 -9.22
C TRP A 54 -7.11 24.04 -9.78
N PRO A 55 -6.67 23.20 -10.75
CA PRO A 55 -5.31 23.20 -11.31
C PRO A 55 -4.90 24.49 -12.05
N LEU A 56 -5.84 25.40 -12.28
CA LEU A 56 -5.54 26.70 -12.85
C LEU A 56 -5.42 27.77 -11.74
N PRO A 57 -4.50 28.74 -11.90
CA PRO A 57 -4.39 29.77 -10.88
C PRO A 57 -5.37 30.90 -11.15
N VAL A 58 -5.83 31.50 -10.05
CA VAL A 58 -6.67 32.68 -10.09
C VAL A 58 -5.84 33.92 -10.30
N LYS A 59 -6.54 35.02 -10.59
CA LYS A 59 -5.91 36.32 -10.69
C LYS A 59 -5.86 36.97 -9.30
N LEU A 60 -4.68 37.39 -8.87
CA LEU A 60 -4.56 37.97 -7.55
C LEU A 60 -4.06 39.39 -7.67
N PRO A 61 -4.58 40.28 -6.82
CA PRO A 61 -5.63 39.96 -5.85
C PRO A 61 -6.97 39.79 -6.59
N LEU A 62 -7.77 38.81 -6.18
CA LEU A 62 -9.02 38.49 -6.86
C LEU A 62 -10.32 38.98 -6.17
N VAL A 63 -11.14 39.72 -6.91
CA VAL A 63 -12.55 39.90 -6.52
C VAL A 63 -13.41 38.79 -7.13
N GLY A 64 -14.01 37.97 -6.26
CA GLY A 64 -14.73 36.81 -6.73
C GLY A 64 -16.04 37.15 -7.38
N GLY A 65 -16.79 36.10 -7.73
CA GLY A 65 -18.22 36.22 -7.94
C GLY A 65 -18.54 36.20 -9.39
N HIS A 66 -19.56 35.44 -9.75
CA HIS A 66 -19.85 35.33 -11.14
C HIS A 66 -21.32 35.13 -11.53
N GLU A 67 -22.23 35.51 -10.62
CA GLU A 67 -23.70 35.49 -10.82
C GLU A 67 -24.21 36.90 -10.44
N GLY A 68 -23.78 37.88 -11.27
CA GLY A 68 -23.89 39.29 -11.00
C GLY A 68 -25.05 39.80 -11.86
N ALA A 69 -26.02 40.41 -11.20
CA ALA A 69 -27.24 40.95 -11.78
C ALA A 69 -27.21 42.42 -11.40
N GLY A 70 -27.03 43.30 -12.39
CA GLY A 70 -26.88 44.73 -12.17
C GLY A 70 -27.32 45.67 -13.29
N VAL A 71 -26.79 46.89 -13.26
CA VAL A 71 -27.18 47.87 -14.27
C VAL A 71 -26.00 48.42 -15.06
N VAL A 72 -26.25 48.73 -16.34
CA VAL A 72 -25.22 49.27 -17.21
C VAL A 72 -25.19 50.77 -17.01
N VAL A 73 -24.08 51.22 -16.43
CA VAL A 73 -23.84 52.64 -16.06
C VAL A 73 -22.79 53.22 -16.99
N GLY A 74 -22.05 52.35 -17.69
CA GLY A 74 -21.02 52.79 -18.62
C GLY A 74 -20.66 51.68 -19.59
N MET A 75 -19.96 52.03 -20.66
CA MET A 75 -19.57 51.03 -21.68
C MET A 75 -18.47 51.54 -22.58
N GLY A 76 -17.75 50.60 -23.19
CA GLY A 76 -16.70 50.93 -24.18
C GLY A 76 -17.24 51.58 -25.44
N GLU A 77 -16.38 52.31 -26.16
CA GLU A 77 -16.76 52.93 -27.44
C GLU A 77 -17.08 51.89 -28.52
N ASN A 78 -16.56 50.67 -28.37
CA ASN A 78 -16.83 49.56 -29.30
C ASN A 78 -18.06 48.74 -28.99
N VAL A 79 -18.70 48.91 -27.84
CA VAL A 79 -19.93 48.18 -27.49
C VAL A 79 -21.12 48.66 -28.32
N LYS A 80 -21.96 47.72 -28.76
CA LYS A 80 -23.03 48.00 -29.72
C LYS A 80 -24.48 47.82 -29.19
N GLY A 81 -24.91 46.62 -28.81
CA GLY A 81 -26.37 46.42 -28.54
C GLY A 81 -26.72 46.59 -27.07
N TRP A 82 -26.45 47.78 -26.55
CA TRP A 82 -26.56 48.11 -25.15
C TRP A 82 -26.81 49.59 -24.94
N LYS A 83 -27.73 49.88 -24.01
CA LYS A 83 -27.96 51.25 -23.57
C LYS A 83 -27.67 51.29 -22.06
N ILE A 84 -27.35 52.50 -21.66
CA ILE A 84 -27.16 52.84 -20.29
C ILE A 84 -28.53 52.65 -19.65
N GLY A 85 -28.57 51.77 -18.65
CA GLY A 85 -29.77 51.49 -17.95
C GLY A 85 -30.21 50.06 -18.10
N ASP A 86 -29.76 49.41 -19.17
CA ASP A 86 -30.20 48.08 -19.41
C ASP A 86 -29.74 47.29 -18.20
N TYR A 87 -30.46 46.23 -17.88
CA TYR A 87 -29.96 45.28 -16.93
C TYR A 87 -29.07 44.24 -17.65
N ALA A 88 -27.99 43.81 -16.98
CA ALA A 88 -26.93 42.98 -17.58
C ALA A 88 -26.54 41.91 -16.63
N GLY A 89 -26.08 40.76 -17.14
CA GLY A 89 -25.68 39.69 -16.27
C GLY A 89 -24.23 39.33 -16.45
N ILE A 90 -23.48 39.29 -15.35
CA ILE A 90 -22.06 38.88 -15.37
C ILE A 90 -22.10 37.41 -15.03
N LYS A 91 -21.54 36.58 -15.89
CA LYS A 91 -21.61 35.15 -15.75
C LYS A 91 -20.18 34.63 -15.53
N TRP A 92 -20.02 33.32 -15.47
CA TRP A 92 -18.67 32.72 -15.25
C TRP A 92 -17.84 33.11 -16.43
N LEU A 93 -18.49 33.07 -17.59
CA LEU A 93 -17.81 33.34 -18.82
C LEU A 93 -17.88 34.81 -19.07
N ASN A 94 -16.91 35.52 -18.52
CA ASN A 94 -16.89 36.95 -18.75
C ASN A 94 -16.79 37.18 -20.25
N GLY A 95 -15.85 36.48 -20.88
CA GLY A 95 -15.60 36.76 -22.30
C GLY A 95 -14.80 35.72 -23.05
N SER A 96 -15.19 35.53 -24.31
CA SER A 96 -14.51 34.59 -25.20
C SER A 96 -13.95 35.38 -26.37
N CYS A 97 -13.10 34.72 -27.18
CA CYS A 97 -12.43 35.32 -28.34
C CYS A 97 -13.39 35.52 -29.51
N MET A 98 -14.41 34.67 -29.60
CA MET A 98 -15.51 34.83 -30.56
C MET A 98 -15.02 34.83 -31.98
N ALA A 99 -13.88 34.15 -32.17
CA ALA A 99 -13.22 34.13 -33.44
C ALA A 99 -12.54 32.79 -33.74
N CYS A 100 -12.70 31.77 -32.86
CA CYS A 100 -12.08 30.42 -33.03
C CYS A 100 -13.14 29.37 -33.42
N GLU A 101 -12.70 28.20 -33.87
CA GLU A 101 -13.66 27.14 -34.20
C GLU A 101 -14.71 26.91 -33.11
N TYR A 102 -14.31 26.94 -31.84
CA TYR A 102 -15.25 26.64 -30.74
C TYR A 102 -16.33 27.69 -30.54
N CYS A 103 -15.89 28.95 -30.49
CA CYS A 103 -16.79 30.08 -30.31
C CYS A 103 -17.81 30.14 -31.47
N GLU A 104 -17.38 29.72 -32.67
CA GLU A 104 -18.23 29.66 -33.83
C GLU A 104 -19.31 28.60 -33.72
N LEU A 105 -19.00 27.51 -33.02
CA LEU A 105 -19.97 26.43 -32.88
C LEU A 105 -20.90 26.68 -31.68
N GLY A 106 -20.77 27.83 -31.04
CA GLY A 106 -21.59 28.13 -29.88
C GLY A 106 -21.03 27.53 -28.62
N ASN A 107 -19.82 26.95 -28.68
CA ASN A 107 -19.17 26.38 -27.44
C ASN A 107 -18.21 27.37 -26.86
N GLU A 108 -18.77 28.52 -26.56
CA GLU A 108 -18.06 29.74 -26.26
C GLU A 108 -17.26 29.47 -25.00
N SER A 109 -17.85 28.73 -24.06
CA SER A 109 -17.19 28.46 -22.78
C SER A 109 -15.92 27.71 -22.94
N ASN A 110 -15.78 27.01 -24.07
CA ASN A 110 -14.56 26.18 -24.28
C ASN A 110 -13.43 26.92 -25.04
N CYS A 111 -13.60 28.22 -25.30
CA CYS A 111 -12.59 28.98 -26.02
C CYS A 111 -11.32 28.93 -25.19
N PRO A 112 -10.18 28.61 -25.81
CA PRO A 112 -8.93 28.64 -25.02
C PRO A 112 -8.51 30.04 -24.54
N HIS A 113 -9.23 31.08 -24.95
CA HIS A 113 -8.85 32.45 -24.60
C HIS A 113 -9.87 32.99 -23.63
N ALA A 114 -10.64 32.06 -23.06
CA ALA A 114 -11.77 32.37 -22.19
C ALA A 114 -11.27 33.20 -21.02
N ASP A 115 -12.06 34.19 -20.66
CA ASP A 115 -11.78 35.10 -19.54
C ASP A 115 -12.89 34.87 -18.56
N LEU A 116 -12.55 34.64 -17.30
CA LEU A 116 -13.52 34.12 -16.35
C LEU A 116 -13.70 35.06 -15.15
N SER A 117 -14.96 35.52 -15.01
CA SER A 117 -15.44 36.25 -13.85
C SER A 117 -15.22 35.48 -12.55
N GLY A 118 -14.66 36.14 -11.58
CA GLY A 118 -14.34 35.46 -10.36
C GLY A 118 -13.25 34.41 -10.45
N TYR A 119 -12.30 34.60 -11.36
CA TYR A 119 -11.12 33.72 -11.44
C TYR A 119 -9.99 34.48 -12.10
N THR A 120 -10.12 34.84 -13.38
CA THR A 120 -9.11 35.68 -14.10
C THR A 120 -9.58 37.10 -14.36
N HIS A 121 -10.78 37.46 -13.91
CA HIS A 121 -11.32 38.82 -14.12
C HIS A 121 -12.07 39.21 -12.87
N ASP A 122 -11.81 40.41 -12.35
CA ASP A 122 -12.56 40.86 -11.20
C ASP A 122 -14.06 40.64 -11.44
N GLY A 123 -14.66 39.93 -10.49
CA GLY A 123 -16.05 39.46 -10.58
C GLY A 123 -17.16 40.39 -10.07
N SER A 124 -18.24 39.78 -9.59
CA SER A 124 -19.48 40.45 -9.14
C SER A 124 -19.66 40.59 -7.62
N PHE A 125 -18.64 40.17 -6.86
CA PHE A 125 -18.57 40.44 -5.41
C PHE A 125 -18.05 41.86 -5.09
N GLN A 126 -18.63 42.83 -5.83
CA GLN A 126 -18.32 44.21 -5.70
C GLN A 126 -19.44 45.02 -6.30
N GLN A 127 -19.44 46.31 -6.00
CA GLN A 127 -20.52 47.14 -6.44
C GLN A 127 -20.42 47.42 -7.94
N TYR A 128 -19.20 47.48 -8.45
CA TYR A 128 -19.01 47.79 -9.83
C TYR A 128 -18.06 46.83 -10.53
N ALA A 129 -18.48 46.34 -11.70
CA ALA A 129 -17.66 45.41 -12.47
C ALA A 129 -17.76 45.55 -13.99
N THR A 130 -16.67 45.10 -14.63
CA THR A 130 -16.57 45.13 -16.09
C THR A 130 -16.88 43.75 -16.67
N ALA A 131 -17.48 43.75 -17.86
CA ALA A 131 -17.82 42.52 -18.52
C ALA A 131 -17.99 42.68 -20.01
N ASP A 132 -17.53 41.68 -20.77
CA ASP A 132 -17.64 41.71 -22.20
C ASP A 132 -19.09 41.93 -22.62
N ALA A 133 -19.29 42.89 -23.52
CA ALA A 133 -20.59 43.26 -24.02
C ALA A 133 -21.23 42.20 -24.90
N VAL A 134 -20.40 41.43 -25.62
CA VAL A 134 -20.95 40.38 -26.50
C VAL A 134 -21.45 39.17 -25.71
N GLN A 135 -20.74 38.80 -24.65
CA GLN A 135 -21.13 37.64 -23.86
C GLN A 135 -22.19 37.97 -22.79
N ALA A 136 -22.25 39.21 -22.35
CA ALA A 136 -23.11 39.52 -21.20
C ALA A 136 -24.59 39.21 -21.39
N ALA A 137 -25.25 38.95 -20.27
CA ALA A 137 -26.61 38.49 -20.27
C ALA A 137 -27.55 39.67 -20.37
N HIS A 138 -28.39 39.68 -21.39
CA HIS A 138 -29.47 40.65 -21.46
C HIS A 138 -30.55 40.25 -20.54
N ILE A 139 -30.73 41.03 -19.47
CA ILE A 139 -31.79 40.76 -18.49
C ILE A 139 -32.98 41.67 -18.84
N PRO A 140 -34.18 41.09 -19.01
CA PRO A 140 -35.35 41.95 -19.28
C PRO A 140 -35.66 43.00 -18.21
N GLN A 141 -35.90 44.22 -18.66
CA GLN A 141 -36.44 45.27 -17.76
C GLN A 141 -37.55 44.69 -16.88
N GLY A 142 -37.54 45.08 -15.61
CA GLY A 142 -38.55 44.63 -14.66
C GLY A 142 -38.18 43.40 -13.87
N THR A 143 -37.18 42.67 -14.32
CA THR A 143 -36.67 41.51 -13.57
C THR A 143 -36.25 41.90 -12.17
N ASP A 144 -36.78 41.19 -11.18
CA ASP A 144 -36.24 41.23 -9.85
C ASP A 144 -34.84 40.66 -9.92
N LEU A 145 -33.81 41.49 -9.82
CA LEU A 145 -32.39 41.14 -10.01
C LEU A 145 -31.83 40.25 -8.92
N ALA A 146 -32.40 40.31 -7.75
CA ALA A 146 -31.99 39.46 -6.68
C ALA A 146 -32.35 38.01 -6.99
N GLN A 147 -33.48 37.84 -7.66
CA GLN A 147 -34.03 36.52 -7.92
C GLN A 147 -33.41 35.89 -9.11
N VAL A 148 -33.02 36.73 -10.10
CA VAL A 148 -32.51 36.19 -11.34
C VAL A 148 -31.06 35.89 -11.23
N ALA A 149 -30.40 36.46 -10.23
CA ALA A 149 -28.93 36.38 -10.12
C ALA A 149 -28.42 34.96 -10.31
N PRO A 150 -29.04 33.94 -9.67
CA PRO A 150 -28.50 32.60 -9.86
C PRO A 150 -28.72 31.96 -11.19
N ILE A 151 -29.71 32.42 -11.96
CA ILE A 151 -29.89 31.84 -13.32
C ILE A 151 -28.55 31.95 -14.06
N LEU A 152 -27.78 32.98 -13.70
CA LEU A 152 -26.56 33.33 -14.41
C LEU A 152 -25.41 32.33 -14.32
N CYS A 153 -25.53 31.32 -13.48
CA CYS A 153 -24.54 30.27 -13.52
C CYS A 153 -25.25 29.01 -13.19
N ALA A 154 -25.72 28.87 -11.96
CA ALA A 154 -26.50 27.70 -11.64
C ALA A 154 -27.64 27.42 -12.69
N GLY A 155 -28.51 28.39 -13.00
CA GLY A 155 -29.56 28.19 -13.99
C GLY A 155 -29.02 27.80 -15.37
N ILE A 156 -28.23 28.67 -16.03
CA ILE A 156 -27.77 28.28 -17.41
C ILE A 156 -27.01 26.97 -17.32
N THR A 157 -26.19 26.79 -16.29
CA THR A 157 -25.46 25.54 -16.15
C THR A 157 -26.30 24.30 -16.17
N VAL A 158 -27.26 24.20 -15.27
CA VAL A 158 -28.12 23.02 -15.26
C VAL A 158 -29.07 22.94 -16.47
N TYR A 159 -29.41 24.06 -17.05
CA TYR A 159 -30.27 23.99 -18.16
C TYR A 159 -29.50 23.30 -19.29
N LYS A 160 -28.31 23.80 -19.53
CA LYS A 160 -27.46 23.25 -20.56
C LYS A 160 -27.00 21.81 -20.28
N ALA A 161 -26.89 21.45 -19.02
CA ALA A 161 -26.54 20.09 -18.69
C ALA A 161 -27.71 19.15 -19.00
N LEU A 162 -28.90 19.56 -18.64
CA LEU A 162 -30.07 18.78 -19.05
C LEU A 162 -30.12 18.59 -20.54
N LYS A 163 -29.88 19.63 -21.35
CA LYS A 163 -30.01 19.41 -22.83
C LYS A 163 -29.00 18.38 -23.28
N SER A 164 -27.86 18.43 -22.62
CA SER A 164 -26.76 17.55 -22.91
C SER A 164 -26.91 16.14 -22.30
N ALA A 165 -27.97 15.87 -21.55
CA ALA A 165 -28.25 14.52 -21.10
C ALA A 165 -29.16 13.80 -22.10
N ASN A 166 -29.71 14.59 -23.03
CA ASN A 166 -30.45 14.07 -24.14
C ASN A 166 -31.62 13.27 -23.70
N LEU A 167 -32.44 13.91 -22.90
CA LEU A 167 -33.62 13.26 -22.38
C LEU A 167 -34.80 13.60 -23.26
N MET A 168 -35.92 13.00 -22.94
CA MET A 168 -37.18 13.28 -23.66
C MET A 168 -38.22 13.54 -22.61
N ALA A 169 -39.23 14.28 -22.96
CA ALA A 169 -40.29 14.47 -22.01
C ALA A 169 -40.72 13.03 -21.62
N GLY A 170 -40.92 12.83 -20.33
CA GLY A 170 -41.32 11.49 -19.81
C GLY A 170 -40.18 10.64 -19.32
N HIS A 171 -38.95 10.96 -19.63
CA HIS A 171 -37.85 10.16 -19.06
C HIS A 171 -37.48 10.65 -17.67
N TRP A 172 -36.87 9.76 -16.93
CA TRP A 172 -36.37 10.07 -15.58
C TRP A 172 -35.02 10.79 -15.60
N VAL A 173 -34.88 11.86 -14.83
CA VAL A 173 -33.59 12.42 -14.60
C VAL A 173 -33.41 12.35 -13.11
N ALA A 174 -32.22 11.97 -12.69
CA ALA A 174 -31.87 11.97 -11.24
C ALA A 174 -30.94 13.14 -11.04
N ILE A 175 -31.31 14.08 -10.15
CA ILE A 175 -30.43 15.18 -9.81
C ILE A 175 -29.65 14.84 -8.56
N SER A 176 -28.34 14.69 -8.74
CA SER A 176 -27.43 14.38 -7.63
C SER A 176 -26.93 15.69 -7.00
N GLY A 177 -27.46 15.97 -5.80
CA GLY A 177 -27.29 17.25 -5.13
C GLY A 177 -28.48 18.18 -5.28
N ALA A 178 -29.68 17.61 -5.39
CA ALA A 178 -30.94 18.31 -5.66
C ALA A 178 -31.30 19.47 -4.74
N ALA A 179 -30.55 19.69 -3.68
CA ALA A 179 -30.95 20.79 -2.81
C ALA A 179 -30.02 21.99 -2.82
N GLY A 180 -28.91 21.86 -3.53
CA GLY A 180 -27.97 22.91 -3.58
C GLY A 180 -28.33 24.01 -4.54
N GLY A 181 -27.37 24.88 -4.74
CA GLY A 181 -27.61 25.96 -5.62
C GLY A 181 -28.03 25.50 -7.02
N LEU A 182 -27.17 24.66 -7.62
CA LEU A 182 -27.40 24.13 -8.94
C LEU A 182 -28.58 23.16 -8.89
N GLY A 183 -28.50 22.18 -7.98
CA GLY A 183 -29.61 21.22 -7.79
C GLY A 183 -31.06 21.71 -7.79
N SER A 184 -31.39 22.75 -7.03
CA SER A 184 -32.81 23.14 -6.90
C SER A 184 -33.32 23.85 -8.16
N LEU A 185 -32.41 24.32 -8.97
CA LEU A 185 -32.78 24.86 -10.23
C LEU A 185 -32.95 23.76 -11.24
N ALA A 186 -32.03 22.82 -11.26
CA ALA A 186 -32.13 21.67 -12.16
C ALA A 186 -33.43 20.98 -11.95
N VAL A 187 -33.85 20.87 -10.71
CA VAL A 187 -35.11 20.20 -10.41
C VAL A 187 -36.25 20.87 -11.14
N GLN A 188 -36.17 22.19 -11.34
CA GLN A 188 -37.33 22.94 -11.85
C GLN A 188 -37.23 23.01 -13.35
N TYR A 189 -36.04 23.35 -13.84
CA TYR A 189 -35.76 23.28 -15.28
C TYR A 189 -36.26 21.96 -15.85
N ALA A 190 -35.99 20.89 -15.10
CA ALA A 190 -36.34 19.54 -15.51
C ALA A 190 -37.86 19.29 -15.44
N LYS A 191 -38.53 19.86 -14.46
CA LYS A 191 -39.99 19.67 -14.43
C LYS A 191 -40.60 20.41 -15.64
N ALA A 192 -40.11 21.62 -15.83
CA ALA A 192 -40.50 22.48 -16.94
C ALA A 192 -40.22 21.79 -18.27
N MET A 193 -39.23 20.90 -18.28
CA MET A 193 -38.78 20.28 -19.52
C MET A 193 -39.44 18.97 -19.77
N GLY A 194 -40.22 18.51 -18.80
CA GLY A 194 -41.13 17.39 -19.03
C GLY A 194 -40.59 16.10 -18.53
N TYR A 195 -39.46 16.15 -17.85
CA TYR A 195 -38.90 14.95 -17.22
C TYR A 195 -39.50 14.58 -15.85
N ARG A 196 -39.35 13.30 -15.52
CA ARG A 196 -39.75 12.84 -14.22
C ARG A 196 -38.52 13.05 -13.37
N VAL A 197 -38.66 13.66 -12.19
CA VAL A 197 -37.53 14.06 -11.36
C VAL A 197 -37.30 13.25 -10.09
N LEU A 198 -36.09 12.73 -9.99
CA LEU A 198 -35.62 12.09 -8.78
C LEU A 198 -34.46 12.90 -8.20
N GLY A 199 -34.48 13.13 -6.89
CA GLY A 199 -33.45 13.95 -6.26
C GLY A 199 -32.71 13.20 -5.19
N ILE A 200 -31.40 13.38 -5.19
CA ILE A 200 -30.53 12.85 -4.13
C ILE A 200 -29.89 14.05 -3.45
N ASP A 201 -30.33 14.33 -2.23
CA ASP A 201 -29.58 15.25 -1.36
C ASP A 201 -29.80 14.75 0.06
N GLY A 202 -29.49 15.59 1.04
CA GLY A 202 -29.51 15.17 2.46
C GLY A 202 -29.14 16.29 3.38
N GLY A 203 -29.71 16.30 4.58
CA GLY A 203 -29.61 17.45 5.49
C GLY A 203 -31.00 18.02 5.81
N GLU A 204 -31.07 18.83 6.88
CA GLU A 204 -32.33 19.38 7.44
C GLU A 204 -33.27 19.98 6.40
N GLY A 205 -34.48 19.42 6.31
CA GLY A 205 -35.53 19.92 5.43
C GLY A 205 -35.09 20.12 3.99
N LYS A 206 -33.98 19.48 3.59
CA LYS A 206 -33.52 19.44 2.23
C LYS A 206 -34.54 18.71 1.40
N GLU A 207 -35.13 17.64 1.97
CA GLU A 207 -36.25 16.98 1.29
C GLU A 207 -37.40 17.94 1.05
N GLU A 208 -37.82 18.63 2.10
CA GLU A 208 -38.98 19.55 2.08
C GLU A 208 -38.89 20.53 0.90
N LEU A 209 -37.72 21.16 0.77
CA LEU A 209 -37.43 22.06 -0.33
C LEU A 209 -37.72 21.42 -1.69
N PHE A 210 -37.19 20.19 -1.85
CA PHE A 210 -37.38 19.34 -3.01
C PHE A 210 -38.84 19.09 -3.33
N ARG A 211 -39.65 18.83 -2.32
CA ARG A 211 -41.04 18.53 -2.60
C ARG A 211 -41.71 19.83 -3.07
N SER A 212 -41.41 20.92 -2.37
CA SER A 212 -42.08 22.21 -2.58
C SER A 212 -41.79 22.78 -3.97
N ILE A 213 -40.60 22.50 -4.50
CA ILE A 213 -40.23 22.94 -5.84
C ILE A 213 -40.50 21.94 -7.00
N GLY A 214 -41.30 20.90 -6.74
CA GLY A 214 -41.88 20.03 -7.79
C GLY A 214 -41.27 18.63 -8.02
N GLY A 215 -40.31 18.26 -7.19
CA GLY A 215 -39.63 16.99 -7.36
C GLY A 215 -40.49 15.82 -6.91
N GLU A 216 -40.30 14.65 -7.54
CA GLU A 216 -41.17 13.52 -7.31
C GLU A 216 -40.66 12.44 -6.33
N VAL A 217 -39.41 12.13 -6.39
CA VAL A 217 -38.90 11.09 -5.54
C VAL A 217 -37.60 11.57 -4.98
N PHE A 218 -37.46 11.45 -3.67
CA PHE A 218 -36.29 11.91 -2.99
C PHE A 218 -35.68 10.75 -2.28
N ILE A 219 -34.35 10.71 -2.38
CA ILE A 219 -33.52 9.70 -1.74
C ILE A 219 -32.48 10.43 -0.93
N ASP A 220 -32.47 10.20 0.37
CA ASP A 220 -31.69 10.97 1.29
C ASP A 220 -30.37 10.25 1.52
N PHE A 221 -29.23 10.89 1.17
CA PHE A 221 -27.93 10.18 1.22
C PHE A 221 -27.40 10.04 2.65
N THR A 222 -28.13 10.62 3.60
CA THR A 222 -27.84 10.58 5.04
C THR A 222 -28.42 9.30 5.64
N LYS A 223 -29.40 8.73 4.93
CA LYS A 223 -30.22 7.61 5.41
C LYS A 223 -30.26 6.40 4.50
N GLU A 224 -30.15 6.58 3.19
CA GLU A 224 -30.29 5.43 2.29
C GLU A 224 -28.95 4.65 2.16
N LYS A 225 -28.90 3.41 2.64
CA LYS A 225 -27.62 2.64 2.61
C LYS A 225 -27.21 2.19 1.21
N ASP A 226 -28.21 2.09 0.31
CA ASP A 226 -28.02 1.61 -1.05
C ASP A 226 -28.73 2.57 -2.01
N ILE A 227 -28.00 3.65 -2.31
CA ILE A 227 -28.44 4.71 -3.18
C ILE A 227 -28.78 4.16 -4.58
N VAL A 228 -27.85 3.39 -5.12
CA VAL A 228 -27.95 2.84 -6.49
C VAL A 228 -29.24 2.05 -6.57
N GLY A 229 -29.34 1.03 -5.69
CA GLY A 229 -30.56 0.23 -5.55
C GLY A 229 -31.85 1.03 -5.56
N ALA A 230 -31.89 2.09 -4.75
CA ALA A 230 -33.07 2.92 -4.65
C ALA A 230 -33.35 3.60 -6.01
N VAL A 231 -32.33 4.12 -6.65
CA VAL A 231 -32.57 4.76 -7.88
C VAL A 231 -33.07 3.74 -8.89
N LEU A 232 -32.33 2.66 -9.02
CA LEU A 232 -32.75 1.60 -9.94
C LEU A 232 -34.23 1.24 -9.71
N LYS A 233 -34.61 1.21 -8.44
CA LYS A 233 -35.96 0.78 -8.06
C LYS A 233 -36.94 1.90 -8.36
N ALA A 234 -36.56 3.10 -7.95
CA ALA A 234 -37.45 4.22 -8.10
C ALA A 234 -37.82 4.55 -9.56
N THR A 235 -36.91 4.22 -10.49
CA THR A 235 -37.05 4.51 -11.90
C THR A 235 -37.09 3.31 -12.78
N ASP A 236 -37.26 2.14 -12.18
CA ASP A 236 -37.51 0.95 -12.94
C ASP A 236 -36.43 0.69 -14.00
N GLY A 237 -35.17 0.71 -13.55
CA GLY A 237 -34.04 0.34 -14.40
C GLY A 237 -33.00 1.42 -14.57
N GLY A 238 -33.24 2.61 -14.02
CA GLY A 238 -32.21 3.65 -13.96
C GLY A 238 -32.58 4.99 -14.57
N ALA A 239 -31.86 6.04 -14.20
CA ALA A 239 -32.18 7.32 -14.76
C ALA A 239 -31.69 7.36 -16.18
N HIS A 240 -32.62 7.66 -17.09
CA HIS A 240 -32.24 8.03 -18.46
C HIS A 240 -31.22 9.10 -18.35
N GLY A 241 -31.38 10.06 -17.43
CA GLY A 241 -30.29 11.09 -17.21
C GLY A 241 -29.87 11.28 -15.75
N VAL A 242 -28.60 11.64 -15.55
CA VAL A 242 -28.09 12.04 -14.22
C VAL A 242 -27.32 13.32 -14.35
N ILE A 243 -27.52 14.23 -13.39
CA ILE A 243 -26.89 15.55 -13.38
C ILE A 243 -26.16 15.61 -12.07
N ASN A 244 -24.83 15.57 -12.13
CA ASN A 244 -24.00 15.48 -10.91
C ASN A 244 -23.68 16.91 -10.49
N VAL A 245 -24.45 17.40 -9.52
CA VAL A 245 -24.14 18.69 -8.91
C VAL A 245 -23.94 18.61 -7.40
N SER A 246 -23.42 17.49 -6.95
CA SER A 246 -22.89 17.39 -5.64
C SER A 246 -21.48 17.98 -5.73
N VAL A 247 -20.85 17.96 -4.59
CA VAL A 247 -19.42 18.21 -4.47
C VAL A 247 -18.89 16.97 -3.73
N SER A 248 -19.27 15.83 -4.26
CA SER A 248 -18.88 14.53 -3.74
C SER A 248 -18.40 13.67 -4.89
N GLU A 249 -17.15 13.26 -4.79
CA GLU A 249 -16.55 12.27 -5.67
C GLU A 249 -17.38 10.98 -5.53
N ALA A 250 -17.59 10.50 -4.31
CA ALA A 250 -18.51 9.39 -4.08
C ALA A 250 -19.82 9.44 -4.93
N ALA A 251 -20.66 10.46 -4.77
CA ALA A 251 -21.94 10.63 -5.48
C ALA A 251 -21.85 10.49 -7.01
N ILE A 252 -20.75 10.99 -7.51
CA ILE A 252 -20.33 10.78 -8.87
C ILE A 252 -20.04 9.29 -9.16
N GLU A 253 -19.27 8.59 -8.33
CA GLU A 253 -19.08 7.13 -8.53
C GLU A 253 -20.49 6.53 -8.72
N ALA A 254 -21.37 6.76 -7.76
CA ALA A 254 -22.67 6.16 -7.86
C ALA A 254 -23.39 6.53 -9.17
N SER A 255 -23.27 7.76 -9.62
CA SER A 255 -24.09 8.14 -10.77
C SER A 255 -23.80 7.33 -12.06
N THR A 256 -22.62 6.68 -12.09
CA THR A 256 -22.17 5.87 -13.20
C THR A 256 -22.87 4.53 -13.14
N ARG A 257 -23.47 4.24 -12.00
CA ARG A 257 -23.88 2.89 -11.67
C ARG A 257 -25.37 2.77 -11.52
N TYR A 258 -26.09 3.91 -11.43
CA TYR A 258 -27.55 3.93 -11.44
C TYR A 258 -28.14 4.60 -12.68
N VAL A 259 -27.29 5.08 -13.57
CA VAL A 259 -27.79 5.57 -14.85
C VAL A 259 -28.29 4.40 -15.75
N ARG A 260 -29.47 4.60 -16.38
CA ARG A 260 -30.06 3.62 -17.30
C ARG A 260 -29.08 3.20 -18.39
N ALA A 261 -29.11 1.95 -18.83
CA ALA A 261 -28.42 1.56 -20.07
C ALA A 261 -28.90 2.47 -21.23
N ASN A 262 -27.99 2.84 -22.12
CA ASN A 262 -28.24 3.89 -23.13
C ASN A 262 -28.42 5.29 -22.56
N GLY A 263 -28.39 5.43 -21.22
CA GLY A 263 -28.57 6.74 -20.58
C GLY A 263 -27.25 7.52 -20.58
N THR A 264 -27.29 8.72 -19.97
CA THR A 264 -26.19 9.67 -19.96
C THR A 264 -26.00 10.26 -18.59
N THR A 265 -24.78 10.23 -18.08
CA THR A 265 -24.45 10.83 -16.78
C THR A 265 -23.63 12.04 -17.11
N VAL A 266 -24.04 13.17 -16.56
CA VAL A 266 -23.39 14.42 -16.83
C VAL A 266 -22.60 14.89 -15.61
N LEU A 267 -21.43 15.39 -15.90
CA LEU A 267 -20.58 15.82 -14.85
C LEU A 267 -20.67 17.33 -14.93
N VAL A 268 -20.98 17.93 -13.79
CA VAL A 268 -21.11 19.37 -13.63
C VAL A 268 -20.29 19.85 -12.47
N GLY A 269 -20.52 19.26 -11.29
CA GLY A 269 -19.75 19.61 -10.08
C GLY A 269 -18.31 19.24 -10.29
N MET A 270 -17.39 19.87 -9.56
CA MET A 270 -15.97 19.68 -9.81
C MET A 270 -15.21 19.62 -8.48
N PRO A 271 -15.51 18.64 -7.63
CA PRO A 271 -14.80 18.52 -6.33
C PRO A 271 -13.28 18.43 -6.51
N ALA A 272 -12.57 19.10 -5.60
CA ALA A 272 -11.12 19.02 -5.45
C ALA A 272 -10.56 17.64 -5.78
N GLY A 273 -9.75 17.61 -6.82
CA GLY A 273 -8.92 16.43 -7.13
C GLY A 273 -9.69 15.30 -7.74
N ALA A 274 -10.99 15.53 -8.03
CA ALA A 274 -11.94 14.49 -8.42
C ALA A 274 -11.62 13.80 -9.76
N LYS A 275 -11.66 12.47 -9.74
CA LYS A 275 -11.71 11.64 -10.95
C LYS A 275 -13.05 10.95 -11.04
N CYS A 276 -13.55 10.78 -12.27
CA CYS A 276 -14.70 9.89 -12.49
C CYS A 276 -14.15 8.56 -13.04
N CYS A 277 -14.28 7.48 -12.24
CA CYS A 277 -13.82 6.15 -12.65
C CYS A 277 -15.03 5.29 -12.81
N SER A 278 -15.07 4.57 -13.91
CA SER A 278 -16.17 3.62 -14.21
C SER A 278 -15.53 2.38 -14.83
N ASP A 279 -16.17 1.21 -14.66
CA ASP A 279 -15.68 -0.02 -15.31
C ASP A 279 -15.93 0.07 -16.83
N VAL A 280 -14.92 -0.26 -17.61
CA VAL A 280 -15.01 -0.29 -19.07
C VAL A 280 -16.08 -1.28 -19.55
N PHE A 281 -15.98 -2.54 -19.15
CA PHE A 281 -16.98 -3.58 -19.47
C PHE A 281 -18.38 -3.02 -19.23
N ASN A 282 -18.65 -2.62 -18.00
CA ASN A 282 -20.01 -2.19 -17.66
C ASN A 282 -20.47 -1.04 -18.56
N GLN A 283 -19.62 -0.05 -18.77
CA GLN A 283 -20.03 1.09 -19.59
C GLN A 283 -20.30 0.74 -21.08
N VAL A 284 -19.49 -0.14 -21.64
CA VAL A 284 -19.67 -0.63 -23.02
C VAL A 284 -20.98 -1.42 -23.25
N VAL A 285 -21.13 -2.49 -22.49
CA VAL A 285 -22.26 -3.42 -22.46
C VAL A 285 -23.59 -2.67 -22.31
N LYS A 286 -23.55 -1.58 -21.57
CA LYS A 286 -24.73 -0.79 -21.30
C LYS A 286 -24.74 0.45 -22.19
N SER A 287 -23.72 0.66 -23.03
CA SER A 287 -23.72 1.81 -23.97
C SER A 287 -24.17 3.12 -23.24
N ILE A 288 -23.54 3.31 -22.08
CA ILE A 288 -23.70 4.49 -21.23
C ILE A 288 -22.74 5.61 -21.64
N SER A 289 -23.19 6.84 -21.57
CA SER A 289 -22.34 7.96 -21.88
C SER A 289 -22.14 8.83 -20.62
N ILE A 290 -20.92 9.31 -20.47
CA ILE A 290 -20.54 10.24 -19.39
C ILE A 290 -19.97 11.49 -20.03
N VAL A 291 -20.67 12.59 -19.80
CA VAL A 291 -20.52 13.82 -20.54
C VAL A 291 -20.21 15.00 -19.61
N GLY A 292 -19.13 15.72 -19.87
CA GLY A 292 -18.85 16.93 -19.11
C GLY A 292 -19.60 18.13 -19.70
N SER A 293 -20.20 18.95 -18.84
CA SER A 293 -20.93 20.15 -19.25
C SER A 293 -20.41 21.37 -18.48
N TYR A 294 -20.03 22.38 -19.27
CA TYR A 294 -19.37 23.59 -18.86
C TYR A 294 -20.25 24.81 -19.18
N VAL A 295 -20.81 25.36 -18.13
CA VAL A 295 -21.76 26.44 -18.08
C VAL A 295 -22.71 26.41 -19.27
N GLY A 296 -22.91 27.54 -19.94
CA GLY A 296 -23.64 27.57 -21.23
C GLY A 296 -23.21 28.74 -22.12
N ASN A 297 -23.74 28.74 -23.33
CA ASN A 297 -23.54 29.86 -24.22
C ASN A 297 -24.62 30.90 -24.11
N ARG A 298 -24.44 31.94 -24.89
CA ARG A 298 -25.48 32.96 -25.10
C ARG A 298 -26.87 32.40 -25.44
N ALA A 299 -26.96 31.40 -26.28
CA ALA A 299 -28.30 30.92 -26.61
C ALA A 299 -28.88 30.21 -25.34
N ASP A 300 -28.07 29.42 -24.66
CA ASP A 300 -28.40 28.84 -23.35
C ASP A 300 -28.84 29.88 -22.33
N THR A 301 -28.09 30.97 -22.24
CA THR A 301 -28.46 32.15 -21.44
C THR A 301 -29.84 32.71 -21.80
N ARG A 302 -30.06 33.07 -23.06
CA ARG A 302 -31.39 33.55 -23.47
C ARG A 302 -32.51 32.54 -23.14
N GLU A 303 -32.32 31.28 -23.48
CA GLU A 303 -33.33 30.26 -23.18
C GLU A 303 -33.59 30.14 -21.67
N ALA A 304 -32.50 29.92 -20.88
CA ALA A 304 -32.57 29.76 -19.42
C ALA A 304 -33.28 30.91 -18.70
N LEU A 305 -32.94 32.15 -19.01
CA LEU A 305 -33.74 33.34 -18.57
C LEU A 305 -35.23 33.39 -19.01
N ASP A 306 -35.48 32.98 -20.24
CA ASP A 306 -36.86 32.84 -20.64
C ASP A 306 -37.66 31.95 -19.68
N PHE A 307 -37.08 30.84 -19.19
CA PHE A 307 -37.81 30.01 -18.19
C PHE A 307 -38.10 30.76 -16.91
N PHE A 308 -37.18 31.61 -16.48
CA PHE A 308 -37.39 32.37 -15.25
C PHE A 308 -38.47 33.43 -15.48
N ALA A 309 -38.41 34.12 -16.61
CA ALA A 309 -39.40 35.12 -16.98
C ALA A 309 -40.81 34.53 -17.00
N ARG A 310 -40.96 33.32 -17.52
CA ARG A 310 -42.30 32.74 -17.59
C ARG A 310 -42.77 32.28 -16.20
N GLY A 311 -41.86 32.24 -15.24
CA GLY A 311 -42.18 31.94 -13.84
C GLY A 311 -42.04 30.48 -13.42
N LEU A 312 -41.31 29.69 -14.22
CA LEU A 312 -41.30 28.23 -14.10
C LEU A 312 -40.17 27.71 -13.24
N VAL A 313 -39.19 28.56 -13.01
CA VAL A 313 -38.03 28.25 -12.16
C VAL A 313 -37.71 29.48 -11.32
N LYS A 314 -37.38 29.27 -10.05
CA LYS A 314 -37.23 30.34 -9.10
C LYS A 314 -36.28 29.86 -8.03
N SER A 315 -35.08 30.44 -7.90
CA SER A 315 -34.12 29.97 -6.86
C SER A 315 -34.66 30.18 -5.44
N PRO A 316 -34.51 29.17 -4.59
CA PRO A 316 -34.85 29.41 -3.22
C PRO A 316 -33.65 30.15 -2.65
N ILE A 317 -33.75 31.48 -2.58
CA ILE A 317 -32.68 32.36 -2.11
C ILE A 317 -32.92 33.06 -0.76
N LYS A 318 -31.85 33.13 0.05
CA LYS A 318 -31.76 34.11 1.10
C LYS A 318 -30.83 35.23 0.64
N VAL A 319 -31.25 36.48 0.91
CA VAL A 319 -30.52 37.69 0.54
C VAL A 319 -29.87 38.26 1.78
N VAL A 320 -28.54 38.28 1.81
CA VAL A 320 -27.76 38.83 2.90
C VAL A 320 -26.78 39.83 2.29
N GLY A 321 -26.07 40.57 3.12
CA GLY A 321 -25.07 41.53 2.64
C GLY A 321 -23.76 40.95 2.09
N LEU A 322 -23.22 41.60 1.07
CA LEU A 322 -21.95 41.24 0.51
C LEU A 322 -20.97 41.10 1.63
N SER A 323 -20.80 42.11 2.47
CA SER A 323 -19.89 41.99 3.62
C SER A 323 -20.03 40.69 4.47
N THR A 324 -20.96 39.78 4.17
CA THR A 324 -21.19 38.49 4.92
C THR A 324 -20.73 37.26 4.15
N LEU A 325 -19.81 37.44 3.21
CA LEU A 325 -19.38 36.36 2.33
C LEU A 325 -18.53 35.27 3.06
N PRO A 326 -17.61 35.68 3.97
CA PRO A 326 -16.96 34.68 4.85
C PRO A 326 -17.93 33.73 5.58
N GLU A 327 -19.07 34.24 6.03
CA GLU A 327 -20.13 33.42 6.59
C GLU A 327 -20.84 32.47 5.58
N ILE A 328 -21.06 32.94 4.37
CA ILE A 328 -21.73 32.10 3.39
C ILE A 328 -20.81 30.96 3.06
N TYR A 329 -19.54 31.28 2.82
CA TYR A 329 -18.50 30.27 2.52
C TYR A 329 -18.36 29.19 3.62
N GLU A 330 -18.48 29.57 4.89
CA GLU A 330 -18.43 28.58 6.01
C GLU A 330 -19.67 27.66 5.97
N LYS A 331 -20.80 28.26 5.65
CA LYS A 331 -22.08 27.58 5.64
C LYS A 331 -22.06 26.55 4.49
N MET A 332 -21.54 27.03 3.37
CA MET A 332 -21.49 26.29 2.15
C MET A 332 -20.56 25.11 2.35
N GLU A 333 -19.32 25.33 2.82
CA GLU A 333 -18.40 24.18 3.06
C GLU A 333 -18.92 23.12 4.08
N LYS A 334 -19.99 23.43 4.81
CA LYS A 334 -20.69 22.43 5.61
C LYS A 334 -22.02 21.91 4.97
N GLY A 335 -22.26 22.20 3.70
CA GLY A 335 -23.51 21.78 3.04
C GLY A 335 -24.79 22.11 3.81
N GLN A 336 -24.78 23.21 4.53
CA GLN A 336 -25.95 23.66 5.23
C GLN A 336 -26.95 24.40 4.30
N ILE A 337 -26.54 24.72 3.09
CA ILE A 337 -27.28 25.66 2.26
C ILE A 337 -28.43 24.96 1.52
N VAL A 338 -29.61 25.54 1.67
CA VAL A 338 -30.81 25.03 1.06
C VAL A 338 -31.10 25.94 -0.12
N GLY A 339 -30.57 25.56 -1.27
CA GLY A 339 -30.59 26.45 -2.41
C GLY A 339 -29.46 27.46 -2.47
N ARG A 340 -29.80 28.76 -2.46
CA ARG A 340 -28.84 29.80 -2.82
C ARG A 340 -28.78 31.01 -1.88
N TYR A 341 -27.57 31.54 -1.73
CA TYR A 341 -27.38 32.82 -1.07
C TYR A 341 -27.03 33.79 -2.15
N VAL A 342 -27.67 34.97 -2.12
CA VAL A 342 -27.32 36.06 -3.04
C VAL A 342 -26.87 37.18 -2.15
N VAL A 343 -25.86 37.92 -2.59
CA VAL A 343 -25.38 39.05 -1.84
C VAL A 343 -25.85 40.37 -2.40
N ASP A 344 -26.42 41.15 -1.47
CA ASP A 344 -26.71 42.55 -1.67
C ASP A 344 -25.35 43.25 -1.51
N THR A 345 -24.96 44.01 -2.53
CA THR A 345 -23.73 44.78 -2.51
C THR A 345 -23.93 46.13 -1.84
N SER A 346 -25.15 46.45 -1.41
CA SER A 346 -25.33 47.68 -0.64
C SER A 346 -24.90 47.44 0.81
N LYS A 347 -25.01 46.21 1.31
CA LYS A 347 -24.64 45.85 2.69
C LYS A 347 -23.50 44.86 2.72
N SER B 1 -30.28 -34.69 -47.84
CA SER B 1 -30.35 -33.31 -48.42
C SER B 1 -30.00 -32.28 -47.35
N ILE B 2 -30.74 -32.31 -46.23
CA ILE B 2 -30.28 -31.70 -44.98
C ILE B 2 -29.91 -32.88 -44.08
N PRO B 3 -28.64 -32.97 -43.69
CA PRO B 3 -28.19 -34.03 -42.81
C PRO B 3 -28.97 -34.12 -41.51
N GLU B 4 -28.66 -35.18 -40.77
CA GLU B 4 -29.16 -35.36 -39.40
C GLU B 4 -28.01 -35.26 -38.39
N THR B 5 -26.85 -35.74 -38.80
CA THR B 5 -25.62 -35.66 -38.03
C THR B 5 -24.76 -34.63 -38.71
N GLN B 6 -23.90 -33.99 -37.93
CA GLN B 6 -22.99 -32.95 -38.40
C GLN B 6 -21.71 -32.91 -37.57
N LYS B 7 -20.69 -32.22 -38.05
CA LYS B 7 -19.52 -32.01 -37.22
C LYS B 7 -19.58 -30.61 -36.61
N GLY B 8 -19.12 -30.53 -35.36
CA GLY B 8 -19.07 -29.28 -34.62
C GLY B 8 -18.13 -29.33 -33.39
N VAL B 9 -17.98 -28.16 -32.74
CA VAL B 9 -16.97 -27.98 -31.69
C VAL B 9 -17.62 -27.49 -30.41
N ILE B 10 -17.64 -28.39 -29.42
CA ILE B 10 -18.58 -28.32 -28.30
C ILE B 10 -17.90 -28.76 -27.03
N PHE B 11 -18.31 -28.16 -25.91
CA PHE B 11 -17.77 -28.53 -24.58
C PHE B 11 -18.88 -28.77 -23.55
N TYR B 12 -18.51 -29.43 -22.46
CA TYR B 12 -19.46 -29.84 -21.44
C TYR B 12 -19.28 -29.19 -20.06
N GLU B 13 -18.10 -28.59 -19.83
CA GLU B 13 -17.79 -27.83 -18.62
C GLU B 13 -17.20 -26.53 -19.06
N SER B 14 -17.29 -25.54 -18.18
CA SER B 14 -16.48 -24.35 -18.30
C SER B 14 -15.01 -24.78 -18.37
N HIS B 15 -14.31 -24.40 -19.45
CA HIS B 15 -12.91 -24.83 -19.70
C HIS B 15 -12.77 -26.36 -19.86
N GLY B 16 -13.82 -27.05 -20.34
CA GLY B 16 -13.71 -28.51 -20.61
C GLY B 16 -12.93 -28.81 -21.90
N LYS B 17 -12.62 -30.09 -22.15
CA LYS B 17 -12.03 -30.49 -23.45
C LYS B 17 -12.97 -30.10 -24.60
N LEU B 18 -12.40 -29.59 -25.68
CA LEU B 18 -13.22 -29.12 -26.81
C LEU B 18 -13.38 -30.24 -27.82
N GLU B 19 -14.56 -30.83 -27.86
CA GLU B 19 -14.80 -32.01 -28.67
C GLU B 19 -15.15 -31.67 -30.13
N TYR B 20 -14.19 -31.84 -31.04
CA TYR B 20 -14.54 -31.89 -32.44
C TYR B 20 -15.20 -33.26 -32.68
N LYS B 21 -16.50 -33.33 -32.43
CA LYS B 21 -17.22 -34.59 -32.59
C LYS B 21 -18.46 -34.35 -33.43
N ASP B 22 -19.12 -35.44 -33.80
CA ASP B 22 -20.35 -35.35 -34.52
C ASP B 22 -21.41 -34.90 -33.51
N ILE B 23 -22.37 -34.14 -34.00
CA ILE B 23 -23.48 -33.68 -33.15
C ILE B 23 -24.79 -33.57 -33.95
N PRO B 24 -25.93 -33.62 -33.24
CA PRO B 24 -27.20 -33.53 -33.98
C PRO B 24 -27.26 -32.22 -34.72
N VAL B 25 -27.91 -32.22 -35.91
CA VAL B 25 -28.22 -30.97 -36.64
C VAL B 25 -29.46 -30.35 -35.99
N PRO B 26 -29.35 -29.10 -35.51
CA PRO B 26 -30.48 -28.47 -34.84
C PRO B 26 -31.62 -28.13 -35.79
N LYS B 27 -32.83 -28.14 -35.24
CA LYS B 27 -34.02 -27.90 -36.01
C LYS B 27 -34.38 -26.46 -35.71
N PRO B 28 -34.73 -25.70 -36.74
CA PRO B 28 -35.06 -24.32 -36.41
C PRO B 28 -36.49 -24.23 -35.86
N LYS B 29 -36.72 -23.39 -34.85
CA LYS B 29 -38.07 -22.99 -34.47
C LYS B 29 -38.69 -22.18 -35.59
N ALA B 30 -39.99 -21.97 -35.51
CA ALA B 30 -40.73 -21.24 -36.54
C ALA B 30 -40.17 -19.81 -36.88
N ASN B 31 -39.36 -19.27 -35.98
CA ASN B 31 -38.79 -17.92 -36.12
C ASN B 31 -37.36 -17.86 -36.65
N GLU B 32 -36.80 -19.03 -36.96
CA GLU B 32 -35.37 -19.14 -37.20
C GLU B 32 -35.07 -19.54 -38.62
N LEU B 33 -33.84 -19.15 -38.99
CA LEU B 33 -33.11 -19.75 -40.08
C LEU B 33 -32.23 -20.86 -39.54
N LEU B 34 -32.09 -21.92 -40.33
CA LEU B 34 -31.08 -22.94 -40.19
C LEU B 34 -30.00 -22.60 -41.19
N ILE B 35 -28.76 -22.52 -40.76
CA ILE B 35 -27.77 -21.98 -41.66
C ILE B 35 -26.67 -22.96 -41.74
N ASN B 36 -26.16 -23.16 -42.95
CA ASN B 36 -25.01 -23.99 -43.15
C ASN B 36 -23.83 -23.03 -43.11
N VAL B 37 -23.22 -22.92 -41.94
CA VAL B 37 -22.07 -22.03 -41.78
C VAL B 37 -20.90 -22.59 -42.56
N LYS B 38 -20.32 -21.79 -43.46
CA LYS B 38 -19.20 -22.28 -44.25
C LYS B 38 -17.85 -21.85 -43.64
N TYR B 39 -17.82 -20.64 -43.10
CA TYR B 39 -16.68 -20.13 -42.43
C TYR B 39 -17.17 -19.40 -41.15
N SER B 40 -16.43 -19.53 -40.04
CA SER B 40 -16.71 -18.71 -38.85
C SER B 40 -15.49 -18.00 -38.40
N GLY B 41 -15.69 -16.76 -37.95
CA GLY B 41 -14.62 -16.03 -37.28
C GLY B 41 -14.38 -16.61 -35.92
N VAL B 42 -13.16 -16.36 -35.41
CA VAL B 42 -12.78 -16.70 -34.07
C VAL B 42 -12.21 -15.47 -33.39
N CYS B 43 -12.90 -14.92 -32.39
CA CYS B 43 -12.24 -13.96 -31.50
C CYS B 43 -12.14 -14.42 -30.03
N HIS B 44 -11.53 -13.56 -29.20
CA HIS B 44 -11.35 -13.80 -27.78
C HIS B 44 -12.65 -13.82 -26.97
N THR B 45 -13.74 -13.27 -27.54
CA THR B 45 -14.99 -13.30 -26.80
C THR B 45 -15.35 -14.74 -26.58
N ASP B 46 -15.03 -15.58 -27.56
CA ASP B 46 -15.31 -17.04 -27.46
C ASP B 46 -14.49 -17.76 -26.40
N LEU B 47 -13.33 -17.18 -26.11
CA LEU B 47 -12.44 -17.63 -25.07
C LEU B 47 -13.07 -17.47 -23.69
N HIS B 48 -13.63 -16.30 -23.43
CA HIS B 48 -14.24 -15.98 -22.16
C HIS B 48 -15.53 -16.81 -21.94
N ALA B 49 -16.22 -17.12 -23.03
CA ALA B 49 -17.40 -17.99 -22.98
C ALA B 49 -16.94 -19.33 -22.43
N TRP B 50 -15.99 -19.94 -23.13
CA TRP B 50 -15.40 -21.23 -22.75
C TRP B 50 -14.97 -21.20 -21.30
N HIS B 51 -14.11 -20.24 -20.99
CA HIS B 51 -13.51 -20.15 -19.69
C HIS B 51 -14.55 -20.02 -18.55
N GLY B 52 -15.74 -19.52 -18.86
CA GLY B 52 -16.80 -19.34 -17.84
C GLY B 52 -16.51 -18.14 -16.95
N ASP B 53 -15.73 -17.21 -17.49
CA ASP B 53 -15.36 -15.98 -16.79
C ASP B 53 -16.60 -15.13 -16.47
N TRP B 54 -17.13 -14.42 -17.48
CA TRP B 54 -18.14 -13.35 -17.32
C TRP B 54 -19.32 -13.74 -16.39
N PRO B 55 -20.11 -12.76 -15.94
CA PRO B 55 -20.91 -13.06 -14.73
C PRO B 55 -21.99 -14.14 -14.90
N LEU B 56 -22.78 -14.09 -15.96
CA LEU B 56 -24.01 -14.89 -16.02
C LEU B 56 -23.91 -16.16 -16.91
N PRO B 57 -24.68 -17.21 -16.54
CA PRO B 57 -24.69 -18.56 -17.10
C PRO B 57 -24.55 -18.82 -18.62
N VAL B 58 -23.44 -19.45 -18.98
CA VAL B 58 -23.29 -20.14 -20.25
C VAL B 58 -24.29 -21.30 -20.36
N LYS B 59 -24.65 -21.69 -21.58
CA LYS B 59 -25.57 -22.80 -21.85
C LYS B 59 -24.84 -24.09 -22.29
N LEU B 60 -24.41 -24.89 -21.30
CA LEU B 60 -23.81 -26.17 -21.57
C LEU B 60 -24.91 -27.14 -21.88
N PRO B 61 -24.69 -28.07 -22.82
CA PRO B 61 -23.49 -28.18 -23.65
C PRO B 61 -23.52 -27.16 -24.74
N LEU B 62 -22.38 -26.55 -25.00
CA LEU B 62 -22.32 -25.39 -25.86
C LEU B 62 -21.47 -25.56 -27.08
N VAL B 63 -22.00 -25.06 -28.20
CA VAL B 63 -21.22 -24.83 -29.41
C VAL B 63 -20.93 -23.35 -29.48
N GLY B 64 -19.65 -23.03 -29.57
CA GLY B 64 -19.17 -21.66 -29.54
C GLY B 64 -19.39 -20.99 -30.87
N GLY B 65 -18.85 -19.80 -31.01
CA GLY B 65 -18.87 -19.09 -32.26
C GLY B 65 -19.92 -18.00 -32.27
N HIS B 66 -19.52 -16.83 -32.70
CA HIS B 66 -20.49 -15.79 -32.91
C HIS B 66 -20.18 -14.97 -34.16
N GLU B 67 -19.50 -15.54 -35.14
CA GLU B 67 -19.11 -14.76 -36.34
C GLU B 67 -19.39 -15.62 -37.59
N GLY B 68 -20.60 -16.12 -37.71
CA GLY B 68 -20.85 -17.20 -38.65
C GLY B 68 -21.28 -16.64 -39.98
N ALA B 69 -20.64 -17.09 -41.05
CA ALA B 69 -21.12 -16.83 -42.43
C ALA B 69 -21.67 -18.09 -43.12
N GLY B 70 -22.92 -18.10 -43.53
CA GLY B 70 -23.49 -19.28 -44.19
C GLY B 70 -24.58 -18.99 -45.19
N VAL B 71 -25.21 -20.06 -45.64
CA VAL B 71 -26.36 -20.00 -46.56
C VAL B 71 -27.56 -20.51 -45.85
N VAL B 72 -28.66 -19.80 -46.05
CA VAL B 72 -29.88 -20.30 -45.53
C VAL B 72 -30.24 -21.60 -46.26
N VAL B 73 -30.30 -22.65 -45.47
CA VAL B 73 -30.56 -24.02 -45.90
C VAL B 73 -31.97 -24.51 -45.46
N GLY B 74 -32.53 -23.86 -44.44
CA GLY B 74 -33.90 -24.09 -43.97
C GLY B 74 -34.46 -22.93 -43.15
N MET B 75 -35.78 -22.92 -42.98
CA MET B 75 -36.45 -21.91 -42.17
C MET B 75 -37.80 -22.34 -41.63
N GLY B 76 -38.16 -21.74 -40.49
CA GLY B 76 -39.45 -21.93 -39.88
C GLY B 76 -40.58 -21.30 -40.67
N GLU B 77 -41.81 -21.50 -40.20
CA GLU B 77 -42.96 -20.98 -40.90
C GLU B 77 -43.03 -19.48 -40.80
N ASN B 78 -42.69 -18.93 -39.65
CA ASN B 78 -42.84 -17.49 -39.41
C ASN B 78 -41.89 -16.60 -40.18
N VAL B 79 -40.86 -17.15 -40.79
CA VAL B 79 -39.78 -16.32 -41.31
C VAL B 79 -40.17 -15.57 -42.55
N LYS B 80 -39.68 -14.34 -42.58
CA LYS B 80 -39.96 -13.41 -43.65
C LYS B 80 -38.70 -12.67 -44.09
N GLY B 81 -38.68 -12.30 -45.36
CA GLY B 81 -37.55 -11.56 -45.93
C GLY B 81 -36.32 -12.40 -46.20
N TRP B 82 -36.50 -13.72 -46.22
CA TRP B 82 -35.37 -14.62 -46.37
C TRP B 82 -35.70 -15.72 -47.36
N LYS B 83 -34.74 -16.09 -48.18
CA LYS B 83 -34.94 -17.15 -49.11
C LYS B 83 -33.87 -18.17 -48.87
N ILE B 84 -34.21 -19.40 -49.18
CA ILE B 84 -33.23 -20.45 -49.21
C ILE B 84 -32.18 -20.04 -50.23
N GLY B 85 -30.91 -20.26 -49.92
CA GLY B 85 -29.81 -19.71 -50.76
C GLY B 85 -29.30 -18.32 -50.40
N ASP B 86 -30.04 -17.57 -49.59
CA ASP B 86 -29.54 -16.32 -49.14
C ASP B 86 -28.35 -16.56 -48.21
N TYR B 87 -27.42 -15.62 -48.22
CA TYR B 87 -26.26 -15.77 -47.45
C TYR B 87 -26.64 -15.08 -46.14
N ALA B 88 -26.32 -15.70 -45.00
CA ALA B 88 -26.67 -15.16 -43.69
C ALA B 88 -25.51 -15.11 -42.73
N GLY B 89 -25.54 -14.15 -41.81
CA GLY B 89 -24.49 -14.03 -40.78
C GLY B 89 -24.96 -14.14 -39.34
N ILE B 90 -24.24 -14.92 -38.56
CA ILE B 90 -24.58 -15.14 -37.15
C ILE B 90 -23.73 -14.25 -36.28
N LYS B 91 -24.35 -13.28 -35.62
CA LYS B 91 -23.59 -12.35 -34.79
C LYS B 91 -23.67 -12.72 -33.31
N TRP B 92 -22.96 -11.96 -32.47
CA TRP B 92 -23.06 -12.05 -31.00
C TRP B 92 -24.53 -12.03 -30.55
N LEU B 93 -25.26 -11.02 -30.97
CA LEU B 93 -26.69 -10.93 -30.69
C LEU B 93 -27.46 -11.74 -31.73
N ASN B 94 -28.05 -12.82 -31.28
CA ASN B 94 -28.65 -13.83 -32.09
C ASN B 94 -30.12 -13.46 -32.17
N GLY B 95 -30.75 -13.25 -31.02
CA GLY B 95 -32.14 -12.80 -30.96
C GLY B 95 -32.47 -12.02 -29.67
N SER B 96 -33.68 -11.43 -29.63
CA SER B 96 -34.13 -10.68 -28.43
C SER B 96 -35.65 -10.71 -28.28
N CYS B 97 -36.14 -10.28 -27.12
CA CYS B 97 -37.56 -10.33 -26.82
C CYS B 97 -38.42 -9.55 -27.87
N MET B 98 -37.90 -8.47 -28.45
CA MET B 98 -38.67 -7.61 -29.39
C MET B 98 -39.96 -7.06 -28.77
N ALA B 99 -39.91 -6.89 -27.46
CA ALA B 99 -41.08 -6.48 -26.72
C ALA B 99 -40.67 -5.73 -25.47
N CYS B 100 -39.54 -5.03 -25.55
CA CYS B 100 -39.12 -4.16 -24.45
C CYS B 100 -38.68 -2.83 -25.00
N GLU B 101 -38.68 -1.80 -24.14
CA GLU B 101 -38.02 -0.51 -24.39
C GLU B 101 -36.75 -0.64 -25.26
N TYR B 102 -35.84 -1.55 -24.86
CA TYR B 102 -34.49 -1.54 -25.45
C TYR B 102 -34.52 -2.03 -26.84
N CYS B 103 -35.27 -3.10 -27.05
CA CYS B 103 -35.43 -3.70 -28.38
C CYS B 103 -36.03 -2.75 -29.42
N GLU B 104 -36.94 -1.91 -29.00
CA GLU B 104 -37.71 -1.06 -29.86
C GLU B 104 -36.87 0.09 -30.37
N LEU B 105 -35.86 0.45 -29.57
CA LEU B 105 -34.98 1.55 -29.91
C LEU B 105 -33.76 1.06 -30.70
N GLY B 106 -33.78 -0.16 -31.25
CA GLY B 106 -32.60 -0.70 -31.93
C GLY B 106 -31.41 -0.95 -30.99
N ASN B 107 -31.66 -1.05 -29.68
CA ASN B 107 -30.62 -1.36 -28.71
C ASN B 107 -30.93 -2.72 -28.06
N GLU B 108 -31.27 -3.66 -28.92
CA GLU B 108 -31.49 -5.07 -28.59
C GLU B 108 -30.40 -5.72 -27.72
N SER B 109 -29.14 -5.38 -27.99
CA SER B 109 -28.01 -5.77 -27.14
C SER B 109 -28.36 -5.68 -25.64
N ASN B 110 -29.03 -4.60 -25.27
CA ASN B 110 -29.35 -4.31 -23.89
C ASN B 110 -30.68 -4.92 -23.44
N CYS B 111 -31.26 -5.83 -24.25
CA CYS B 111 -32.45 -6.59 -23.85
C CYS B 111 -32.22 -7.49 -22.61
N PRO B 112 -33.17 -7.52 -21.67
CA PRO B 112 -33.06 -8.46 -20.56
C PRO B 112 -33.01 -9.92 -20.96
N HIS B 113 -33.62 -10.25 -22.10
CA HIS B 113 -33.78 -11.61 -22.57
C HIS B 113 -32.99 -11.81 -23.85
N ALA B 114 -31.79 -11.28 -23.89
CA ALA B 114 -31.02 -11.29 -25.10
C ALA B 114 -30.46 -12.72 -25.32
N ASP B 115 -30.57 -13.27 -26.52
CA ASP B 115 -30.07 -14.63 -26.76
C ASP B 115 -28.78 -14.45 -27.54
N LEU B 116 -27.66 -14.93 -26.97
CA LEU B 116 -26.31 -14.64 -27.44
C LEU B 116 -25.58 -15.84 -28.11
N SER B 117 -25.26 -15.70 -29.39
CA SER B 117 -24.62 -16.77 -30.16
C SER B 117 -23.33 -17.27 -29.50
N GLY B 118 -23.13 -18.58 -29.46
CA GLY B 118 -21.94 -19.14 -28.77
C GLY B 118 -21.90 -18.88 -27.25
N TYR B 119 -23.07 -18.92 -26.60
CA TYR B 119 -23.22 -18.58 -25.18
C TYR B 119 -24.53 -19.13 -24.62
N THR B 120 -25.64 -18.47 -24.97
CA THR B 120 -26.96 -18.88 -24.52
C THR B 120 -27.62 -19.70 -25.60
N HIS B 121 -26.96 -19.78 -26.76
CA HIS B 121 -27.51 -20.37 -27.98
C HIS B 121 -26.31 -20.94 -28.70
N ASP B 122 -26.41 -22.17 -29.20
CA ASP B 122 -25.26 -22.80 -29.86
C ASP B 122 -24.90 -21.98 -31.08
N GLY B 123 -23.62 -21.58 -31.21
CA GLY B 123 -23.15 -20.66 -32.25
C GLY B 123 -22.64 -21.18 -33.59
N SER B 124 -21.66 -20.46 -34.16
CA SER B 124 -21.15 -20.74 -35.51
C SER B 124 -20.03 -21.78 -35.62
N PHE B 125 -19.62 -22.40 -34.50
CA PHE B 125 -18.59 -23.43 -34.56
C PHE B 125 -19.19 -24.81 -34.81
N GLN B 126 -19.80 -24.92 -35.98
CA GLN B 126 -20.56 -26.09 -36.40
C GLN B 126 -21.01 -25.91 -37.87
N GLN B 127 -21.34 -27.03 -38.50
CA GLN B 127 -21.69 -27.10 -39.92
C GLN B 127 -23.06 -26.44 -40.18
N TYR B 128 -23.99 -26.65 -39.24
CA TYR B 128 -25.36 -26.14 -39.26
C TYR B 128 -25.71 -25.51 -37.92
N ALA B 129 -26.23 -24.28 -37.98
CA ALA B 129 -26.62 -23.54 -36.80
C ALA B 129 -27.94 -22.83 -37.05
N THR B 130 -28.66 -22.52 -35.99
CA THR B 130 -29.94 -21.80 -36.11
C THR B 130 -29.79 -20.43 -35.52
N ALA B 131 -30.62 -19.53 -36.00
CA ALA B 131 -30.46 -18.14 -35.64
C ALA B 131 -31.77 -17.40 -35.86
N ASP B 132 -32.10 -16.49 -34.95
CA ASP B 132 -33.28 -15.73 -35.11
C ASP B 132 -33.12 -15.02 -36.45
N ALA B 133 -34.11 -15.22 -37.32
CA ALA B 133 -34.16 -14.59 -38.65
C ALA B 133 -34.10 -13.10 -38.60
N VAL B 134 -34.75 -12.52 -37.60
CA VAL B 134 -34.84 -11.05 -37.54
C VAL B 134 -33.47 -10.35 -37.38
N GLN B 135 -32.55 -10.90 -36.54
CA GLN B 135 -31.18 -10.31 -36.32
C GLN B 135 -30.08 -10.69 -37.31
N ALA B 136 -30.24 -11.85 -37.91
CA ALA B 136 -29.22 -12.42 -38.75
C ALA B 136 -28.81 -11.44 -39.81
N ALA B 137 -27.52 -11.37 -40.11
CA ALA B 137 -27.07 -10.49 -41.19
C ALA B 137 -27.50 -10.97 -42.57
N HIS B 138 -27.87 -10.04 -43.43
CA HIS B 138 -28.26 -10.35 -44.80
C HIS B 138 -26.96 -10.07 -45.59
N ILE B 139 -26.07 -11.06 -45.70
CA ILE B 139 -24.84 -10.89 -46.47
C ILE B 139 -25.21 -10.76 -47.95
N PRO B 140 -24.68 -9.74 -48.64
CA PRO B 140 -25.14 -9.62 -50.01
C PRO B 140 -24.55 -10.70 -50.89
N GLN B 141 -25.36 -11.13 -51.86
CA GLN B 141 -24.96 -12.04 -52.94
C GLN B 141 -23.66 -11.51 -53.55
N GLY B 142 -22.72 -12.41 -53.81
CA GLY B 142 -21.40 -11.98 -54.27
C GLY B 142 -20.42 -11.50 -53.17
N THR B 143 -20.68 -11.88 -51.92
CA THR B 143 -19.66 -11.65 -50.85
C THR B 143 -18.98 -12.97 -50.53
N ASP B 144 -17.65 -12.97 -50.61
CA ASP B 144 -16.83 -14.08 -50.11
C ASP B 144 -17.06 -14.27 -48.64
N LEU B 145 -17.62 -15.41 -48.26
CA LEU B 145 -18.03 -15.70 -46.88
C LEU B 145 -16.85 -15.87 -45.91
N ALA B 146 -15.66 -16.12 -46.44
CA ALA B 146 -14.45 -16.23 -45.59
C ALA B 146 -13.95 -14.84 -45.19
N GLN B 147 -13.73 -14.02 -46.21
CA GLN B 147 -13.39 -12.62 -46.03
C GLN B 147 -14.45 -11.83 -45.23
N VAL B 148 -15.73 -12.20 -45.32
CA VAL B 148 -16.73 -11.39 -44.63
C VAL B 148 -16.96 -11.75 -43.20
N ALA B 149 -16.57 -12.93 -42.79
CA ALA B 149 -16.92 -13.49 -41.47
C ALA B 149 -16.51 -12.66 -40.26
N PRO B 150 -15.28 -12.12 -40.28
CA PRO B 150 -14.80 -11.39 -39.10
C PRO B 150 -15.42 -10.03 -38.99
N ILE B 151 -15.82 -9.50 -40.16
CA ILE B 151 -16.53 -8.25 -40.21
C ILE B 151 -17.78 -8.35 -39.34
N LEU B 152 -18.33 -9.56 -39.17
CA LEU B 152 -19.60 -9.77 -38.36
C LEU B 152 -19.51 -9.49 -36.83
N CYS B 153 -18.34 -9.15 -36.35
CA CYS B 153 -18.20 -8.77 -34.95
C CYS B 153 -17.27 -7.57 -34.84
N ALA B 154 -16.03 -7.77 -35.24
CA ALA B 154 -15.07 -6.69 -35.25
C ALA B 154 -15.47 -5.56 -36.20
N GLY B 155 -15.83 -5.87 -37.41
CA GLY B 155 -16.12 -4.82 -38.35
C GLY B 155 -17.26 -3.94 -37.89
N ILE B 156 -18.34 -4.58 -37.43
CA ILE B 156 -19.55 -3.85 -37.06
C ILE B 156 -19.32 -3.09 -35.78
N THR B 157 -18.84 -3.78 -34.75
CA THR B 157 -18.35 -3.13 -33.55
C THR B 157 -17.54 -1.90 -33.87
N VAL B 158 -16.55 -2.04 -34.71
CA VAL B 158 -15.73 -0.87 -35.06
C VAL B 158 -16.50 0.20 -35.82
N TYR B 159 -17.50 -0.19 -36.61
CA TYR B 159 -18.32 0.80 -37.34
C TYR B 159 -19.21 1.57 -36.40
N LYS B 160 -19.95 0.86 -35.55
CA LYS B 160 -20.74 1.44 -34.45
C LYS B 160 -19.94 2.39 -33.54
N ALA B 161 -18.72 1.98 -33.17
CA ALA B 161 -17.84 2.83 -32.37
C ALA B 161 -17.61 4.15 -33.02
N LEU B 162 -17.20 4.15 -34.28
CA LEU B 162 -17.04 5.41 -35.05
C LEU B 162 -18.35 6.22 -35.09
N LYS B 163 -19.50 5.57 -35.16
CA LYS B 163 -20.70 6.41 -35.08
C LYS B 163 -20.86 6.95 -33.66
N SER B 164 -20.65 6.08 -32.69
CA SER B 164 -20.74 6.52 -31.29
C SER B 164 -19.81 7.75 -31.02
N ALA B 165 -18.74 7.85 -31.79
CA ALA B 165 -17.77 8.95 -31.69
C ALA B 165 -18.35 10.23 -32.20
N ASN B 166 -19.44 10.10 -32.94
CA ASN B 166 -20.18 11.23 -33.42
C ASN B 166 -19.31 12.34 -34.02
N LEU B 167 -18.70 12.05 -35.16
CA LEU B 167 -17.81 12.92 -35.92
C LEU B 167 -18.48 13.32 -37.23
N MET B 168 -17.95 14.34 -37.89
CA MET B 168 -18.37 14.70 -39.25
C MET B 168 -17.18 14.50 -40.21
N ALA B 169 -17.49 14.26 -41.46
CA ALA B 169 -16.48 14.23 -42.51
C ALA B 169 -15.48 15.34 -42.25
N GLY B 170 -14.18 15.01 -42.29
CA GLY B 170 -13.09 16.00 -42.11
C GLY B 170 -12.59 16.21 -40.69
N HIS B 171 -13.25 15.57 -39.72
CA HIS B 171 -12.81 15.64 -38.31
C HIS B 171 -11.76 14.60 -38.13
N TRP B 172 -10.81 14.87 -37.25
CA TRP B 172 -9.79 13.88 -36.94
C TRP B 172 -10.32 12.85 -36.04
N VAL B 173 -10.05 11.59 -36.34
CA VAL B 173 -10.30 10.50 -35.40
C VAL B 173 -8.95 9.84 -35.03
N ALA B 174 -8.80 9.59 -33.73
CA ALA B 174 -7.59 8.97 -33.22
C ALA B 174 -7.93 7.55 -32.85
N ILE B 175 -7.19 6.59 -33.38
CA ILE B 175 -7.47 5.19 -33.09
C ILE B 175 -6.27 4.55 -32.39
N SER B 176 -6.44 4.06 -31.15
CA SER B 176 -5.30 3.41 -30.46
C SER B 176 -5.10 2.02 -31.02
N GLY B 177 -3.87 1.54 -30.96
CA GLY B 177 -3.54 0.20 -31.47
C GLY B 177 -3.92 0.00 -32.94
N ALA B 178 -3.83 1.07 -33.72
CA ALA B 178 -4.52 1.17 -35.01
C ALA B 178 -4.16 0.17 -36.10
N ALA B 179 -3.03 -0.52 -35.97
CA ALA B 179 -2.57 -1.51 -36.96
C ALA B 179 -2.89 -2.93 -36.57
N GLY B 180 -3.29 -3.16 -35.32
CA GLY B 180 -3.65 -4.50 -34.86
C GLY B 180 -5.16 -4.72 -34.67
N GLY B 181 -5.75 -5.47 -35.60
CA GLY B 181 -6.98 -6.22 -35.36
C GLY B 181 -8.28 -5.44 -35.49
N LEU B 182 -8.73 -4.85 -34.40
CA LEU B 182 -9.88 -3.98 -34.52
C LEU B 182 -9.43 -2.68 -35.13
N GLY B 183 -8.16 -2.37 -34.96
CA GLY B 183 -7.57 -1.12 -35.41
C GLY B 183 -7.56 -0.93 -36.92
N SER B 184 -7.05 -1.93 -37.62
CA SER B 184 -6.99 -1.89 -39.07
C SER B 184 -8.38 -1.62 -39.62
N LEU B 185 -9.36 -2.37 -39.15
CA LEU B 185 -10.70 -2.23 -39.57
C LEU B 185 -11.21 -0.84 -39.24
N ALA B 186 -10.99 -0.40 -38.02
CA ALA B 186 -11.40 0.92 -37.60
C ALA B 186 -10.93 1.93 -38.60
N VAL B 187 -9.63 1.82 -38.92
CA VAL B 187 -8.96 2.83 -39.72
C VAL B 187 -9.66 2.95 -41.05
N GLN B 188 -10.09 1.81 -41.56
CA GLN B 188 -10.62 1.73 -42.92
C GLN B 188 -12.05 2.24 -42.99
N TYR B 189 -12.85 1.92 -41.98
CA TYR B 189 -14.16 2.51 -41.91
C TYR B 189 -14.01 4.04 -41.77
N ALA B 190 -13.12 4.47 -40.88
CA ALA B 190 -13.03 5.89 -40.58
C ALA B 190 -12.80 6.65 -41.83
N LYS B 191 -11.82 6.15 -42.59
CA LYS B 191 -11.40 6.72 -43.87
C LYS B 191 -12.54 6.74 -44.86
N ALA B 192 -13.25 5.62 -44.93
CA ALA B 192 -14.33 5.49 -45.88
C ALA B 192 -15.49 6.41 -45.46
N MET B 193 -15.50 6.85 -44.19
CA MET B 193 -16.53 7.77 -43.69
C MET B 193 -16.18 9.26 -43.78
N GLY B 194 -15.04 9.59 -44.38
CA GLY B 194 -14.60 10.99 -44.51
C GLY B 194 -13.71 11.57 -43.38
N TYR B 195 -13.36 10.75 -42.36
CA TYR B 195 -12.54 11.15 -41.22
C TYR B 195 -11.08 11.18 -41.53
N ARG B 196 -10.38 12.10 -40.91
CA ARG B 196 -8.95 12.08 -40.99
C ARG B 196 -8.45 11.23 -39.85
N VAL B 197 -7.54 10.33 -40.18
CA VAL B 197 -7.18 9.24 -39.31
C VAL B 197 -5.78 9.40 -38.74
N LEU B 198 -5.72 9.46 -37.42
CA LEU B 198 -4.47 9.36 -36.70
C LEU B 198 -4.43 7.97 -36.08
N GLY B 199 -3.32 7.32 -36.24
CA GLY B 199 -3.16 6.02 -35.62
C GLY B 199 -2.13 6.05 -34.51
N ILE B 200 -2.43 5.38 -33.40
CA ILE B 200 -1.38 5.11 -32.45
C ILE B 200 -1.16 3.62 -32.39
N ASP B 201 0.04 3.18 -32.75
CA ASP B 201 0.53 1.81 -32.42
C ASP B 201 2.07 1.79 -32.33
N GLY B 202 2.62 0.62 -32.07
CA GLY B 202 4.06 0.44 -32.01
C GLY B 202 4.48 -0.95 -32.44
N GLY B 203 5.50 -1.01 -33.29
CA GLY B 203 6.26 -2.26 -33.47
C GLY B 203 6.52 -2.48 -34.92
N GLU B 204 7.30 -3.54 -35.16
CA GLU B 204 7.72 -4.00 -36.48
C GLU B 204 6.76 -3.66 -37.65
N GLY B 205 7.11 -2.59 -38.39
CA GLY B 205 6.43 -2.19 -39.65
C GLY B 205 4.94 -1.84 -39.62
N LYS B 206 4.40 -1.58 -38.43
CA LYS B 206 2.98 -1.26 -38.31
C LYS B 206 2.63 0.10 -38.93
N GLU B 207 3.60 1.01 -38.98
CA GLU B 207 3.40 2.29 -39.63
C GLU B 207 3.09 2.12 -41.13
N GLU B 208 3.86 1.25 -41.77
CA GLU B 208 3.71 0.96 -43.20
C GLU B 208 2.33 0.47 -43.50
N LEU B 209 1.95 -0.60 -42.82
CA LEU B 209 0.62 -1.17 -42.89
C LEU B 209 -0.47 -0.08 -42.76
N PHE B 210 -0.37 0.69 -41.68
CA PHE B 210 -1.30 1.74 -41.38
C PHE B 210 -1.49 2.72 -42.53
N ARG B 211 -0.39 3.09 -43.20
CA ARG B 211 -0.43 4.00 -44.36
C ARG B 211 -1.15 3.31 -45.52
N SER B 212 -0.78 2.05 -45.74
CA SER B 212 -1.29 1.26 -46.84
C SER B 212 -2.81 1.11 -46.79
N ILE B 213 -3.42 1.39 -45.64
CA ILE B 213 -4.88 1.19 -45.46
C ILE B 213 -5.67 2.49 -45.30
N GLY B 214 -5.02 3.64 -45.53
CA GLY B 214 -5.66 4.96 -45.40
C GLY B 214 -5.18 5.87 -44.26
N GLY B 215 -4.40 5.36 -43.33
CA GLY B 215 -4.00 6.18 -42.20
C GLY B 215 -3.24 7.43 -42.63
N GLU B 216 -3.64 8.59 -42.06
CA GLU B 216 -3.00 9.88 -42.35
C GLU B 216 -1.78 10.19 -41.47
N VAL B 217 -1.93 10.21 -40.14
CA VAL B 217 -0.81 10.42 -39.24
C VAL B 217 -0.63 9.19 -38.36
N PHE B 218 0.63 8.82 -38.13
CA PHE B 218 0.97 7.70 -37.28
C PHE B 218 1.88 8.17 -36.13
N ILE B 219 1.48 7.81 -34.91
CA ILE B 219 2.14 8.19 -33.68
C ILE B 219 2.67 6.94 -33.08
N ASP B 220 3.97 6.88 -32.91
CA ASP B 220 4.61 5.60 -32.62
C ASP B 220 4.92 5.42 -31.11
N PHE B 221 4.18 4.57 -30.39
CA PHE B 221 4.40 4.47 -28.93
C PHE B 221 5.78 4.01 -28.46
N THR B 222 6.54 3.41 -29.36
CA THR B 222 7.93 3.03 -29.13
C THR B 222 8.89 4.20 -29.08
N LYS B 223 8.63 5.17 -29.96
CA LYS B 223 9.63 6.23 -30.27
C LYS B 223 9.20 7.60 -29.84
N GLU B 224 7.99 7.70 -29.31
CA GLU B 224 7.41 8.96 -28.84
C GLU B 224 6.94 8.63 -27.43
N LYS B 225 6.90 9.65 -26.60
CA LYS B 225 6.56 9.45 -25.21
C LYS B 225 5.63 10.54 -24.68
N ASP B 226 5.59 11.71 -25.30
CA ASP B 226 4.46 12.57 -25.03
C ASP B 226 3.49 12.28 -26.15
N ILE B 227 2.80 11.15 -26.04
CA ILE B 227 1.65 10.84 -26.92
C ILE B 227 0.66 12.02 -26.98
N VAL B 228 0.15 12.44 -25.83
CA VAL B 228 -0.84 13.49 -25.79
C VAL B 228 -0.33 14.70 -26.58
N GLY B 229 0.88 15.12 -26.26
CA GLY B 229 1.47 16.30 -26.90
C GLY B 229 1.51 16.21 -28.42
N ALA B 230 1.75 15.01 -28.92
CA ALA B 230 1.98 14.77 -30.35
C ALA B 230 0.66 14.62 -31.08
N VAL B 231 -0.33 14.07 -30.38
CA VAL B 231 -1.68 13.98 -30.91
C VAL B 231 -2.28 15.37 -31.01
N LEU B 232 -2.15 16.13 -29.94
CA LEU B 232 -2.53 17.53 -29.92
C LEU B 232 -1.88 18.33 -31.05
N LYS B 233 -0.56 18.20 -31.20
CA LYS B 233 0.20 18.97 -32.18
C LYS B 233 -0.32 18.65 -33.53
N ALA B 234 -0.40 17.36 -33.83
CA ALA B 234 -0.75 16.92 -35.18
C ALA B 234 -2.18 17.29 -35.57
N THR B 235 -3.11 17.14 -34.62
CA THR B 235 -4.51 17.50 -34.86
C THR B 235 -4.83 18.98 -34.54
N ASP B 236 -3.82 19.79 -34.33
CA ASP B 236 -4.05 21.20 -34.01
C ASP B 236 -5.10 21.44 -32.93
N GLY B 237 -4.93 20.82 -31.76
CA GLY B 237 -5.85 21.01 -30.61
C GLY B 237 -6.55 19.75 -30.04
N GLY B 238 -6.34 18.60 -30.62
CA GLY B 238 -6.90 17.35 -30.08
C GLY B 238 -7.74 16.63 -31.14
N ALA B 239 -8.15 15.39 -30.87
CA ALA B 239 -8.87 14.55 -31.84
C ALA B 239 -10.31 14.63 -31.51
N HIS B 240 -11.12 14.96 -32.54
CA HIS B 240 -12.54 15.19 -32.34
C HIS B 240 -13.07 13.91 -31.83
N GLY B 241 -12.66 12.79 -32.41
CA GLY B 241 -13.06 11.42 -31.92
C GLY B 241 -11.84 10.57 -31.51
N VAL B 242 -12.03 9.68 -30.54
CA VAL B 242 -11.06 8.60 -30.20
C VAL B 242 -11.77 7.27 -30.12
N ILE B 243 -11.22 6.25 -30.75
CA ILE B 243 -11.60 4.87 -30.57
C ILE B 243 -10.47 4.18 -29.80
N ASN B 244 -10.81 3.60 -28.65
CA ASN B 244 -9.86 2.98 -27.75
C ASN B 244 -9.87 1.48 -27.88
N VAL B 245 -9.12 0.98 -28.85
CA VAL B 245 -8.93 -0.46 -29.09
C VAL B 245 -8.08 -1.03 -27.94
N SER B 246 -6.90 -0.44 -27.75
CA SER B 246 -6.01 -0.79 -26.65
C SER B 246 -6.60 -0.22 -25.37
N VAL B 247 -6.58 -1.06 -24.33
CA VAL B 247 -7.41 -0.85 -23.16
C VAL B 247 -6.61 -0.68 -21.86
N SER B 248 -5.28 -0.53 -21.96
CA SER B 248 -4.52 -0.12 -20.79
C SER B 248 -5.21 1.10 -20.15
N GLU B 249 -5.19 1.15 -18.82
CA GLU B 249 -5.76 2.30 -18.12
C GLU B 249 -5.19 3.58 -18.67
N ALA B 250 -3.86 3.55 -18.84
CA ALA B 250 -3.08 4.70 -19.32
C ALA B 250 -3.49 5.17 -20.76
N ALA B 251 -3.82 4.23 -21.64
CA ALA B 251 -4.16 4.54 -23.06
C ALA B 251 -5.46 5.25 -23.11
N ILE B 252 -6.45 4.69 -22.40
CA ILE B 252 -7.75 5.35 -22.20
C ILE B 252 -7.58 6.70 -21.52
N GLU B 253 -6.88 6.71 -20.39
CA GLU B 253 -6.78 7.92 -19.63
C GLU B 253 -6.26 9.02 -20.53
N ALA B 254 -5.31 8.68 -21.39
CA ALA B 254 -4.65 9.68 -22.22
C ALA B 254 -5.67 10.23 -23.19
N SER B 255 -6.57 9.37 -23.64
CA SER B 255 -7.59 9.77 -24.59
C SER B 255 -8.34 10.99 -24.05
N THR B 256 -8.64 10.98 -22.74
CA THR B 256 -9.40 12.10 -22.16
C THR B 256 -8.60 13.37 -22.26
N ARG B 257 -7.34 13.24 -22.67
CA ARG B 257 -6.42 14.37 -22.63
C ARG B 257 -5.92 14.75 -24.02
N TYR B 258 -6.04 13.88 -25.00
CA TYR B 258 -5.74 14.29 -26.37
C TYR B 258 -7.01 14.46 -27.20
N VAL B 259 -8.16 14.19 -26.59
CA VAL B 259 -9.43 14.39 -27.26
C VAL B 259 -9.68 15.89 -27.24
N ARG B 260 -10.18 16.42 -28.35
CA ARG B 260 -10.50 17.84 -28.52
C ARG B 260 -11.59 18.27 -27.56
N ALA B 261 -11.65 19.55 -27.28
CA ALA B 261 -12.83 20.10 -26.62
C ALA B 261 -14.13 19.73 -27.37
N ASN B 262 -15.22 19.49 -26.62
CA ASN B 262 -16.49 18.95 -27.19
C ASN B 262 -16.35 17.63 -27.91
N GLY B 263 -15.20 17.00 -27.86
CA GLY B 263 -15.04 15.72 -28.58
C GLY B 263 -15.56 14.55 -27.77
N THR B 264 -15.43 13.36 -28.35
CA THR B 264 -15.92 12.11 -27.78
C THR B 264 -14.86 11.04 -27.74
N THR B 265 -14.62 10.38 -26.60
CA THR B 265 -13.64 9.30 -26.61
C THR B 265 -14.45 8.05 -26.39
N VAL B 266 -14.22 7.05 -27.23
CA VAL B 266 -15.10 5.87 -27.27
C VAL B 266 -14.40 4.65 -26.68
N LEU B 267 -15.12 4.00 -25.76
CA LEU B 267 -14.73 2.71 -25.20
C LEU B 267 -15.37 1.56 -25.97
N VAL B 268 -14.55 0.58 -26.36
CA VAL B 268 -15.04 -0.52 -27.18
C VAL B 268 -15.07 -1.91 -26.55
N GLY B 269 -13.96 -2.59 -26.42
CA GLY B 269 -14.04 -4.04 -26.27
C GLY B 269 -14.82 -4.55 -25.05
N MET B 270 -14.63 -5.83 -24.75
CA MET B 270 -15.19 -6.44 -23.52
C MET B 270 -14.04 -6.79 -22.55
N PRO B 271 -13.24 -5.78 -22.12
CA PRO B 271 -12.09 -6.10 -21.26
C PRO B 271 -12.55 -6.38 -19.82
N ALA B 272 -12.05 -7.46 -19.24
CA ALA B 272 -12.67 -7.97 -18.03
C ALA B 272 -12.07 -7.37 -16.75
N GLY B 273 -11.41 -6.22 -16.85
CA GLY B 273 -10.86 -5.60 -15.65
C GLY B 273 -10.62 -4.11 -15.70
N ALA B 274 -10.61 -3.55 -16.92
CA ALA B 274 -10.21 -2.16 -17.18
C ALA B 274 -11.13 -1.10 -16.55
N LYS B 275 -10.54 0.02 -16.10
CA LYS B 275 -11.24 1.18 -15.56
C LYS B 275 -10.92 2.40 -16.42
N CYS B 276 -11.92 3.27 -16.56
CA CYS B 276 -11.70 4.52 -17.27
C CYS B 276 -11.73 5.58 -16.21
N CYS B 277 -10.59 6.22 -15.94
CA CYS B 277 -10.54 7.34 -14.95
C CYS B 277 -10.23 8.65 -15.66
N SER B 278 -11.26 9.51 -15.70
CA SER B 278 -11.19 10.84 -16.25
C SER B 278 -11.11 11.86 -15.11
N ASP B 279 -10.16 12.78 -15.17
CA ASP B 279 -10.16 13.96 -14.30
C ASP B 279 -11.47 14.81 -14.50
N VAL B 280 -12.29 14.89 -13.45
CA VAL B 280 -13.56 15.62 -13.55
C VAL B 280 -13.34 17.03 -14.02
N PHE B 281 -12.41 17.76 -13.42
CA PHE B 281 -12.06 19.10 -13.89
C PHE B 281 -11.94 19.14 -15.42
N ASN B 282 -11.01 18.34 -15.96
CA ASN B 282 -10.60 18.43 -17.35
C ASN B 282 -11.74 17.98 -18.23
N GLN B 283 -12.53 17.04 -17.73
CA GLN B 283 -13.62 16.51 -18.53
C GLN B 283 -14.74 17.53 -18.62
N VAL B 284 -14.96 18.24 -17.51
CA VAL B 284 -15.94 19.33 -17.48
C VAL B 284 -15.44 20.58 -18.25
N VAL B 285 -14.17 20.92 -18.13
CA VAL B 285 -13.72 22.17 -18.71
C VAL B 285 -13.60 22.10 -20.26
N LYS B 286 -13.23 20.92 -20.76
CA LYS B 286 -13.23 20.64 -22.18
C LYS B 286 -14.53 19.95 -22.70
N SER B 287 -15.57 19.82 -21.90
CA SER B 287 -16.89 19.35 -22.41
C SER B 287 -16.75 18.02 -23.18
N ILE B 288 -16.03 17.09 -22.54
CA ILE B 288 -15.66 15.84 -23.17
C ILE B 288 -16.72 14.80 -22.82
N SER B 289 -16.99 13.92 -23.77
CA SER B 289 -17.90 12.78 -23.55
C SER B 289 -17.15 11.45 -23.69
N ILE B 290 -17.52 10.50 -22.85
CA ILE B 290 -16.90 9.18 -22.80
C ILE B 290 -18.06 8.27 -22.99
N VAL B 291 -18.16 7.73 -24.20
CA VAL B 291 -19.29 6.96 -24.65
C VAL B 291 -18.89 5.50 -24.78
N GLY B 292 -19.61 4.63 -24.09
CA GLY B 292 -19.36 3.17 -24.21
C GLY B 292 -20.12 2.69 -25.42
N SER B 293 -19.48 1.95 -26.30
CA SER B 293 -20.12 1.51 -27.53
C SER B 293 -19.94 -0.02 -27.65
N TYR B 294 -21.05 -0.71 -27.89
CA TYR B 294 -21.17 -2.17 -27.81
C TYR B 294 -21.34 -2.67 -29.23
N VAL B 295 -22.11 -3.73 -29.40
CA VAL B 295 -22.24 -4.35 -30.70
C VAL B 295 -23.32 -3.64 -31.47
N GLY B 296 -23.15 -3.56 -32.78
CA GLY B 296 -24.16 -2.96 -33.66
C GLY B 296 -25.51 -3.66 -33.80
N ASN B 297 -26.52 -2.85 -34.06
CA ASN B 297 -27.87 -3.36 -34.22
C ASN B 297 -28.03 -3.71 -35.70
N ARG B 298 -29.25 -3.97 -36.16
CA ARG B 298 -29.42 -4.49 -37.49
C ARG B 298 -29.10 -3.49 -38.56
N ALA B 299 -29.42 -2.23 -38.31
CA ALA B 299 -29.03 -1.13 -39.21
C ALA B 299 -27.51 -0.92 -39.18
N ASP B 300 -26.86 -1.00 -38.02
CA ASP B 300 -25.39 -0.84 -37.97
C ASP B 300 -24.82 -1.88 -38.88
N THR B 301 -25.37 -3.07 -38.82
CA THR B 301 -24.82 -4.21 -39.54
C THR B 301 -24.93 -4.10 -41.07
N ARG B 302 -26.15 -3.88 -41.54
CA ARG B 302 -26.40 -3.62 -42.97
C ARG B 302 -25.51 -2.54 -43.50
N GLU B 303 -25.30 -1.47 -42.74
CA GLU B 303 -24.37 -0.41 -43.14
C GLU B 303 -22.90 -0.85 -43.15
N ALA B 304 -22.47 -1.56 -42.12
CA ALA B 304 -21.08 -2.05 -42.04
C ALA B 304 -20.81 -3.00 -43.15
N LEU B 305 -21.81 -3.78 -43.56
CA LEU B 305 -21.60 -4.74 -44.65
C LEU B 305 -21.55 -4.03 -45.98
N ASP B 306 -22.38 -3.00 -46.15
CA ASP B 306 -22.35 -2.29 -47.39
C ASP B 306 -20.94 -1.70 -47.68
N PHE B 307 -20.20 -1.17 -46.71
CA PHE B 307 -18.82 -0.67 -47.01
C PHE B 307 -17.87 -1.79 -47.48
N PHE B 308 -18.03 -2.97 -46.88
CA PHE B 308 -17.23 -4.11 -47.23
C PHE B 308 -17.63 -4.63 -48.64
N ALA B 309 -18.92 -4.61 -48.92
CA ALA B 309 -19.42 -4.89 -50.25
C ALA B 309 -18.71 -4.04 -51.26
N ARG B 310 -18.55 -2.73 -50.95
CA ARG B 310 -17.97 -1.74 -51.89
C ARG B 310 -16.44 -1.83 -52.08
N GLY B 311 -15.81 -2.75 -51.35
CA GLY B 311 -14.39 -3.05 -51.49
C GLY B 311 -13.56 -2.14 -50.63
N LEU B 312 -14.20 -1.39 -49.72
CA LEU B 312 -13.53 -0.31 -48.94
C LEU B 312 -12.92 -0.75 -47.62
N VAL B 313 -13.33 -1.91 -47.14
CA VAL B 313 -12.80 -2.46 -45.91
C VAL B 313 -12.36 -3.89 -46.07
N LYS B 314 -11.07 -4.15 -45.99
CA LYS B 314 -10.58 -5.51 -46.03
C LYS B 314 -9.88 -5.88 -44.72
N SER B 315 -9.98 -7.15 -44.34
CA SER B 315 -9.24 -7.72 -43.21
C SER B 315 -8.28 -8.76 -43.74
N PRO B 316 -7.02 -8.69 -43.33
CA PRO B 316 -6.26 -9.89 -43.68
C PRO B 316 -6.85 -11.04 -42.85
N ILE B 317 -7.18 -12.15 -43.51
CA ILE B 317 -7.63 -13.35 -42.81
C ILE B 317 -6.67 -14.53 -43.02
N LYS B 318 -6.75 -15.49 -42.10
CA LYS B 318 -6.02 -16.75 -42.18
C LYS B 318 -7.01 -17.91 -41.88
N VAL B 319 -7.22 -18.76 -42.89
CA VAL B 319 -8.28 -19.78 -42.93
C VAL B 319 -7.73 -21.13 -42.52
N VAL B 320 -8.20 -21.69 -41.43
CA VAL B 320 -7.75 -23.02 -41.02
C VAL B 320 -8.99 -23.78 -40.70
N GLY B 321 -8.85 -25.07 -40.48
CA GLY B 321 -9.99 -25.95 -40.34
C GLY B 321 -10.71 -25.75 -39.04
N LEU B 322 -12.02 -25.91 -39.08
CA LEU B 322 -12.79 -26.06 -37.87
C LEU B 322 -12.24 -27.19 -36.97
N SER B 323 -11.91 -28.35 -37.54
CA SER B 323 -11.28 -29.43 -36.75
C SER B 323 -10.07 -28.94 -35.93
N THR B 324 -9.35 -27.98 -36.49
CA THR B 324 -8.19 -27.38 -35.87
C THR B 324 -8.54 -26.44 -34.69
N LEU B 325 -9.83 -26.20 -34.42
CA LEU B 325 -10.23 -25.11 -33.50
C LEU B 325 -9.58 -25.04 -32.07
N PRO B 326 -9.75 -26.08 -31.24
CA PRO B 326 -9.13 -26.11 -29.91
C PRO B 326 -7.69 -25.62 -29.88
N GLU B 327 -6.91 -25.98 -30.90
CA GLU B 327 -5.54 -25.48 -31.01
C GLU B 327 -5.60 -23.95 -30.91
N ILE B 328 -6.46 -23.33 -31.68
CA ILE B 328 -6.52 -21.89 -31.69
C ILE B 328 -7.07 -21.27 -30.36
N TYR B 329 -8.07 -21.87 -29.73
CA TYR B 329 -8.48 -21.47 -28.37
C TYR B 329 -7.26 -21.51 -27.45
N GLU B 330 -6.51 -22.60 -27.58
CA GLU B 330 -5.35 -22.85 -26.75
C GLU B 330 -4.27 -21.78 -26.92
N LYS B 331 -4.11 -21.30 -28.16
CA LYS B 331 -3.11 -20.27 -28.45
C LYS B 331 -3.59 -18.90 -27.90
N MET B 332 -4.89 -18.63 -28.03
CA MET B 332 -5.55 -17.47 -27.41
C MET B 332 -5.43 -17.45 -25.89
N GLU B 333 -5.55 -18.60 -25.21
CA GLU B 333 -5.45 -18.55 -23.73
C GLU B 333 -4.05 -18.13 -23.23
N LYS B 334 -2.99 -18.38 -24.00
CA LYS B 334 -1.81 -17.50 -23.91
C LYS B 334 -2.04 -16.32 -24.89
N GLY B 335 -1.10 -16.03 -25.77
CA GLY B 335 -1.25 -14.93 -26.70
C GLY B 335 -0.40 -15.19 -27.93
N GLN B 336 -0.42 -16.43 -28.39
CA GLN B 336 0.35 -16.84 -29.56
C GLN B 336 -0.42 -16.65 -30.88
N ILE B 337 -1.53 -15.89 -30.85
CA ILE B 337 -2.31 -15.58 -32.07
C ILE B 337 -1.74 -14.43 -32.88
N VAL B 338 -1.04 -14.77 -33.97
CA VAL B 338 -0.58 -13.79 -34.94
C VAL B 338 -1.73 -13.58 -35.95
N GLY B 339 -2.57 -12.57 -35.69
CA GLY B 339 -3.56 -12.08 -36.68
C GLY B 339 -5.04 -12.40 -36.45
N ARG B 340 -5.78 -12.53 -37.56
CA ARG B 340 -7.25 -12.74 -37.55
C ARG B 340 -7.64 -14.04 -38.25
N TYR B 341 -8.10 -15.03 -37.46
CA TYR B 341 -8.30 -16.42 -37.90
C TYR B 341 -9.78 -16.77 -38.21
N VAL B 342 -10.01 -17.37 -39.38
CA VAL B 342 -11.36 -17.77 -39.82
C VAL B 342 -11.42 -19.30 -40.00
N VAL B 343 -12.39 -19.96 -39.39
CA VAL B 343 -12.48 -21.42 -39.48
C VAL B 343 -13.35 -21.88 -40.64
N ASP B 344 -12.82 -22.89 -41.35
CA ASP B 344 -13.51 -23.58 -42.44
C ASP B 344 -14.20 -24.81 -41.87
N THR B 345 -15.53 -24.78 -41.92
CA THR B 345 -16.38 -25.77 -41.29
C THR B 345 -16.44 -27.08 -42.04
N SER B 346 -15.77 -27.18 -43.20
CA SER B 346 -15.71 -28.44 -43.97
C SER B 346 -14.42 -29.25 -43.65
N LYS B 347 -13.35 -28.55 -43.30
CA LYS B 347 -12.04 -29.13 -42.97
C LYS B 347 -11.74 -29.03 -41.47
N SER C 1 17.91 41.07 31.75
CA SER C 1 18.74 40.12 30.96
C SER C 1 19.35 39.07 31.90
N ILE C 2 20.47 38.45 31.52
CA ILE C 2 20.89 37.16 32.14
C ILE C 2 21.89 37.31 33.32
N PRO C 3 21.55 36.74 34.47
CA PRO C 3 22.44 36.76 35.61
C PRO C 3 23.82 36.21 35.35
N GLU C 4 24.81 36.72 36.06
CA GLU C 4 26.19 36.21 35.96
C GLU C 4 26.58 35.19 37.05
N THR C 5 25.80 35.11 38.13
CA THR C 5 25.99 34.12 39.21
C THR C 5 24.65 33.50 39.54
N GLN C 6 24.65 32.21 39.91
CA GLN C 6 23.42 31.43 40.06
C GLN C 6 23.69 30.40 41.11
N LYS C 7 22.66 29.68 41.46
CA LYS C 7 22.76 28.59 42.41
C LYS C 7 22.72 27.23 41.70
N GLY C 8 23.59 26.35 42.16
CA GLY C 8 23.62 24.99 41.66
C GLY C 8 24.21 24.08 42.69
N VAL C 9 24.08 22.79 42.45
CA VAL C 9 24.68 21.81 43.31
C VAL C 9 25.88 21.19 42.62
N ILE C 10 27.06 21.33 43.23
CA ILE C 10 28.30 20.92 42.60
C ILE C 10 29.17 20.11 43.54
N PHE C 11 29.89 19.16 42.98
CA PHE C 11 30.89 18.45 43.74
C PHE C 11 32.21 18.46 43.00
N TYR C 12 33.27 18.25 43.80
CA TYR C 12 34.67 18.47 43.41
C TYR C 12 35.45 17.19 43.35
N GLU C 13 34.83 16.10 43.85
CA GLU C 13 35.38 14.75 43.81
C GLU C 13 34.25 13.74 43.97
N SER C 14 34.49 12.56 43.42
CA SER C 14 33.65 11.37 43.73
C SER C 14 33.27 11.30 45.22
N HIS C 15 31.96 11.11 45.44
CA HIS C 15 31.43 10.88 46.80
C HIS C 15 31.64 12.06 47.72
N GLY C 16 32.15 13.16 47.20
CA GLY C 16 32.56 14.29 48.02
C GLY C 16 31.41 15.21 48.31
N LYS C 17 31.71 16.29 48.98
CA LYS C 17 30.65 17.11 49.53
C LYS C 17 29.94 17.79 48.36
N LEU C 18 28.62 17.68 48.38
CA LEU C 18 27.72 18.30 47.39
C LEU C 18 27.36 19.74 47.81
N GLU C 19 27.91 20.71 47.09
CA GLU C 19 27.79 22.09 47.49
C GLU C 19 26.65 22.75 46.75
N TYR C 20 25.63 23.12 47.51
CA TYR C 20 24.62 24.08 47.07
C TYR C 20 25.17 25.46 47.30
N LYS C 21 25.46 26.20 46.25
CA LYS C 21 26.10 27.50 46.41
C LYS C 21 26.10 28.33 45.13
N ASP C 22 26.58 29.56 45.21
CA ASP C 22 26.67 30.42 44.04
C ASP C 22 27.80 29.93 43.11
N ILE C 23 27.47 29.80 41.84
CA ILE C 23 28.41 29.47 40.76
C ILE C 23 28.19 30.37 39.53
N PRO C 24 29.12 30.33 38.56
CA PRO C 24 28.92 31.20 37.42
C PRO C 24 27.83 30.65 36.58
N VAL C 25 27.16 31.52 35.83
CA VAL C 25 26.18 31.08 34.87
C VAL C 25 27.01 30.81 33.62
N PRO C 26 26.79 29.67 32.98
CA PRO C 26 27.56 29.29 31.80
C PRO C 26 27.20 30.06 30.56
N LYS C 27 28.17 30.15 29.65
CA LYS C 27 27.97 30.76 28.35
C LYS C 27 27.72 29.72 27.25
N PRO C 28 26.64 29.91 26.48
CA PRO C 28 26.32 28.99 25.43
C PRO C 28 27.32 29.13 24.31
N LYS C 29 27.83 28.02 23.80
CA LYS C 29 28.70 28.11 22.63
C LYS C 29 27.84 28.31 21.38
N ALA C 30 28.46 28.34 20.21
CA ALA C 30 27.75 28.73 19.03
C ALA C 30 26.51 27.88 18.72
N ASN C 31 26.50 26.64 19.22
CA ASN C 31 25.50 25.64 18.81
C ASN C 31 24.52 25.35 19.95
N GLU C 32 24.62 26.10 21.02
CA GLU C 32 23.92 25.75 22.21
C GLU C 32 22.86 26.73 22.62
N LEU C 33 21.94 26.20 23.42
CA LEU C 33 20.96 26.99 24.09
C LEU C 33 21.53 27.23 25.49
N LEU C 34 21.10 28.33 26.11
CA LEU C 34 21.16 28.58 27.53
C LEU C 34 19.73 28.39 27.98
N ILE C 35 19.55 27.58 29.00
CA ILE C 35 18.23 27.16 29.42
C ILE C 35 18.16 27.47 30.89
N ASN C 36 17.01 27.99 31.31
CA ASN C 36 16.82 28.35 32.68
C ASN C 36 16.06 27.19 33.21
N VAL C 37 16.75 26.20 33.76
CA VAL C 37 16.08 25.04 34.29
C VAL C 37 15.14 25.46 35.42
N LYS C 38 13.89 25.01 35.36
CA LYS C 38 12.92 25.28 36.42
C LYS C 38 12.76 24.04 37.31
N TYR C 39 12.70 22.88 36.67
CA TYR C 39 12.77 21.62 37.43
C TYR C 39 13.77 20.68 36.83
N SER C 40 14.35 19.84 37.71
CA SER C 40 15.10 18.64 37.26
C SER C 40 14.65 17.43 38.00
N GLY C 41 14.44 16.35 37.28
CA GLY C 41 14.29 15.08 37.94
C GLY C 41 15.65 14.64 38.43
N VAL C 42 15.65 13.72 39.38
CA VAL C 42 16.89 13.14 39.87
C VAL C 42 16.93 11.71 39.36
N CYS C 43 17.81 11.41 38.43
CA CYS C 43 17.97 10.01 37.96
C CYS C 43 19.05 9.28 38.76
N HIS C 44 18.84 7.99 39.01
CA HIS C 44 19.76 7.15 39.78
C HIS C 44 21.10 7.19 39.09
N THR C 45 21.07 7.52 37.81
CA THR C 45 22.32 7.82 37.09
C THR C 45 23.13 8.90 37.76
N ASP C 46 22.46 9.90 38.31
CA ASP C 46 23.18 11.00 38.92
C ASP C 46 23.90 10.50 40.21
N LEU C 47 23.31 9.50 40.86
CA LEU C 47 23.88 8.95 42.05
C LEU C 47 25.10 8.18 41.67
N HIS C 48 24.97 7.32 40.66
CA HIS C 48 26.10 6.54 40.14
C HIS C 48 27.30 7.45 39.77
N ALA C 49 26.99 8.51 39.04
CA ALA C 49 27.97 9.55 38.72
C ALA C 49 28.71 10.01 39.99
N TRP C 50 27.95 10.52 40.98
CA TRP C 50 28.52 11.08 42.19
C TRP C 50 29.33 10.04 42.96
N HIS C 51 28.78 8.84 43.05
CA HIS C 51 29.40 7.76 43.79
C HIS C 51 30.65 7.23 43.09
N GLY C 52 30.96 7.69 41.88
CA GLY C 52 32.05 7.11 41.05
C GLY C 52 31.84 5.64 40.72
N ASP C 53 30.59 5.26 40.48
CA ASP C 53 30.25 3.86 40.26
C ASP C 53 30.66 3.26 38.89
N TRP C 54 30.85 4.11 37.86
CA TRP C 54 31.02 3.63 36.47
C TRP C 54 32.42 3.88 35.98
N PRO C 55 32.91 3.08 35.02
CA PRO C 55 34.35 3.12 34.70
C PRO C 55 34.82 4.47 34.18
N LEU C 56 33.98 5.22 33.48
CA LEU C 56 34.40 6.56 32.97
C LEU C 56 34.30 7.70 33.99
N PRO C 57 35.28 8.65 33.97
CA PRO C 57 35.36 9.77 34.92
C PRO C 57 34.48 10.91 34.50
N VAL C 58 33.92 11.60 35.50
CA VAL C 58 33.07 12.75 35.27
C VAL C 58 33.98 13.96 35.12
N LYS C 59 33.37 15.03 34.66
CA LYS C 59 34.04 16.30 34.38
C LYS C 59 33.94 17.09 35.67
N LEU C 60 34.78 16.72 36.62
CA LEU C 60 34.93 17.46 37.86
C LEU C 60 35.46 18.86 37.61
N PRO C 61 34.97 19.85 38.31
CA PRO C 61 33.89 19.86 39.29
C PRO C 61 32.60 19.82 38.55
N LEU C 62 31.61 19.10 39.08
CA LEU C 62 30.45 18.71 38.24
C LEU C 62 29.11 19.08 38.83
N VAL C 63 28.23 19.54 37.94
CA VAL C 63 26.85 19.73 38.25
C VAL C 63 26.16 18.54 37.60
N GLY C 64 25.51 17.71 38.40
CA GLY C 64 24.80 16.56 37.89
C GLY C 64 23.52 17.01 37.25
N GLY C 65 22.67 16.01 36.97
CA GLY C 65 21.28 16.20 36.57
C GLY C 65 21.14 16.12 35.06
N HIS C 66 20.14 15.41 34.57
CA HIS C 66 19.91 15.35 33.13
C HIS C 66 18.47 14.96 32.85
N GLU C 67 17.56 15.56 33.62
CA GLU C 67 16.15 15.52 33.32
C GLU C 67 15.73 16.97 33.52
N GLY C 68 16.38 17.88 32.82
CA GLY C 68 16.20 19.33 33.00
C GLY C 68 15.18 20.03 32.09
N ALA C 69 14.07 20.48 32.66
CA ALA C 69 12.99 21.08 31.89
C ALA C 69 12.89 22.56 32.20
N GLY C 70 12.98 23.42 31.17
CA GLY C 70 13.22 24.83 31.33
C GLY C 70 12.86 25.69 30.13
N VAL C 71 13.30 26.93 30.25
CA VAL C 71 12.94 27.94 29.28
C VAL C 71 14.19 28.47 28.60
N VAL C 72 14.08 28.60 27.27
CA VAL C 72 15.16 29.17 26.51
C VAL C 72 15.19 30.64 26.82
N VAL C 73 16.36 31.08 27.29
CA VAL C 73 16.64 32.47 27.65
C VAL C 73 17.73 33.11 26.81
N GLY C 74 18.34 32.33 25.95
CA GLY C 74 19.50 32.73 25.17
C GLY C 74 19.97 31.58 24.30
N MET C 75 20.84 31.88 23.35
CA MET C 75 21.26 30.84 22.40
C MET C 75 22.40 31.36 21.57
N GLY C 76 23.43 30.53 21.40
CA GLY C 76 24.59 30.95 20.65
C GLY C 76 24.27 31.28 19.18
N GLU C 77 25.27 31.84 18.51
CA GLU C 77 25.12 32.32 17.14
C GLU C 77 24.58 31.33 16.09
N ASN C 78 24.83 30.03 16.24
CA ASN C 78 24.51 29.07 15.16
C ASN C 78 23.13 28.35 15.31
N VAL C 79 22.41 28.57 16.39
CA VAL C 79 21.11 27.89 16.61
C VAL C 79 19.98 28.44 15.71
N LYS C 80 18.97 27.63 15.41
CA LYS C 80 17.86 28.18 14.63
C LYS C 80 16.46 27.84 15.12
N GLY C 81 16.09 26.58 15.25
CA GLY C 81 14.66 26.26 15.42
C GLY C 81 14.10 26.49 16.82
N TRP C 82 14.45 27.62 17.43
CA TRP C 82 14.10 27.95 18.81
C TRP C 82 13.89 29.43 19.00
N LYS C 83 12.95 29.81 19.82
CA LYS C 83 12.77 31.21 20.16
C LYS C 83 12.85 31.27 21.65
N ILE C 84 13.18 32.43 22.16
CA ILE C 84 13.24 32.59 23.60
C ILE C 84 11.86 32.33 24.19
N GLY C 85 11.81 31.64 25.33
CA GLY C 85 10.55 31.29 25.93
C GLY C 85 9.99 29.95 25.52
N ASP C 86 10.58 29.31 24.52
CA ASP C 86 10.22 27.95 24.25
C ASP C 86 10.68 27.15 25.44
N TYR C 87 9.95 26.08 25.72
CA TYR C 87 10.35 25.17 26.72
C TYR C 87 11.28 24.13 26.15
N ALA C 88 12.43 23.97 26.81
CA ALA C 88 13.51 23.07 26.39
C ALA C 88 13.86 22.01 27.42
N GLY C 89 14.00 20.75 26.97
CA GLY C 89 14.48 19.66 27.83
C GLY C 89 15.94 19.26 27.70
N ILE C 90 16.67 19.33 28.82
CA ILE C 90 18.02 18.79 28.86
C ILE C 90 18.03 17.35 29.25
N LYS C 91 18.42 16.53 28.30
CA LYS C 91 18.50 15.08 28.50
C LYS C 91 19.92 14.66 28.78
N TRP C 92 20.13 13.35 29.02
CA TRP C 92 21.46 12.73 29.22
C TRP C 92 22.41 13.05 28.07
N LEU C 93 21.97 12.82 26.85
CA LEU C 93 22.75 13.22 25.67
C LEU C 93 22.59 14.70 25.43
N ASN C 94 23.60 15.44 25.85
CA ASN C 94 23.59 16.84 25.65
C ASN C 94 23.66 17.16 24.17
N GLY C 95 24.59 16.48 23.50
CA GLY C 95 24.81 16.64 22.07
C GLY C 95 25.71 15.56 21.49
N SER C 96 25.89 15.56 20.18
CA SER C 96 26.68 14.50 19.52
C SER C 96 27.24 15.05 18.26
N CYS C 97 28.28 14.41 17.74
CA CYS C 97 28.90 14.91 16.52
C CYS C 97 27.84 15.18 15.44
N MET C 98 26.84 14.31 15.37
CA MET C 98 25.81 14.32 14.31
C MET C 98 26.35 14.05 12.93
N ALA C 99 27.61 13.66 12.84
CA ALA C 99 28.18 13.40 11.53
C ALA C 99 28.84 12.05 11.44
N CYS C 100 28.47 11.08 12.29
CA CYS C 100 29.14 9.78 12.21
C CYS C 100 28.17 8.70 11.76
N GLU C 101 28.68 7.45 11.62
CA GLU C 101 27.88 6.20 11.48
C GLU C 101 26.65 6.22 12.34
N TYR C 102 26.88 6.41 13.64
CA TYR C 102 25.94 6.12 14.70
C TYR C 102 24.88 7.25 14.75
N CYS C 103 25.30 8.51 14.75
CA CYS C 103 24.31 9.62 14.69
C CYS C 103 23.51 9.53 13.40
N GLU C 104 24.09 9.11 12.29
CA GLU C 104 23.24 8.99 11.07
C GLU C 104 22.04 8.02 11.23
N LEU C 105 22.24 6.91 11.92
CA LEU C 105 21.22 5.88 12.07
C LEU C 105 20.28 6.21 13.21
N GLY C 106 20.47 7.38 13.79
CA GLY C 106 19.73 7.73 15.02
C GLY C 106 20.24 7.04 16.26
N ASN C 107 21.43 6.45 16.23
CA ASN C 107 22.03 5.92 17.48
C ASN C 107 22.96 6.98 18.04
N GLU C 108 22.36 8.13 18.24
CA GLU C 108 23.03 9.35 18.72
C GLU C 108 23.70 9.06 20.03
N SER C 109 23.03 8.31 20.92
CA SER C 109 23.59 7.93 22.25
C SER C 109 24.87 7.10 22.22
N ASN C 110 25.08 6.35 21.12
CA ASN C 110 26.27 5.52 20.97
C ASN C 110 27.34 6.27 20.22
N CYS C 111 27.14 7.56 19.98
CA CYS C 111 28.17 8.38 19.31
C CYS C 111 29.42 8.46 20.14
N PRO C 112 30.61 8.22 19.54
CA PRO C 112 31.84 8.26 20.37
C PRO C 112 32.14 9.67 20.87
N HIS C 113 31.42 10.63 20.31
CA HIS C 113 31.63 12.02 20.66
C HIS C 113 30.60 12.55 21.55
N ALA C 114 29.73 11.66 21.99
CA ALA C 114 28.73 11.93 23.03
C ALA C 114 29.26 12.84 24.14
N ASP C 115 28.51 13.92 24.36
CA ASP C 115 28.62 14.85 25.47
C ASP C 115 27.43 14.67 26.37
N LEU C 116 27.69 14.40 27.63
CA LEU C 116 26.68 13.83 28.47
C LEU C 116 26.34 14.78 29.63
N SER C 117 25.10 15.27 29.62
CA SER C 117 24.59 16.10 30.67
C SER C 117 24.72 15.40 32.03
N GLY C 118 25.36 16.06 32.97
CA GLY C 118 25.51 15.54 34.32
C GLY C 118 26.57 14.49 34.40
N TYR C 119 27.55 14.55 33.48
CA TYR C 119 28.70 13.61 33.43
C TYR C 119 29.86 14.35 32.84
N THR C 120 29.82 14.61 31.54
CA THR C 120 30.94 15.33 30.93
C THR C 120 30.61 16.79 30.66
N HIS C 121 29.40 17.18 31.01
CA HIS C 121 28.92 18.53 30.77
C HIS C 121 28.02 18.95 31.93
N ASP C 122 28.28 20.11 32.52
CA ASP C 122 27.48 20.48 33.70
C ASP C 122 25.98 20.43 33.31
N GLY C 123 25.15 19.87 34.19
CA GLY C 123 23.80 19.43 33.85
C GLY C 123 22.70 20.31 34.45
N SER C 124 21.61 19.68 34.89
CA SER C 124 20.36 20.41 35.19
C SER C 124 20.17 20.65 36.65
N PHE C 125 21.22 20.41 37.45
CA PHE C 125 21.15 20.71 38.87
C PHE C 125 21.59 22.15 39.14
N GLN C 126 21.11 23.04 38.31
CA GLN C 126 21.45 24.44 38.47
C GLN C 126 20.40 25.26 37.78
N GLN C 127 20.37 26.53 38.07
CA GLN C 127 19.32 27.36 37.56
C GLN C 127 19.50 27.58 36.03
N TYR C 128 20.74 27.70 35.61
CA TYR C 128 21.07 27.86 34.18
C TYR C 128 22.05 26.80 33.64
N ALA C 129 21.70 26.21 32.49
CA ALA C 129 22.52 25.20 31.85
C ALA C 129 22.58 25.39 30.36
N THR C 130 23.60 24.86 29.74
CA THR C 130 23.71 24.92 28.28
C THR C 130 23.44 23.55 27.74
N ALA C 131 22.93 23.51 26.53
CA ALA C 131 22.63 22.25 25.93
C ALA C 131 22.66 22.41 24.41
N ASP C 132 23.15 21.41 23.69
CA ASP C 132 23.19 21.55 22.24
C ASP C 132 21.74 21.72 21.68
N ALA C 133 21.56 22.65 20.77
CA ALA C 133 20.23 22.94 20.25
C ALA C 133 19.58 21.76 19.54
N VAL C 134 20.32 21.08 18.71
CA VAL C 134 19.76 20.01 17.92
C VAL C 134 19.17 18.88 18.82
N GLN C 135 19.89 18.48 19.86
CA GLN C 135 19.49 17.30 20.65
C GLN C 135 18.40 17.65 21.63
N ALA C 136 18.25 18.90 22.00
CA ALA C 136 17.36 19.24 23.12
C ALA C 136 15.89 19.12 22.78
N ALA C 137 15.14 18.49 23.68
CA ALA C 137 13.71 18.22 23.48
C ALA C 137 12.90 19.46 23.45
N HIS C 138 11.98 19.53 22.50
CA HIS C 138 10.95 20.58 22.40
C HIS C 138 9.80 20.13 23.20
N ILE C 139 9.52 20.87 24.26
CA ILE C 139 8.38 20.64 25.14
C ILE C 139 7.34 21.64 24.76
N PRO C 140 6.13 21.16 24.46
CA PRO C 140 5.05 22.05 24.03
C PRO C 140 4.69 23.09 25.08
N GLN C 141 4.53 24.32 24.63
CA GLN C 141 4.01 25.45 25.42
C GLN C 141 3.12 25.19 26.67
N GLY C 142 2.03 24.44 26.53
CA GLY C 142 1.08 24.29 27.64
C GLY C 142 1.49 23.25 28.72
N THR C 143 2.80 22.97 28.83
CA THR C 143 3.26 21.85 29.61
C THR C 143 3.74 22.26 31.02
N ASP C 144 3.35 21.50 32.02
CA ASP C 144 3.91 21.64 33.36
C ASP C 144 5.32 21.09 33.45
N LEU C 145 6.29 21.93 33.74
CA LEU C 145 7.68 21.53 33.70
C LEU C 145 8.11 20.58 34.87
N ALA C 146 7.42 20.63 35.99
CA ALA C 146 7.69 19.70 37.11
C ALA C 146 7.38 18.31 36.69
N GLN C 147 6.24 18.19 36.06
CA GLN C 147 5.63 16.92 35.75
C GLN C 147 6.29 16.26 34.55
N VAL C 148 6.93 17.06 33.70
CA VAL C 148 7.49 16.52 32.45
C VAL C 148 8.94 16.11 32.65
N ALA C 149 9.53 16.59 33.71
CA ALA C 149 11.00 16.48 33.87
C ALA C 149 11.45 15.04 33.76
N PRO C 150 10.81 14.17 34.47
CA PRO C 150 11.22 12.81 34.27
C PRO C 150 11.04 12.21 32.91
N ILE C 151 10.14 12.71 32.07
CA ILE C 151 10.04 12.12 30.73
C ILE C 151 11.38 12.20 30.07
N LEU C 152 12.19 13.16 30.48
CA LEU C 152 13.45 13.45 29.75
C LEU C 152 14.62 12.47 29.91
N CYS C 153 14.56 11.53 30.85
CA CYS C 153 15.49 10.40 30.76
C CYS C 153 14.75 9.13 31.06
N ALA C 154 14.16 9.04 32.22
CA ALA C 154 13.46 7.85 32.58
C ALA C 154 12.51 7.51 31.45
N GLY C 155 11.63 8.46 31.14
CA GLY C 155 10.64 8.36 30.06
C GLY C 155 11.13 7.79 28.78
N ILE C 156 12.01 8.54 28.09
CA ILE C 156 12.49 8.12 26.75
C ILE C 156 13.27 6.80 26.86
N THR C 157 13.97 6.60 27.97
CA THR C 157 14.77 5.39 28.10
C THR C 157 13.93 4.15 28.13
N VAL C 158 12.97 4.14 29.03
CA VAL C 158 12.15 2.95 29.11
C VAL C 158 11.27 2.86 27.86
N TYR C 159 10.79 3.98 27.34
CA TYR C 159 10.00 3.86 26.09
C TYR C 159 10.84 3.20 25.00
N LYS C 160 12.05 3.67 24.85
CA LYS C 160 12.96 3.07 23.84
C LYS C 160 13.25 1.62 24.13
N ALA C 161 13.47 1.28 25.41
CA ALA C 161 13.77 -0.11 25.84
C ALA C 161 12.60 -1.05 25.53
N LEU C 162 11.41 -0.58 25.88
CA LEU C 162 10.17 -1.20 25.39
C LEU C 162 10.15 -1.42 23.87
N LYS C 163 10.52 -0.46 23.05
CA LYS C 163 10.54 -0.79 21.60
C LYS C 163 11.59 -1.83 21.31
N SER C 164 12.76 -1.75 21.94
CA SER C 164 13.83 -2.69 21.63
C SER C 164 13.55 -4.06 22.16
N ALA C 165 12.53 -4.26 22.99
CA ALA C 165 12.19 -5.61 23.40
C ALA C 165 11.35 -6.29 22.39
N ASN C 166 10.97 -5.61 21.31
CA ASN C 166 10.21 -6.20 20.22
C ASN C 166 9.00 -6.97 20.71
N LEU C 167 8.08 -6.28 21.36
CA LEU C 167 6.93 -6.90 21.92
C LEU C 167 5.81 -6.72 20.91
N MET C 168 4.76 -7.47 21.12
CA MET C 168 3.51 -7.21 20.43
C MET C 168 2.44 -6.91 21.42
N ALA C 169 1.47 -6.10 20.99
CA ALA C 169 0.36 -5.77 21.84
C ALA C 169 -0.21 -7.11 22.19
N GLY C 170 -0.40 -7.37 23.48
CA GLY C 170 -0.84 -8.69 23.99
C GLY C 170 0.25 -9.54 24.65
N HIS C 171 1.51 -9.30 24.34
CA HIS C 171 2.55 -10.05 25.00
C HIS C 171 2.75 -9.51 26.39
N TRP C 172 3.24 -10.37 27.26
CA TRP C 172 3.61 -9.97 28.60
C TRP C 172 4.95 -9.32 28.63
N VAL C 173 5.04 -8.21 29.35
CA VAL C 173 6.33 -7.65 29.66
C VAL C 173 6.54 -7.67 31.16
N ALA C 174 7.72 -8.11 31.62
CA ALA C 174 8.12 -7.97 33.04
C ALA C 174 9.02 -6.80 33.22
N ILE C 175 8.58 -5.85 34.04
CA ILE C 175 9.38 -4.69 34.41
C ILE C 175 10.00 -5.02 35.79
N SER C 176 11.31 -5.29 35.81
CA SER C 176 12.09 -5.49 37.02
C SER C 176 12.50 -4.13 37.47
N GLY C 177 11.96 -3.71 38.64
CA GLY C 177 12.14 -2.36 39.18
C GLY C 177 10.90 -1.43 38.96
N ALA C 178 9.70 -2.00 39.11
CA ALA C 178 8.46 -1.43 38.56
C ALA C 178 7.90 -0.26 39.33
N ALA C 179 8.48 0.06 40.46
CA ALA C 179 8.02 1.20 41.21
C ALA C 179 9.15 2.22 41.38
N GLY C 180 10.26 2.03 40.66
CA GLY C 180 11.33 3.02 40.61
C GLY C 180 10.95 4.16 39.70
N GLY C 181 11.86 5.13 39.57
CA GLY C 181 11.66 6.27 38.69
C GLY C 181 11.26 5.76 37.33
N LEU C 182 12.08 4.82 36.84
CA LEU C 182 11.99 4.30 35.50
C LEU C 182 10.89 3.26 35.37
N GLY C 183 10.88 2.29 36.26
CA GLY C 183 9.86 1.28 36.22
C GLY C 183 8.45 1.87 36.19
N SER C 184 8.22 2.89 36.99
CA SER C 184 6.87 3.39 37.19
C SER C 184 6.39 4.06 35.92
N LEU C 185 7.34 4.49 35.08
CA LEU C 185 7.04 4.97 33.75
C LEU C 185 6.95 3.79 32.83
N ALA C 186 7.84 2.83 33.01
CA ALA C 186 7.86 1.70 32.09
C ALA C 186 6.50 1.07 32.12
N VAL C 187 5.95 0.95 33.32
CA VAL C 187 4.67 0.31 33.54
C VAL C 187 3.53 1.00 32.72
N GLN C 188 3.60 2.32 32.62
CA GLN C 188 2.56 3.12 31.96
C GLN C 188 2.75 3.11 30.46
N TYR C 189 3.95 3.49 30.01
CA TYR C 189 4.32 3.27 28.60
C TYR C 189 3.91 1.85 28.16
N ALA C 190 4.30 0.83 28.91
CA ALA C 190 3.97 -0.50 28.41
C ALA C 190 2.47 -0.62 28.20
N LYS C 191 1.69 -0.04 29.09
CA LYS C 191 0.28 -0.29 29.08
C LYS C 191 -0.35 0.45 27.90
N ALA C 192 0.06 1.69 27.70
CA ALA C 192 -0.39 2.44 26.57
C ALA C 192 0.01 1.75 25.23
N MET C 193 1.10 0.99 25.23
CA MET C 193 1.50 0.31 24.03
C MET C 193 0.90 -1.09 23.93
N GLY C 194 0.04 -1.46 24.90
CA GLY C 194 -0.78 -2.68 24.79
C GLY C 194 -0.18 -3.97 25.33
N TYR C 195 0.77 -3.90 26.25
CA TYR C 195 1.36 -5.09 26.78
C TYR C 195 0.71 -5.45 28.09
N ARG C 196 0.85 -6.69 28.51
CA ARG C 196 0.35 -7.11 29.82
C ARG C 196 1.58 -6.90 30.74
N VAL C 197 1.40 -6.12 31.80
CA VAL C 197 2.52 -5.68 32.61
C VAL C 197 2.65 -6.43 33.89
N LEU C 198 3.80 -7.05 34.10
CA LEU C 198 4.08 -7.71 35.33
C LEU C 198 5.14 -6.83 35.89
N GLY C 199 5.20 -6.75 37.21
CA GLY C 199 6.20 -5.94 37.88
C GLY C 199 6.86 -6.69 39.02
N ILE C 200 8.18 -6.50 39.16
CA ILE C 200 8.90 -6.95 40.38
C ILE C 200 9.43 -5.71 41.03
N ASP C 201 9.05 -5.52 42.28
CA ASP C 201 9.67 -4.54 43.18
C ASP C 201 9.28 -4.93 44.61
N GLY C 202 9.50 -4.04 45.55
CA GLY C 202 9.02 -4.22 46.91
C GLY C 202 9.53 -3.17 47.84
N GLY C 203 8.90 -3.07 49.01
CA GLY C 203 9.24 -2.11 50.03
C GLY C 203 8.04 -1.23 50.11
N GLU C 204 7.95 -0.44 51.15
CA GLU C 204 6.73 0.31 51.42
C GLU C 204 6.23 1.12 50.19
N GLY C 205 5.01 0.81 49.76
CA GLY C 205 4.22 1.67 48.86
C GLY C 205 4.47 1.44 47.40
N LYS C 206 5.09 0.33 47.11
CA LYS C 206 5.55 0.04 45.81
C LYS C 206 4.45 -0.75 45.10
N GLU C 207 3.93 -1.79 45.78
CA GLU C 207 2.84 -2.56 45.23
C GLU C 207 1.74 -1.56 44.87
N GLU C 208 1.43 -0.73 45.86
CA GLU C 208 0.32 0.22 45.86
C GLU C 208 0.41 1.15 44.66
N LEU C 209 1.57 1.74 44.46
CA LEU C 209 1.81 2.62 43.35
C LEU C 209 1.61 1.86 42.04
N PHE C 210 2.14 0.65 42.04
CA PHE C 210 2.14 -0.19 40.87
C PHE C 210 0.76 -0.33 40.36
N ARG C 211 -0.13 -0.70 41.26
CA ARG C 211 -1.47 -1.07 40.85
C ARG C 211 -2.19 0.18 40.39
N SER C 212 -1.91 1.30 41.06
CA SER C 212 -2.66 2.50 40.85
C SER C 212 -2.34 3.07 39.50
N ILE C 213 -1.13 2.85 39.00
CA ILE C 213 -0.70 3.30 37.67
C ILE C 213 -0.94 2.33 36.44
N GLY C 214 -1.73 1.27 36.58
CA GLY C 214 -1.94 0.31 35.52
C GLY C 214 -1.34 -1.09 35.58
N GLY C 215 -0.45 -1.37 36.52
CA GLY C 215 0.16 -2.70 36.58
C GLY C 215 -0.88 -3.80 36.77
N GLU C 216 -0.53 -5.06 36.50
CA GLU C 216 -1.51 -6.16 36.56
C GLU C 216 -1.15 -7.19 37.65
N VAL C 217 0.06 -7.71 37.53
CA VAL C 217 0.58 -8.66 38.43
C VAL C 217 1.83 -8.11 39.09
N PHE C 218 1.90 -8.16 40.43
CA PHE C 218 3.05 -7.63 41.15
C PHE C 218 3.81 -8.77 41.82
N ILE C 219 5.10 -8.85 41.58
CA ILE C 219 5.87 -9.77 42.41
C ILE C 219 6.71 -8.95 43.38
N ASP C 220 6.58 -9.24 44.66
CA ASP C 220 7.28 -8.50 45.68
C ASP C 220 8.52 -9.34 46.06
N PHE C 221 9.71 -8.80 45.75
CA PHE C 221 10.98 -9.52 45.88
C PHE C 221 11.38 -9.71 47.31
N THR C 222 10.79 -8.90 48.19
CA THR C 222 10.86 -8.99 49.65
C THR C 222 10.07 -10.16 50.24
N LYS C 223 9.06 -10.65 49.54
CA LYS C 223 8.25 -11.79 50.02
C LYS C 223 8.43 -13.06 49.18
N GLU C 224 8.81 -12.89 47.91
CA GLU C 224 8.82 -13.99 46.96
C GLU C 224 10.21 -14.68 46.92
N LYS C 225 10.21 -15.94 47.27
CA LYS C 225 11.41 -16.75 47.36
C LYS C 225 11.89 -17.25 46.00
N ASP C 226 10.93 -17.39 45.09
CA ASP C 226 11.18 -17.98 43.79
C ASP C 226 10.58 -17.07 42.74
N ILE C 227 11.34 -16.03 42.44
CA ILE C 227 10.84 -14.94 41.63
C ILE C 227 10.71 -15.43 40.22
N VAL C 228 11.68 -16.21 39.80
CA VAL C 228 11.66 -16.80 38.50
C VAL C 228 10.37 -17.58 38.23
N GLY C 229 10.01 -18.44 39.17
CA GLY C 229 8.93 -19.37 39.01
C GLY C 229 7.60 -18.67 39.08
N ALA C 230 7.60 -17.55 39.78
CA ALA C 230 6.42 -16.77 39.89
C ALA C 230 6.22 -15.94 38.60
N VAL C 231 7.29 -15.66 37.88
CA VAL C 231 7.14 -14.98 36.63
C VAL C 231 6.81 -15.99 35.52
N LEU C 232 7.26 -17.21 35.68
CA LEU C 232 7.04 -18.18 34.66
C LEU C 232 5.58 -18.54 34.70
N LYS C 233 5.08 -18.71 35.90
CA LYS C 233 3.71 -19.05 36.13
C LYS C 233 2.76 -17.99 35.69
N ALA C 234 2.99 -16.75 36.13
CA ALA C 234 2.06 -15.68 35.83
C ALA C 234 1.96 -15.37 34.33
N THR C 235 2.97 -15.75 33.57
CA THR C 235 3.06 -15.39 32.16
C THR C 235 2.80 -16.58 31.28
N ASP C 236 2.44 -17.68 31.90
CA ASP C 236 2.32 -18.97 31.27
C ASP C 236 3.51 -19.38 30.36
N GLY C 237 4.73 -19.18 30.87
CA GLY C 237 5.95 -19.68 30.23
C GLY C 237 7.08 -18.67 30.12
N GLY C 238 6.86 -17.49 30.66
CA GLY C 238 7.88 -16.44 30.68
C GLY C 238 7.45 -15.17 29.97
N ALA C 239 8.07 -14.06 30.33
CA ALA C 239 7.72 -12.76 29.79
C ALA C 239 8.34 -12.62 28.41
N HIS C 240 7.53 -12.29 27.42
CA HIS C 240 8.05 -12.14 26.08
C HIS C 240 9.15 -11.08 26.07
N GLY C 241 9.03 -10.08 26.93
CA GLY C 241 10.01 -9.01 27.07
C GLY C 241 10.25 -8.76 28.57
N VAL C 242 11.49 -8.49 28.92
CA VAL C 242 11.83 -8.04 30.29
C VAL C 242 12.50 -6.73 30.21
N ILE C 243 12.13 -5.82 31.09
CA ILE C 243 12.87 -4.53 31.16
C ILE C 243 13.66 -4.40 32.46
N ASN C 244 14.99 -4.41 32.40
CA ASN C 244 15.75 -4.35 33.69
C ASN C 244 16.02 -2.95 34.20
N VAL C 245 15.18 -2.44 35.08
CA VAL C 245 15.40 -1.08 35.61
C VAL C 245 15.56 -1.08 37.10
N SER C 246 16.20 -2.12 37.62
CA SER C 246 16.59 -2.15 39.02
C SER C 246 18.04 -1.82 39.05
N VAL C 247 18.52 -1.59 40.25
CA VAL C 247 19.95 -1.53 40.54
C VAL C 247 20.38 -2.79 41.32
N SER C 248 19.85 -3.93 40.89
CA SER C 248 20.17 -5.18 41.50
C SER C 248 20.72 -6.14 40.46
N GLU C 249 21.99 -6.47 40.62
CA GLU C 249 22.68 -7.47 39.86
C GLU C 249 21.87 -8.77 39.83
N ALA C 250 21.42 -9.20 40.99
CA ALA C 250 20.59 -10.42 41.12
C ALA C 250 19.33 -10.27 40.31
N ALA C 251 18.68 -9.10 40.35
CA ALA C 251 17.47 -8.91 39.59
C ALA C 251 17.71 -9.20 38.12
N ILE C 252 18.81 -8.70 37.58
CA ILE C 252 19.21 -8.93 36.21
C ILE C 252 19.47 -10.43 35.94
N GLU C 253 20.25 -11.13 36.80
CA GLU C 253 20.52 -12.58 36.50
C GLU C 253 19.21 -13.33 36.37
N ALA C 254 18.24 -13.00 37.20
CA ALA C 254 16.95 -13.71 37.15
C ALA C 254 16.17 -13.44 35.91
N SER C 255 16.37 -12.28 35.27
CA SER C 255 15.64 -11.98 34.02
C SER C 255 16.09 -12.89 32.93
N THR C 256 17.32 -13.33 32.98
CA THR C 256 17.77 -14.27 31.94
C THR C 256 17.08 -15.61 32.06
N ARG C 257 16.27 -15.85 33.10
CA ARG C 257 15.69 -17.19 33.34
C ARG C 257 14.17 -17.24 33.43
N TYR C 258 13.55 -16.07 33.44
CA TYR C 258 12.10 -15.97 33.38
C TYR C 258 11.52 -15.27 32.13
N VAL C 259 12.41 -14.89 31.23
CA VAL C 259 12.05 -14.43 29.95
C VAL C 259 11.69 -15.69 29.14
N ARG C 260 10.74 -15.52 28.24
CA ARG C 260 10.20 -16.61 27.47
C ARG C 260 11.23 -17.10 26.46
N ALA C 261 11.12 -18.36 26.03
CA ALA C 261 11.86 -18.72 24.85
C ALA C 261 11.46 -17.79 23.64
N ASN C 262 12.44 -17.42 22.82
CA ASN C 262 12.35 -16.33 21.79
C ASN C 262 12.08 -14.95 22.33
N GLY C 263 12.20 -14.79 23.65
CA GLY C 263 11.94 -13.47 24.24
C GLY C 263 13.13 -12.57 24.14
N THR C 264 12.97 -11.32 24.63
CA THR C 264 14.08 -10.42 24.82
C THR C 264 14.19 -9.90 26.24
N THR C 265 15.36 -10.03 26.87
CA THR C 265 15.56 -9.40 28.16
C THR C 265 16.43 -8.21 27.87
N VAL C 266 15.99 -7.03 28.32
CA VAL C 266 16.71 -5.79 28.07
C VAL C 266 17.45 -5.30 29.35
N LEU C 267 18.66 -4.84 29.14
CA LEU C 267 19.39 -4.24 30.16
C LEU C 267 19.30 -2.71 30.02
N VAL C 268 19.07 -2.03 31.14
CA VAL C 268 18.91 -0.61 31.15
C VAL C 268 19.60 -0.11 32.44
N GLY C 269 19.22 -0.70 33.56
CA GLY C 269 19.91 -0.41 34.81
C GLY C 269 21.36 -0.87 34.83
N MET C 270 22.23 -0.12 35.49
CA MET C 270 23.68 -0.37 35.45
C MET C 270 24.25 -0.28 36.87
N PRO C 271 23.87 -1.22 37.73
CA PRO C 271 24.54 -1.22 39.03
C PRO C 271 26.05 -1.34 38.90
N ALA C 272 26.76 -0.61 39.76
CA ALA C 272 28.24 -0.63 39.87
C ALA C 272 28.84 -1.98 39.56
N GLY C 273 29.62 -2.12 38.50
CA GLY C 273 30.37 -3.39 38.32
C GLY C 273 29.56 -4.65 37.93
N ALA C 274 28.25 -4.49 37.78
CA ALA C 274 27.38 -5.64 37.47
C ALA C 274 27.74 -6.34 36.17
N LYS C 275 27.45 -7.64 36.20
CA LYS C 275 27.58 -8.51 35.03
C LYS C 275 26.28 -9.24 34.81
N CYS C 276 26.08 -9.67 33.58
CA CYS C 276 24.91 -10.42 33.25
C CYS C 276 25.50 -11.74 32.86
N CYS C 277 25.27 -12.72 33.75
CA CYS C 277 25.81 -14.07 33.58
C CYS C 277 24.63 -14.93 33.27
N SER C 278 24.67 -15.49 32.07
CA SER C 278 23.58 -16.28 31.54
C SER C 278 24.13 -17.62 31.18
N ASP C 279 23.34 -18.66 31.45
CA ASP C 279 23.56 -19.97 30.93
C ASP C 279 23.50 -19.98 29.37
N VAL C 280 24.58 -20.42 28.76
CA VAL C 280 24.72 -20.46 27.33
C VAL C 280 23.81 -21.52 26.80
N PHE C 281 23.82 -22.71 27.39
CA PHE C 281 22.95 -23.78 26.88
C PHE C 281 21.49 -23.30 26.73
N ASN C 282 21.00 -22.67 27.80
CA ASN C 282 19.63 -22.20 27.93
C ASN C 282 19.38 -21.14 26.90
N GLN C 283 20.24 -20.14 26.88
CA GLN C 283 19.98 -18.95 26.03
C GLN C 283 20.00 -19.31 24.54
N VAL C 284 20.77 -20.33 24.22
CA VAL C 284 20.89 -20.91 22.92
C VAL C 284 19.66 -21.71 22.50
N VAL C 285 19.39 -22.73 23.32
CA VAL C 285 18.30 -23.67 23.09
C VAL C 285 17.00 -22.94 23.10
N LYS C 286 16.92 -21.84 23.84
CA LYS C 286 15.72 -21.02 23.82
C LYS C 286 15.82 -19.77 22.95
N SER C 287 16.90 -19.63 22.16
CA SER C 287 16.94 -18.48 21.21
C SER C 287 16.52 -17.21 21.96
N ILE C 288 17.17 -16.92 23.12
CA ILE C 288 16.85 -15.74 23.92
C ILE C 288 17.84 -14.65 23.52
N SER C 289 17.39 -13.42 23.66
CA SER C 289 18.16 -12.24 23.35
C SER C 289 18.36 -11.37 24.60
N ILE C 290 19.60 -10.94 24.87
CA ILE C 290 19.90 -9.94 25.88
C ILE C 290 20.48 -8.73 25.18
N VAL C 291 19.79 -7.63 25.36
CA VAL C 291 20.00 -6.47 24.55
C VAL C 291 20.19 -5.27 25.43
N GLY C 292 21.31 -4.59 25.23
CA GLY C 292 21.52 -3.32 25.88
C GLY C 292 20.78 -2.21 25.16
N SER C 293 20.24 -1.25 25.94
CA SER C 293 19.46 -0.15 25.41
C SER C 293 19.87 1.08 26.18
N TYR C 294 20.24 2.12 25.43
CA TYR C 294 20.86 3.34 25.94
C TYR C 294 20.01 4.58 25.58
N VAL C 295 19.43 5.17 26.62
CA VAL C 295 18.57 6.31 26.55
C VAL C 295 17.73 6.22 25.25
N GLY C 296 17.68 7.30 24.47
CA GLY C 296 16.86 7.36 23.29
C GLY C 296 17.28 8.54 22.48
N ASN C 297 16.77 8.59 21.27
CA ASN C 297 17.14 9.61 20.32
C ASN C 297 16.04 10.63 20.26
N ARG C 298 16.13 11.52 19.26
CA ARG C 298 15.12 12.54 19.01
C ARG C 298 13.74 11.96 18.66
N ALA C 299 13.67 11.00 17.76
CA ALA C 299 12.38 10.39 17.44
C ALA C 299 11.76 9.82 18.71
N ASP C 300 12.57 9.09 19.48
CA ASP C 300 12.17 8.53 20.75
C ASP C 300 11.62 9.64 21.65
N THR C 301 12.32 10.78 21.66
CA THR C 301 11.95 11.87 22.54
C THR C 301 10.63 12.46 22.12
N ARG C 302 10.51 12.84 20.87
CA ARG C 302 9.23 13.31 20.38
C ARG C 302 8.11 12.30 20.72
N GLU C 303 8.38 11.02 20.53
CA GLU C 303 7.32 10.02 20.73
C GLU C 303 6.99 9.90 22.22
N ALA C 304 8.01 9.95 23.09
CA ALA C 304 7.81 9.63 24.49
C ALA C 304 7.03 10.75 25.12
N LEU C 305 7.29 11.95 24.64
CA LEU C 305 6.62 13.14 25.09
C LEU C 305 5.18 13.11 24.69
N ASP C 306 4.91 12.48 23.54
CA ASP C 306 3.54 12.51 23.00
C ASP C 306 2.60 11.68 23.86
N PHE C 307 3.07 10.53 24.31
CA PHE C 307 2.26 9.77 25.26
C PHE C 307 2.05 10.57 26.52
N PHE C 308 2.96 11.47 26.81
CA PHE C 308 2.83 12.27 28.03
C PHE C 308 1.74 13.30 27.86
N ALA C 309 1.76 14.02 26.74
CA ALA C 309 0.70 15.01 26.37
C ALA C 309 -0.71 14.44 26.13
N ARG C 310 -0.80 13.16 25.82
CA ARG C 310 -2.13 12.54 25.72
C ARG C 310 -2.61 11.99 27.09
N GLY C 311 -1.93 12.34 28.20
CA GLY C 311 -2.38 11.86 29.50
C GLY C 311 -2.19 10.37 29.77
N LEU C 312 -1.34 9.70 29.01
CA LEU C 312 -1.21 8.24 29.15
C LEU C 312 -0.04 7.83 30.10
N VAL C 313 0.86 8.76 30.36
CA VAL C 313 1.97 8.54 31.26
C VAL C 313 2.23 9.76 32.10
N LYS C 314 2.44 9.49 33.38
CA LYS C 314 2.60 10.50 34.37
C LYS C 314 3.43 9.91 35.50
N SER C 315 4.62 10.47 35.65
CA SER C 315 5.52 10.06 36.70
C SER C 315 5.00 10.42 38.08
N PRO C 316 5.03 9.49 39.02
CA PRO C 316 4.69 9.84 40.41
C PRO C 316 5.86 10.61 41.00
N ILE C 317 5.59 11.87 41.31
CA ILE C 317 6.60 12.84 41.57
C ILE C 317 6.43 13.49 42.93
N LYS C 318 7.53 13.64 43.65
CA LYS C 318 7.56 14.52 44.78
C LYS C 318 8.47 15.58 44.30
N VAL C 319 8.07 16.84 44.46
CA VAL C 319 8.86 18.00 44.09
C VAL C 319 9.44 18.57 45.40
N VAL C 320 10.76 18.75 45.44
CA VAL C 320 11.41 19.40 46.56
C VAL C 320 12.50 20.35 46.08
N GLY C 321 13.06 21.10 47.01
CA GLY C 321 14.11 22.04 46.66
C GLY C 321 15.37 21.38 46.17
N LEU C 322 16.06 22.08 45.30
CA LEU C 322 17.32 21.64 44.78
C LEU C 322 18.42 21.69 45.85
N SER C 323 18.30 22.62 46.77
CA SER C 323 19.17 22.67 47.91
C SER C 323 19.00 21.47 48.78
N THR C 324 17.95 20.66 48.57
CA THR C 324 17.78 19.43 49.34
C THR C 324 18.34 18.18 48.67
N LEU C 325 19.16 18.29 47.63
CA LEU C 325 19.62 17.09 46.88
C LEU C 325 20.29 15.97 47.71
N PRO C 326 21.13 16.33 48.70
CA PRO C 326 21.74 15.23 49.49
C PRO C 326 20.69 14.32 50.10
N GLU C 327 19.63 14.90 50.67
CA GLU C 327 18.50 14.12 51.15
C GLU C 327 17.88 13.20 50.10
N ILE C 328 17.81 13.60 48.82
CA ILE C 328 17.23 12.71 47.77
C ILE C 328 18.17 11.48 47.55
N TYR C 329 19.45 11.73 47.31
CA TYR C 329 20.41 10.64 47.13
C TYR C 329 20.43 9.67 48.36
N GLU C 330 20.67 10.20 49.57
CA GLU C 330 20.37 9.45 50.82
C GLU C 330 19.17 8.45 50.77
N LYS C 331 17.98 8.88 50.28
CA LYS C 331 16.80 7.97 50.17
C LYS C 331 16.92 7.03 49.00
N MET C 332 17.65 7.44 47.98
CA MET C 332 17.63 6.69 46.73
C MET C 332 18.52 5.47 46.92
N GLU C 333 19.62 5.70 47.64
CA GLU C 333 20.56 4.67 48.11
C GLU C 333 19.84 3.51 48.85
N LYS C 334 18.84 3.86 49.65
CA LYS C 334 18.16 2.89 50.48
C LYS C 334 17.01 2.19 49.76
N GLY C 335 16.85 2.47 48.45
CA GLY C 335 15.78 1.90 47.63
C GLY C 335 14.39 2.42 47.98
N GLN C 336 14.30 3.55 48.70
CA GLN C 336 13.03 3.99 49.31
C GLN C 336 12.15 4.79 48.40
N ILE C 337 12.74 5.37 47.38
CA ILE C 337 12.02 6.25 46.53
C ILE C 337 10.95 5.48 45.79
N VAL C 338 9.75 6.02 45.85
CA VAL C 338 8.56 5.51 45.19
C VAL C 338 8.28 6.48 44.07
N GLY C 339 8.64 6.13 42.85
CA GLY C 339 8.41 6.99 41.67
C GLY C 339 9.64 7.85 41.53
N ARG C 340 9.44 9.16 41.33
CA ARG C 340 10.51 10.07 41.01
C ARG C 340 10.52 11.27 41.94
N TYR C 341 11.71 11.79 42.18
CA TYR C 341 11.88 13.08 42.85
C TYR C 341 12.22 14.07 41.77
N VAL C 342 11.71 15.29 41.85
CA VAL C 342 12.23 16.33 40.99
C VAL C 342 12.61 17.50 41.85
N VAL C 343 13.71 18.18 41.50
CA VAL C 343 14.12 19.41 42.18
C VAL C 343 13.69 20.68 41.48
N ASP C 344 13.03 21.52 42.23
CA ASP C 344 12.78 22.92 41.89
C ASP C 344 14.10 23.69 42.14
N THR C 345 14.62 24.27 41.05
CA THR C 345 15.85 25.02 41.08
C THR C 345 15.74 26.35 41.81
N SER C 346 14.57 26.76 42.29
CA SER C 346 14.51 28.02 43.02
C SER C 346 14.56 27.78 44.52
N LYS C 347 14.70 26.51 44.93
CA LYS C 347 14.65 26.19 46.35
C LYS C 347 15.70 25.19 46.73
N SER D 1 11.99 -55.36 -2.12
CA SER D 1 12.30 -53.93 -2.44
C SER D 1 12.38 -53.08 -1.18
N ILE D 2 11.44 -53.26 -0.25
CA ILE D 2 11.59 -52.66 1.08
C ILE D 2 11.72 -53.79 2.07
N PRO D 3 12.96 -54.07 2.52
CA PRO D 3 13.16 -55.31 3.26
C PRO D 3 12.42 -55.39 4.59
N GLU D 4 12.45 -56.60 5.17
CA GLU D 4 12.06 -56.88 6.55
C GLU D 4 13.11 -56.30 7.53
N THR D 5 14.38 -56.58 7.26
CA THR D 5 15.45 -56.17 8.17
C THR D 5 16.50 -55.37 7.40
N GLN D 6 17.42 -54.79 8.14
CA GLN D 6 18.30 -53.79 7.59
C GLN D 6 19.46 -53.67 8.54
N LYS D 7 20.39 -52.82 8.15
CA LYS D 7 21.55 -52.54 8.90
C LYS D 7 21.45 -51.14 9.49
N GLY D 8 21.64 -51.08 10.81
CA GLY D 8 21.78 -49.84 11.55
C GLY D 8 22.71 -50.01 12.74
N VAL D 9 22.93 -48.88 13.40
CA VAL D 9 23.70 -48.81 14.61
C VAL D 9 22.76 -48.37 15.74
N ILE D 10 22.74 -49.22 16.76
CA ILE D 10 21.77 -49.23 17.82
C ILE D 10 22.51 -49.42 19.16
N PHE D 11 22.02 -48.76 20.20
CA PHE D 11 22.59 -48.96 21.55
C PHE D 11 21.50 -49.15 22.57
N TYR D 12 21.76 -50.09 23.46
CA TYR D 12 20.80 -50.59 24.42
C TYR D 12 20.97 -49.88 25.76
N GLU D 13 22.19 -49.44 26.09
CA GLU D 13 22.42 -48.67 27.32
C GLU D 13 23.07 -47.31 27.05
N SER D 14 22.76 -46.38 27.96
CA SER D 14 23.52 -45.15 28.13
C SER D 14 24.97 -45.53 28.42
N HIS D 15 25.94 -44.92 27.72
CA HIS D 15 27.33 -45.39 27.76
C HIS D 15 27.40 -46.88 27.42
N GLY D 16 26.46 -47.33 26.59
CA GLY D 16 26.45 -48.72 26.18
C GLY D 16 27.61 -48.85 25.23
N LYS D 17 27.58 -49.87 24.39
CA LYS D 17 28.60 -50.04 23.37
C LYS D 17 27.93 -50.45 22.09
N LEU D 18 27.95 -49.52 21.15
CA LEU D 18 27.15 -49.54 19.95
C LEU D 18 27.38 -50.74 19.07
N GLU D 19 26.28 -51.26 18.53
CA GLU D 19 26.30 -52.35 17.59
C GLU D 19 25.87 -51.93 16.17
N TYR D 20 26.67 -52.36 15.21
CA TYR D 20 26.22 -52.52 13.86
C TYR D 20 25.54 -53.89 13.76
N LYS D 21 24.28 -53.90 13.30
CA LYS D 21 23.54 -55.15 13.15
C LYS D 21 22.24 -55.03 12.39
N ASP D 22 21.73 -56.21 12.03
CA ASP D 22 20.38 -56.39 11.52
C ASP D 22 19.32 -55.98 12.56
N ILE D 23 18.55 -54.94 12.21
CA ILE D 23 17.42 -54.45 12.98
C ILE D 23 16.22 -54.36 12.05
N PRO D 24 14.99 -54.37 12.63
CA PRO D 24 13.79 -54.21 11.81
C PRO D 24 13.78 -52.92 10.99
N VAL D 25 13.26 -52.99 9.78
CA VAL D 25 12.99 -51.80 9.02
C VAL D 25 11.72 -51.20 9.55
N PRO D 26 11.79 -49.96 10.07
CA PRO D 26 10.59 -49.33 10.67
C PRO D 26 9.50 -49.01 9.64
N LYS D 27 8.25 -49.10 10.07
CA LYS D 27 7.06 -48.70 9.29
C LYS D 27 6.74 -47.21 9.45
N PRO D 28 6.42 -46.51 8.34
CA PRO D 28 5.98 -45.16 8.55
C PRO D 28 4.55 -45.01 9.13
N LYS D 29 4.36 -43.94 9.89
CA LYS D 29 3.06 -43.47 10.31
C LYS D 29 2.49 -42.63 9.16
N ALA D 30 1.17 -42.54 9.14
CA ALA D 30 0.43 -41.66 8.26
C ALA D 30 1.03 -40.23 7.96
N ASN D 31 1.83 -39.66 8.89
CA ASN D 31 2.43 -38.31 8.72
C ASN D 31 3.91 -38.32 8.29
N GLU D 32 4.46 -39.52 8.10
CA GLU D 32 5.88 -39.74 7.97
C GLU D 32 6.33 -40.29 6.62
N LEU D 33 7.54 -39.85 6.26
CA LEU D 33 8.31 -40.43 5.20
C LEU D 33 8.97 -41.72 5.65
N LEU D 34 9.26 -42.56 4.66
CA LEU D 34 10.17 -43.65 4.82
C LEU D 34 11.35 -43.34 3.93
N ILE D 35 12.51 -43.22 4.54
CA ILE D 35 13.67 -42.76 3.83
C ILE D 35 14.74 -43.82 3.86
N ASN D 36 15.21 -44.19 2.69
CA ASN D 36 16.46 -44.92 2.55
C ASN D 36 17.59 -43.92 2.66
N VAL D 37 18.08 -43.75 3.86
CA VAL D 37 19.23 -42.94 4.10
C VAL D 37 20.44 -43.55 3.38
N LYS D 38 21.06 -42.81 2.46
CA LYS D 38 22.26 -43.27 1.77
C LYS D 38 23.48 -42.88 2.51
N TYR D 39 23.40 -41.76 3.22
CA TYR D 39 24.52 -41.19 3.95
C TYR D 39 24.03 -40.42 5.17
N SER D 40 24.85 -40.41 6.24
CA SER D 40 24.56 -39.55 7.42
C SER D 40 25.73 -38.72 7.87
N GLY D 41 25.44 -37.55 8.41
CA GLY D 41 26.44 -36.76 9.07
C GLY D 41 26.67 -37.32 10.45
N VAL D 42 27.82 -36.94 11.04
CA VAL D 42 28.22 -37.32 12.38
C VAL D 42 28.92 -36.17 13.11
N CYS D 43 28.37 -35.76 14.27
CA CYS D 43 28.96 -34.72 15.18
C CYS D 43 28.71 -35.04 16.67
N HIS D 44 29.28 -34.23 17.53
CA HIS D 44 29.24 -34.45 18.97
C HIS D 44 27.83 -34.45 19.63
N THR D 45 26.81 -33.87 19.00
CA THR D 45 25.46 -33.92 19.59
C THR D 45 24.99 -35.36 19.69
N ASP D 46 25.48 -36.17 18.74
CA ASP D 46 25.24 -37.62 18.73
C ASP D 46 25.78 -38.32 19.94
N LEU D 47 26.96 -37.87 20.38
CA LEU D 47 27.65 -38.37 21.55
C LEU D 47 26.88 -38.07 22.85
N HIS D 48 26.37 -36.83 23.00
CA HIS D 48 25.59 -36.37 24.18
C HIS D 48 24.25 -37.13 24.35
N ALA D 49 23.72 -37.63 23.24
CA ALA D 49 22.58 -38.55 23.28
C ALA D 49 23.01 -39.96 23.78
N TRP D 50 24.21 -40.42 23.38
CA TRP D 50 24.75 -41.72 23.80
C TRP D 50 25.09 -41.75 25.29
N HIS D 51 25.83 -40.73 25.73
CA HIS D 51 26.25 -40.59 27.13
C HIS D 51 25.08 -40.23 28.06
N GLY D 52 24.12 -39.45 27.56
CA GLY D 52 22.96 -39.03 28.36
C GLY D 52 23.11 -37.66 28.98
N ASP D 53 23.98 -36.82 28.40
CA ASP D 53 24.32 -35.48 28.94
C ASP D 53 23.07 -34.61 29.16
N TRP D 54 22.30 -34.42 28.10
CA TRP D 54 21.14 -33.54 28.15
C TRP D 54 20.10 -34.18 29.10
N PRO D 55 19.10 -33.39 29.57
CA PRO D 55 18.26 -33.87 30.68
C PRO D 55 17.07 -34.77 30.31
N LEU D 56 16.79 -34.97 29.02
CA LEU D 56 15.66 -35.80 28.56
C LEU D 56 16.21 -37.17 28.15
N PRO D 57 16.31 -38.14 29.08
CA PRO D 57 16.84 -39.44 28.69
C PRO D 57 16.31 -39.98 27.34
N VAL D 58 17.20 -40.70 26.66
CA VAL D 58 16.94 -41.17 25.31
C VAL D 58 15.94 -42.34 25.26
N LYS D 59 15.30 -42.58 24.13
CA LYS D 59 14.41 -43.74 24.01
C LYS D 59 15.22 -44.98 23.57
N LEU D 60 15.49 -45.88 24.52
CA LEU D 60 16.21 -47.12 24.28
C LEU D 60 15.23 -48.22 23.84
N PRO D 61 15.65 -49.12 22.97
CA PRO D 61 16.94 -49.13 22.32
C PRO D 61 16.90 -48.10 21.22
N LEU D 62 18.01 -47.40 21.01
CA LEU D 62 18.03 -46.20 20.19
C LEU D 62 18.92 -46.38 18.97
N VAL D 63 18.50 -45.75 17.89
CA VAL D 63 19.30 -45.61 16.70
C VAL D 63 19.54 -44.10 16.56
N GLY D 64 20.80 -43.72 16.51
CA GLY D 64 21.20 -42.35 16.58
C GLY D 64 21.18 -41.61 15.26
N GLY D 65 21.78 -40.43 15.28
CA GLY D 65 22.09 -39.66 14.09
C GLY D 65 21.05 -38.61 13.80
N HIS D 66 21.47 -37.50 13.26
CA HIS D 66 20.48 -36.47 12.95
C HIS D 66 20.78 -35.66 11.69
N GLU D 67 21.61 -36.19 10.78
CA GLU D 67 21.96 -35.48 9.58
C GLU D 67 21.88 -36.48 8.39
N GLY D 68 20.70 -37.04 8.25
CA GLY D 68 20.44 -38.04 7.21
C GLY D 68 20.01 -37.46 5.85
N ALA D 69 20.61 -37.99 4.80
CA ALA D 69 20.40 -37.59 3.47
C ALA D 69 20.13 -38.83 2.63
N GLY D 70 18.90 -38.96 2.18
CA GLY D 70 18.41 -40.13 1.53
C GLY D 70 17.26 -39.89 0.56
N VAL D 71 16.71 -41.03 0.14
CA VAL D 71 15.70 -41.09 -0.86
C VAL D 71 14.41 -41.59 -0.25
N VAL D 72 13.33 -40.87 -0.58
CA VAL D 72 12.02 -41.24 -0.12
C VAL D 72 11.55 -42.43 -0.92
N VAL D 73 11.29 -43.50 -0.19
CA VAL D 73 11.06 -44.80 -0.75
C VAL D 73 9.73 -45.29 -0.33
N GLY D 74 9.03 -44.53 0.49
CA GLY D 74 7.76 -44.92 1.03
C GLY D 74 7.22 -43.75 1.82
N MET D 75 5.91 -43.66 1.91
CA MET D 75 5.31 -42.52 2.63
C MET D 75 3.92 -42.78 3.18
N GLY D 76 3.59 -42.11 4.29
CA GLY D 76 2.31 -42.31 4.93
C GLY D 76 1.22 -41.90 3.97
N GLU D 77 0.07 -42.58 4.08
CA GLU D 77 -1.07 -42.31 3.25
C GLU D 77 -1.57 -40.87 3.43
N ASN D 78 -1.14 -40.21 4.49
CA ASN D 78 -1.64 -38.88 4.76
C ASN D 78 -0.62 -37.79 4.42
N VAL D 79 0.50 -38.16 3.80
CA VAL D 79 1.58 -37.19 3.56
C VAL D 79 1.29 -36.35 2.33
N LYS D 80 1.59 -35.03 2.42
CA LYS D 80 1.46 -34.07 1.32
C LYS D 80 2.81 -33.45 0.90
N GLY D 81 2.90 -33.03 -0.35
CA GLY D 81 4.07 -32.33 -0.89
C GLY D 81 5.30 -33.22 -1.09
N TRP D 82 5.09 -34.50 -1.20
CA TRP D 82 6.17 -35.43 -1.30
C TRP D 82 5.85 -36.51 -2.31
N LYS D 83 6.90 -36.92 -3.00
CA LYS D 83 6.79 -37.96 -3.99
C LYS D 83 7.80 -39.04 -3.67
N ILE D 84 7.40 -40.24 -4.03
CA ILE D 84 8.30 -41.36 -3.98
C ILE D 84 9.48 -40.90 -4.86
N GLY D 85 10.71 -41.12 -4.36
CA GLY D 85 11.93 -40.75 -5.07
C GLY D 85 12.52 -39.40 -4.70
N ASP D 86 11.75 -38.54 -4.03
CA ASP D 86 12.33 -37.26 -3.63
C ASP D 86 13.55 -37.49 -2.71
N TYR D 87 14.50 -36.59 -2.71
CA TYR D 87 15.60 -36.75 -1.76
C TYR D 87 15.20 -35.96 -0.52
N ALA D 88 15.28 -36.62 0.62
CA ALA D 88 14.94 -36.01 1.87
C ALA D 88 16.09 -36.01 2.92
N GLY D 89 16.03 -35.00 3.77
CA GLY D 89 17.04 -34.79 4.79
C GLY D 89 16.38 -34.94 6.14
N ILE D 90 17.05 -35.69 6.99
CA ILE D 90 16.67 -35.81 8.39
C ILE D 90 17.64 -35.03 9.30
N LYS D 91 17.03 -34.22 10.17
CA LYS D 91 17.65 -33.19 10.98
C LYS D 91 17.31 -33.51 12.39
N TRP D 92 18.00 -32.79 13.30
CA TRP D 92 17.76 -32.82 14.72
C TRP D 92 16.27 -32.74 15.05
N LEU D 93 15.60 -31.77 14.48
CA LEU D 93 14.19 -31.64 14.77
C LEU D 93 13.48 -32.56 13.79
N ASN D 94 12.95 -33.67 14.30
CA ASN D 94 12.18 -34.59 13.50
C ASN D 94 10.76 -34.06 13.31
N GLY D 95 10.06 -33.78 14.40
CA GLY D 95 8.71 -33.20 14.30
C GLY D 95 8.32 -32.48 15.59
N SER D 96 7.08 -32.01 15.63
CA SER D 96 6.59 -31.13 16.70
C SER D 96 5.08 -31.17 16.76
N CYS D 97 4.45 -30.55 17.75
CA CYS D 97 2.98 -30.68 17.86
C CYS D 97 2.28 -29.92 16.75
N MET D 98 2.78 -28.74 16.38
CA MET D 98 2.11 -27.87 15.42
C MET D 98 0.74 -27.33 15.82
N ALA D 99 0.53 -27.27 17.13
CA ALA D 99 -0.68 -26.74 17.78
C ALA D 99 -0.26 -25.90 18.98
N CYS D 100 0.86 -25.21 18.89
CA CYS D 100 1.33 -24.37 20.03
C CYS D 100 1.95 -23.13 19.42
N GLU D 101 2.04 -22.07 20.22
CA GLU D 101 2.59 -20.77 19.79
C GLU D 101 3.93 -20.88 19.10
N TYR D 102 4.86 -21.66 19.67
CA TYR D 102 6.25 -21.73 19.21
C TYR D 102 6.34 -22.33 17.81
N CYS D 103 5.69 -23.46 17.62
CA CYS D 103 5.45 -24.08 16.32
C CYS D 103 4.83 -23.20 15.24
N GLU D 104 4.05 -22.17 15.60
CA GLU D 104 3.39 -21.37 14.58
C GLU D 104 4.27 -20.24 14.07
N LEU D 105 5.37 -20.01 14.79
CA LEU D 105 6.30 -18.91 14.52
C LEU D 105 7.65 -19.33 13.91
N GLY D 106 7.72 -20.57 13.42
CA GLY D 106 8.96 -21.12 12.88
C GLY D 106 9.90 -21.47 14.02
N ASN D 107 9.36 -21.75 15.18
CA ASN D 107 10.21 -21.93 16.35
C ASN D 107 9.96 -23.30 16.95
N GLU D 108 9.84 -24.28 16.07
CA GLU D 108 9.37 -25.57 16.55
C GLU D 108 10.35 -26.25 17.45
N SER D 109 11.65 -26.06 17.27
CA SER D 109 12.59 -26.65 18.25
C SER D 109 12.36 -26.22 19.67
N ASN D 110 11.51 -25.21 19.91
CA ASN D 110 11.07 -24.90 21.30
C ASN D 110 9.75 -25.58 21.70
N CYS D 111 9.20 -26.46 20.85
CA CYS D 111 7.87 -27.02 21.10
C CYS D 111 7.98 -27.97 22.29
N PRO D 112 7.13 -27.83 23.32
CA PRO D 112 7.20 -28.79 24.43
C PRO D 112 7.08 -30.27 24.03
N HIS D 113 6.70 -30.57 22.78
CA HIS D 113 6.63 -31.96 22.29
C HIS D 113 7.63 -32.23 21.19
N ALA D 114 8.64 -31.38 21.07
CA ALA D 114 9.66 -31.56 20.06
C ALA D 114 10.12 -33.02 20.04
N ASP D 115 9.92 -33.70 18.90
CA ASP D 115 10.49 -35.06 18.60
C ASP D 115 11.90 -34.94 17.93
N LEU D 116 12.88 -35.66 18.50
CA LEU D 116 14.29 -35.43 18.19
C LEU D 116 14.92 -36.66 17.61
N SER D 117 15.42 -36.52 16.37
CA SER D 117 16.15 -37.56 15.62
C SER D 117 17.42 -37.98 16.34
N GLY D 118 17.57 -39.26 16.61
CA GLY D 118 18.74 -39.79 17.32
C GLY D 118 18.68 -39.51 18.82
N TYR D 119 17.47 -39.59 19.40
CA TYR D 119 17.27 -39.22 20.80
C TYR D 119 15.89 -39.64 21.32
N THR D 120 14.82 -39.07 20.76
CA THR D 120 13.45 -39.54 21.02
C THR D 120 12.91 -40.35 19.84
N HIS D 121 13.41 -40.10 18.64
CA HIS D 121 13.03 -40.87 17.45
C HIS D 121 14.26 -41.53 16.89
N ASP D 122 14.10 -42.71 16.29
CA ASP D 122 15.22 -43.41 15.65
C ASP D 122 15.75 -42.62 14.44
N GLY D 123 17.07 -42.41 14.39
CA GLY D 123 17.67 -41.38 13.55
C GLY D 123 18.20 -41.90 12.23
N SER D 124 19.33 -41.32 11.80
CA SER D 124 19.89 -41.51 10.48
C SER D 124 20.98 -42.58 10.41
N PHE D 125 21.46 -43.05 11.56
CA PHE D 125 22.45 -44.10 11.60
C PHE D 125 21.85 -45.47 11.31
N GLN D 126 21.35 -45.62 10.08
CA GLN D 126 20.24 -46.52 9.79
C GLN D 126 20.03 -46.42 8.23
N GLN D 127 19.81 -47.54 7.52
CA GLN D 127 19.72 -47.46 6.08
C GLN D 127 18.27 -47.15 5.61
N TYR D 128 17.32 -47.34 6.53
CA TYR D 128 15.92 -47.07 6.32
C TYR D 128 15.39 -46.48 7.60
N ALA D 129 15.05 -45.20 7.58
CA ALA D 129 14.54 -44.51 8.76
C ALA D 129 13.25 -43.76 8.36
N THR D 130 12.38 -43.54 9.35
CA THR D 130 11.18 -42.78 9.19
C THR D 130 11.36 -41.40 9.76
N ALA D 131 10.59 -40.47 9.20
CA ALA D 131 10.79 -39.09 9.52
C ALA D 131 9.54 -38.30 9.14
N ASP D 132 9.19 -37.31 9.97
CA ASP D 132 8.03 -36.43 9.76
C ASP D 132 8.10 -35.64 8.39
N ALA D 133 7.08 -35.82 7.57
CA ALA D 133 7.02 -35.16 6.27
C ALA D 133 7.15 -33.64 6.41
N VAL D 134 6.39 -33.06 7.29
CA VAL D 134 6.51 -31.62 7.54
C VAL D 134 7.94 -31.09 7.80
N GLN D 135 8.74 -31.72 8.67
CA GLN D 135 10.08 -31.16 9.02
C GLN D 135 11.18 -31.51 8.10
N ALA D 136 11.10 -32.68 7.50
CA ALA D 136 12.20 -33.17 6.71
C ALA D 136 12.61 -32.19 5.58
N ALA D 137 13.91 -32.07 5.40
CA ALA D 137 14.48 -31.20 4.36
C ALA D 137 14.16 -31.70 2.96
N HIS D 138 13.71 -30.80 2.08
CA HIS D 138 13.48 -31.17 0.67
C HIS D 138 14.75 -30.87 -0.05
N ILE D 139 15.54 -31.92 -0.29
CA ILE D 139 16.85 -31.77 -0.91
C ILE D 139 16.70 -31.76 -2.42
N PRO D 140 17.22 -30.74 -3.09
CA PRO D 140 16.92 -30.69 -4.51
C PRO D 140 17.61 -31.80 -5.29
N GLN D 141 17.02 -32.21 -6.41
CA GLN D 141 17.63 -33.19 -7.26
C GLN D 141 19.03 -32.72 -7.71
N GLY D 142 19.91 -33.69 -7.98
CA GLY D 142 21.29 -33.40 -8.32
C GLY D 142 22.23 -32.95 -7.19
N THR D 143 21.83 -33.20 -5.97
CA THR D 143 22.58 -32.80 -4.81
C THR D 143 23.49 -33.99 -4.51
N ASP D 144 24.75 -33.71 -4.24
CA ASP D 144 25.62 -34.74 -3.70
C ASP D 144 25.21 -35.01 -2.24
N LEU D 145 24.46 -36.09 -2.04
CA LEU D 145 23.91 -36.49 -0.74
C LEU D 145 24.92 -36.74 0.34
N ALA D 146 26.13 -37.07 -0.08
CA ALA D 146 27.24 -37.21 0.84
C ALA D 146 27.69 -35.83 1.36
N GLN D 147 27.97 -34.92 0.42
CA GLN D 147 28.47 -33.58 0.72
C GLN D 147 27.47 -32.77 1.47
N VAL D 148 26.19 -32.99 1.18
CA VAL D 148 25.13 -32.16 1.72
C VAL D 148 24.78 -32.53 3.15
N ALA D 149 25.15 -33.72 3.57
CA ALA D 149 24.62 -34.24 4.81
C ALA D 149 24.93 -33.34 6.02
N PRO D 150 26.19 -32.90 6.17
CA PRO D 150 26.51 -32.07 7.33
C PRO D 150 25.82 -30.73 7.28
N ILE D 151 25.41 -30.32 6.07
CA ILE D 151 24.75 -29.06 5.89
C ILE D 151 23.48 -29.10 6.70
N LEU D 152 22.96 -30.33 6.87
CA LEU D 152 21.68 -30.57 7.53
C LEU D 152 21.71 -30.27 9.04
N CYS D 153 22.84 -29.85 9.55
CA CYS D 153 22.90 -29.51 10.94
C CYS D 153 23.87 -28.33 11.18
N ALA D 154 25.10 -28.50 10.73
CA ALA D 154 26.09 -27.48 10.88
C ALA D 154 25.73 -26.29 10.02
N GLY D 155 25.58 -26.54 8.73
CA GLY D 155 25.30 -25.48 7.77
C GLY D 155 24.04 -24.76 8.10
N ILE D 156 22.97 -25.50 8.33
CA ILE D 156 21.73 -24.79 8.60
C ILE D 156 21.93 -23.90 9.83
N THR D 157 22.62 -24.49 10.82
CA THR D 157 22.74 -23.93 12.13
C THR D 157 23.42 -22.63 12.01
N VAL D 158 24.35 -22.58 11.13
CA VAL D 158 25.17 -21.41 10.99
C VAL D 158 24.51 -20.40 10.04
N TYR D 159 23.69 -20.89 9.10
CA TYR D 159 22.99 -19.93 8.29
C TYR D 159 22.10 -19.16 9.21
N LYS D 160 21.28 -19.88 9.99
CA LYS D 160 20.29 -19.21 10.84
C LYS D 160 20.92 -18.23 11.85
N ALA D 161 22.07 -18.61 12.38
CA ALA D 161 22.79 -17.77 13.33
C ALA D 161 23.29 -16.46 12.71
N LEU D 162 23.70 -16.54 11.45
CA LEU D 162 23.95 -15.32 10.71
C LEU D 162 22.71 -14.52 10.48
N LYS D 163 21.57 -15.16 10.25
CA LYS D 163 20.36 -14.36 10.13
C LYS D 163 20.07 -13.65 11.42
N SER D 164 20.44 -14.30 12.54
CA SER D 164 20.26 -13.80 13.91
C SER D 164 21.24 -12.68 14.29
N ALA D 165 22.43 -12.68 13.75
CA ALA D 165 23.33 -11.52 13.87
C ALA D 165 22.77 -10.17 13.32
N ASN D 166 21.61 -10.16 12.64
CA ASN D 166 20.95 -8.89 12.31
C ASN D 166 21.78 -8.04 11.40
N LEU D 167 22.42 -8.66 10.43
CA LEU D 167 23.39 -7.99 9.57
C LEU D 167 22.79 -7.54 8.24
N MET D 168 23.36 -6.51 7.61
CA MET D 168 23.00 -6.06 6.24
C MET D 168 24.26 -6.37 5.43
N ALA D 169 24.12 -6.54 4.13
CA ALA D 169 25.29 -6.65 3.26
C ALA D 169 26.18 -5.45 3.46
N GLY D 170 27.47 -5.64 3.37
CA GLY D 170 28.41 -4.54 3.60
C GLY D 170 29.06 -4.47 4.96
N HIS D 171 28.36 -5.01 5.95
CA HIS D 171 28.82 -5.10 7.34
C HIS D 171 29.80 -6.22 7.55
N TRP D 172 30.53 -6.06 8.63
CA TRP D 172 31.55 -6.98 9.10
C TRP D 172 30.95 -8.00 10.06
N VAL D 173 31.26 -9.26 9.81
CA VAL D 173 30.95 -10.34 10.71
C VAL D 173 32.22 -11.12 11.04
N ALA D 174 32.43 -11.28 12.35
CA ALA D 174 33.62 -11.94 12.92
C ALA D 174 33.19 -13.30 13.24
N ILE D 175 33.95 -14.27 12.74
CA ILE D 175 33.71 -15.65 13.06
C ILE D 175 34.87 -16.10 13.89
N SER D 176 34.56 -16.40 15.16
CA SER D 176 35.58 -16.92 16.12
C SER D 176 35.48 -18.43 16.10
N GLY D 177 36.52 -19.05 15.52
CA GLY D 177 36.55 -20.45 15.13
C GLY D 177 36.47 -20.67 13.61
N ALA D 178 37.07 -19.79 12.81
CA ALA D 178 36.69 -19.69 11.39
C ALA D 178 37.13 -20.84 10.50
N ALA D 179 38.22 -21.49 10.86
CA ALA D 179 38.74 -22.57 10.00
C ALA D 179 38.33 -23.98 10.42
N GLY D 180 37.45 -24.10 11.40
CA GLY D 180 36.88 -25.38 11.81
C GLY D 180 35.63 -25.76 11.02
N GLY D 181 35.02 -26.88 11.43
CA GLY D 181 33.86 -27.42 10.73
C GLY D 181 32.81 -26.34 10.65
N LEU D 182 32.24 -26.04 11.82
CA LEU D 182 31.18 -25.08 11.91
C LEU D 182 31.57 -23.73 11.32
N GLY D 183 32.80 -23.29 11.60
CA GLY D 183 33.27 -21.96 11.18
C GLY D 183 33.47 -21.77 9.68
N SER D 184 34.24 -22.64 9.04
CA SER D 184 34.52 -22.48 7.62
C SER D 184 33.24 -22.46 6.80
N LEU D 185 32.21 -23.16 7.26
CA LEU D 185 30.87 -22.98 6.67
C LEU D 185 30.23 -21.60 6.91
N ALA D 186 30.50 -21.07 8.07
CA ALA D 186 29.90 -19.85 8.46
C ALA D 186 30.41 -18.80 7.55
N VAL D 187 31.72 -18.84 7.34
CA VAL D 187 32.44 -17.92 6.49
C VAL D 187 31.81 -17.88 5.10
N GLN D 188 31.62 -19.04 4.52
CA GLN D 188 31.13 -19.12 3.15
C GLN D 188 29.68 -18.61 3.00
N TYR D 189 28.84 -19.02 3.91
CA TYR D 189 27.46 -18.58 3.91
C TYR D 189 27.50 -17.08 4.02
N ALA D 190 28.32 -16.58 4.93
CA ALA D 190 28.43 -15.16 5.20
C ALA D 190 28.85 -14.41 4.00
N LYS D 191 29.98 -14.82 3.43
CA LYS D 191 30.46 -14.20 2.17
C LYS D 191 29.31 -14.15 1.15
N ALA D 192 28.55 -15.24 1.09
CA ALA D 192 27.59 -15.34 0.04
C ALA D 192 26.40 -14.45 0.31
N MET D 193 26.27 -14.00 1.56
CA MET D 193 25.14 -13.18 1.97
C MET D 193 25.53 -11.73 1.94
N GLY D 194 26.75 -11.44 1.55
CA GLY D 194 27.15 -10.05 1.31
C GLY D 194 27.94 -9.39 2.43
N TYR D 195 28.32 -10.17 3.46
CA TYR D 195 29.05 -9.65 4.63
C TYR D 195 30.57 -9.75 4.46
N ARG D 196 31.22 -8.82 5.13
CA ARG D 196 32.65 -8.78 5.14
C ARG D 196 33.02 -9.67 6.31
N VAL D 197 33.72 -10.73 5.97
CA VAL D 197 34.02 -11.81 6.89
C VAL D 197 35.38 -11.62 7.51
N LEU D 198 35.38 -11.37 8.80
CA LEU D 198 36.64 -11.39 9.57
C LEU D 198 36.71 -12.72 10.28
N GLY D 199 37.85 -13.37 10.17
CA GLY D 199 38.03 -14.66 10.85
C GLY D 199 39.06 -14.65 11.96
N ILE D 200 38.77 -15.43 12.99
CA ILE D 200 39.73 -15.64 14.07
C ILE D 200 39.93 -17.10 14.31
N ASP D 201 41.17 -17.55 14.07
CA ASP D 201 41.61 -18.90 14.29
C ASP D 201 43.13 -18.93 14.42
N GLY D 202 43.65 -20.09 14.76
CA GLY D 202 45.09 -20.23 15.04
C GLY D 202 45.62 -21.59 14.66
N GLY D 203 46.67 -21.59 13.84
CA GLY D 203 47.37 -22.80 13.41
C GLY D 203 47.71 -22.73 11.94
N GLU D 204 48.48 -23.71 11.48
CA GLU D 204 49.06 -23.70 10.14
C GLU D 204 48.09 -24.10 9.06
N GLY D 205 48.25 -23.49 7.89
CA GLY D 205 47.38 -23.67 6.76
C GLY D 205 46.10 -22.85 6.84
N LYS D 206 45.75 -22.41 8.06
CA LYS D 206 44.41 -21.88 8.35
C LYS D 206 44.08 -20.52 7.69
N GLU D 207 45.06 -19.63 7.64
CA GLU D 207 44.94 -18.37 6.93
C GLU D 207 44.64 -18.64 5.44
N GLU D 208 45.44 -19.46 4.77
CA GLU D 208 45.16 -19.81 3.37
C GLU D 208 43.83 -20.54 3.19
N LEU D 209 43.46 -21.43 4.11
CA LEU D 209 42.18 -22.13 3.98
C LEU D 209 41.06 -21.12 4.02
N PHE D 210 41.16 -20.22 4.97
CA PHE D 210 40.26 -19.10 5.14
C PHE D 210 40.24 -18.16 3.92
N ARG D 211 41.39 -17.79 3.36
CA ARG D 211 41.38 -16.91 2.17
C ARG D 211 40.64 -17.61 1.05
N SER D 212 40.98 -18.89 0.90
CA SER D 212 40.60 -19.68 -0.24
C SER D 212 39.10 -19.86 -0.33
N ILE D 213 38.43 -19.93 0.82
CA ILE D 213 36.96 -19.89 0.88
C ILE D 213 36.30 -18.47 1.06
N GLY D 214 37.08 -17.40 0.89
CA GLY D 214 36.52 -16.05 0.81
C GLY D 214 36.55 -15.18 2.07
N GLY D 215 37.37 -15.56 3.05
CA GLY D 215 37.61 -14.70 4.17
C GLY D 215 38.45 -13.52 3.75
N GLU D 216 38.10 -12.34 4.23
CA GLU D 216 38.82 -11.13 3.86
C GLU D 216 39.92 -10.80 4.84
N VAL D 217 39.63 -10.83 6.12
CA VAL D 217 40.61 -10.50 7.15
C VAL D 217 40.79 -11.65 8.08
N PHE D 218 42.06 -12.02 8.30
CA PHE D 218 42.40 -13.11 9.20
C PHE D 218 43.20 -12.59 10.39
N ILE D 219 42.67 -12.82 11.58
CA ILE D 219 43.40 -12.54 12.80
C ILE D 219 43.90 -13.83 13.41
N ASP D 220 45.21 -14.01 13.42
CA ASP D 220 45.80 -15.28 13.79
C ASP D 220 46.05 -15.23 15.26
N PHE D 221 45.19 -15.87 16.08
CA PHE D 221 45.39 -15.84 17.56
C PHE D 221 46.76 -16.35 18.01
N THR D 222 47.52 -16.96 17.13
CA THR D 222 48.86 -17.49 17.46
C THR D 222 49.93 -16.40 17.27
N LYS D 223 49.55 -15.33 16.60
CA LYS D 223 50.43 -14.23 16.31
C LYS D 223 50.05 -12.98 17.06
N GLU D 224 48.77 -12.85 17.29
CA GLU D 224 48.20 -11.60 17.72
C GLU D 224 47.87 -11.68 19.20
N LYS D 225 48.44 -10.81 20.02
CA LYS D 225 48.17 -10.81 21.46
C LYS D 225 46.96 -10.00 21.85
N ASP D 226 46.50 -9.12 20.97
CA ASP D 226 45.39 -8.28 21.32
C ASP D 226 44.30 -8.45 20.28
N ILE D 227 43.66 -9.61 20.34
CA ILE D 227 42.50 -9.98 19.48
C ILE D 227 41.46 -8.83 19.38
N VAL D 228 41.05 -8.32 20.55
CA VAL D 228 40.01 -7.31 20.70
C VAL D 228 40.46 -6.08 19.96
N GLY D 229 41.67 -5.61 20.26
CA GLY D 229 42.22 -4.43 19.62
C GLY D 229 42.27 -4.56 18.10
N ALA D 230 42.85 -5.68 17.66
CA ALA D 230 43.01 -6.02 16.24
C ALA D 230 41.69 -6.12 15.51
N VAL D 231 40.64 -6.46 16.22
CA VAL D 231 39.38 -6.66 15.55
C VAL D 231 38.71 -5.30 15.37
N LEU D 232 38.91 -4.42 16.35
CA LEU D 232 38.49 -3.03 16.25
C LEU D 232 39.26 -2.29 15.12
N LYS D 233 40.57 -2.46 15.03
CA LYS D 233 41.33 -1.78 13.99
C LYS D 233 40.82 -2.30 12.65
N ALA D 234 40.96 -3.60 12.42
CA ALA D 234 40.53 -4.14 11.14
C ALA D 234 39.13 -3.66 10.69
N THR D 235 38.14 -3.62 11.60
CA THR D 235 36.76 -3.23 11.26
C THR D 235 36.49 -1.72 11.39
N ASP D 236 37.46 -0.99 11.93
CA ASP D 236 37.30 0.44 12.25
C ASP D 236 36.11 0.75 13.19
N GLY D 237 35.98 -0.02 14.28
CA GLY D 237 34.99 0.25 15.35
C GLY D 237 34.36 -0.99 16.01
N GLY D 238 34.41 -2.13 15.32
CA GLY D 238 33.85 -3.38 15.78
C GLY D 238 33.06 -4.15 14.73
N ALA D 239 33.03 -5.46 14.87
CA ALA D 239 32.19 -6.31 14.03
C ALA D 239 30.73 -6.03 14.35
N HIS D 240 29.94 -5.78 13.31
CA HIS D 240 28.51 -5.58 13.45
C HIS D 240 27.90 -6.85 13.99
N GLY D 241 28.33 -7.99 13.45
CA GLY D 241 27.91 -9.30 14.02
C GLY D 241 29.09 -10.10 14.46
N VAL D 242 28.88 -10.98 15.43
CA VAL D 242 29.88 -12.00 15.81
C VAL D 242 29.19 -13.36 15.86
N ILE D 243 29.78 -14.36 15.25
CA ILE D 243 29.26 -15.71 15.40
C ILE D 243 30.21 -16.52 16.28
N ASN D 244 29.75 -16.97 17.44
CA ASN D 244 30.62 -17.69 18.38
C ASN D 244 30.56 -19.18 18.14
N VAL D 245 31.58 -19.69 17.47
CA VAL D 245 31.75 -21.13 17.29
C VAL D 245 32.99 -21.52 18.02
N SER D 246 33.25 -20.79 19.10
CA SER D 246 34.49 -20.90 19.89
C SER D 246 34.32 -21.92 20.96
N VAL D 247 35.16 -22.94 20.88
CA VAL D 247 35.37 -23.89 21.99
C VAL D 247 35.81 -23.21 23.33
N SER D 248 35.87 -21.86 23.36
CA SER D 248 36.30 -21.10 24.53
C SER D 248 35.26 -20.15 25.07
N GLU D 249 35.01 -20.24 26.37
CA GLU D 249 34.07 -19.36 27.09
C GLU D 249 34.59 -17.93 27.18
N ALA D 250 35.89 -17.78 27.01
CA ALA D 250 36.55 -16.47 27.15
C ALA D 250 36.69 -15.78 25.79
N ALA D 251 36.81 -16.58 24.73
CA ALA D 251 36.60 -16.08 23.38
C ALA D 251 35.19 -15.45 23.28
N ILE D 252 34.19 -16.11 23.89
CA ILE D 252 32.81 -15.58 23.91
C ILE D 252 32.72 -14.21 24.57
N GLU D 253 33.19 -14.17 25.81
CA GLU D 253 33.08 -12.97 26.60
C GLU D 253 33.81 -11.82 25.85
N ALA D 254 34.97 -12.09 25.26
CA ALA D 254 35.71 -11.10 24.48
C ALA D 254 34.94 -10.65 23.24
N SER D 255 34.13 -11.52 22.63
CA SER D 255 33.20 -11.02 21.57
C SER D 255 32.54 -9.69 21.99
N THR D 256 32.21 -9.57 23.28
CA THR D 256 31.39 -8.47 23.75
C THR D 256 32.15 -7.18 23.71
N ARG D 257 33.45 -7.30 23.64
CA ARG D 257 34.30 -6.15 23.67
C ARG D 257 34.87 -5.80 22.30
N TYR D 258 34.72 -6.68 21.29
CA TYR D 258 35.10 -6.29 19.89
C TYR D 258 33.94 -6.13 18.97
N VAL D 259 32.77 -6.51 19.42
CA VAL D 259 31.56 -6.25 18.69
C VAL D 259 31.35 -4.76 18.56
N ARG D 260 30.69 -4.33 17.50
CA ARG D 260 30.46 -2.89 17.24
C ARG D 260 29.28 -2.42 18.07
N ALA D 261 29.28 -1.16 18.51
CA ALA D 261 28.07 -0.59 19.08
C ALA D 261 26.84 -0.80 18.13
N ASN D 262 25.70 -1.12 18.72
CA ASN D 262 24.46 -1.52 17.97
C ASN D 262 24.56 -2.86 17.27
N GLY D 263 25.63 -3.60 17.55
CA GLY D 263 25.86 -4.87 16.88
C GLY D 263 25.48 -6.03 17.77
N THR D 264 25.62 -7.24 17.22
CA THR D 264 24.98 -8.43 17.77
C THR D 264 26.03 -9.56 17.77
N THR D 265 26.33 -10.11 18.96
CA THR D 265 27.17 -11.29 19.04
C THR D 265 26.27 -12.53 19.33
N VAL D 266 26.50 -13.63 18.61
CA VAL D 266 25.51 -14.67 18.49
C VAL D 266 26.07 -15.92 19.11
N LEU D 267 25.29 -16.59 19.94
CA LEU D 267 25.73 -17.80 20.61
C LEU D 267 25.20 -19.04 19.89
N VAL D 268 26.09 -19.96 19.60
CA VAL D 268 25.76 -21.11 18.78
C VAL D 268 26.13 -22.42 19.48
N GLY D 269 27.40 -22.58 19.83
CA GLY D 269 27.85 -23.81 20.51
C GLY D 269 27.48 -23.81 21.99
N MET D 270 27.42 -24.99 22.60
CA MET D 270 26.91 -25.13 23.97
C MET D 270 27.93 -25.86 24.82
N PRO D 271 29.13 -25.24 25.02
CA PRO D 271 30.13 -25.91 25.83
C PRO D 271 29.51 -26.32 27.16
N ALA D 272 30.05 -27.39 27.75
CA ALA D 272 29.38 -28.09 28.86
C ALA D 272 29.22 -27.13 30.00
N GLY D 273 27.97 -26.72 30.26
CA GLY D 273 27.66 -25.76 31.30
C GLY D 273 28.37 -24.40 31.21
N ALA D 274 28.59 -23.88 29.98
CA ALA D 274 29.16 -22.52 29.83
C ALA D 274 28.23 -21.39 30.27
N LYS D 275 28.85 -20.27 30.61
CA LYS D 275 28.21 -19.02 31.03
C LYS D 275 28.92 -17.81 30.42
N CYS D 276 28.17 -16.98 29.72
CA CYS D 276 28.71 -15.76 29.18
C CYS D 276 28.40 -14.65 30.17
N CYS D 277 29.43 -14.18 30.84
CA CYS D 277 29.27 -13.09 31.77
C CYS D 277 29.69 -11.83 31.08
N SER D 278 28.70 -10.94 30.90
CA SER D 278 28.86 -9.67 30.22
C SER D 278 28.92 -8.48 31.18
N ASP D 279 29.83 -7.54 30.95
CA ASP D 279 29.78 -6.26 31.69
C ASP D 279 28.51 -5.50 31.26
N VAL D 280 27.67 -5.21 32.24
CA VAL D 280 26.41 -4.60 32.01
C VAL D 280 26.57 -3.22 31.42
N PHE D 281 27.57 -2.48 31.91
CA PHE D 281 27.79 -1.09 31.49
C PHE D 281 28.16 -1.05 30.07
N ASN D 282 29.18 -1.84 29.69
CA ASN D 282 29.66 -1.92 28.33
C ASN D 282 28.51 -2.33 27.40
N GLN D 283 27.73 -3.29 27.85
CA GLN D 283 26.61 -3.83 27.10
C GLN D 283 25.49 -2.81 26.85
N VAL D 284 25.23 -1.96 27.83
CA VAL D 284 24.13 -1.01 27.78
C VAL D 284 24.62 0.16 26.93
N VAL D 285 25.79 0.66 27.32
CA VAL D 285 26.34 1.89 26.75
C VAL D 285 26.64 1.72 25.25
N LYS D 286 26.78 0.48 24.82
CA LYS D 286 27.07 0.20 23.47
C LYS D 286 25.92 -0.51 22.79
N SER D 287 24.73 -0.49 23.40
CA SER D 287 23.55 -0.98 22.72
C SER D 287 23.83 -2.30 22.00
N ILE D 288 24.57 -3.16 22.71
CA ILE D 288 24.96 -4.49 22.26
C ILE D 288 23.87 -5.52 22.57
N SER D 289 23.66 -6.43 21.65
CA SER D 289 22.79 -7.58 21.88
C SER D 289 23.59 -8.85 21.92
N ILE D 290 23.26 -9.77 22.84
CA ILE D 290 23.79 -11.10 22.76
C ILE D 290 22.60 -12.01 22.53
N VAL D 291 22.72 -12.88 21.54
CA VAL D 291 21.55 -13.53 21.00
C VAL D 291 21.82 -14.99 20.90
N GLY D 292 21.04 -15.79 21.58
CA GLY D 292 21.19 -17.23 21.41
C GLY D 292 20.61 -17.63 20.08
N SER D 293 21.26 -18.57 19.42
CA SER D 293 20.71 -19.17 18.18
C SER D 293 20.99 -20.69 18.11
N TYR D 294 19.92 -21.46 17.89
CA TYR D 294 19.80 -22.91 17.85
C TYR D 294 19.60 -23.49 16.42
N VAL D 295 18.67 -24.42 16.20
CA VAL D 295 18.54 -25.05 14.86
C VAL D 295 17.57 -24.25 14.00
N GLY D 296 17.88 -24.15 12.73
CA GLY D 296 16.95 -23.52 11.83
C GLY D 296 15.63 -24.25 11.83
N ASN D 297 14.67 -23.62 11.16
CA ASN D 297 13.34 -24.17 10.92
C ASN D 297 13.23 -24.54 9.44
N ARG D 298 12.02 -24.77 8.93
CA ARG D 298 11.94 -25.33 7.57
C ARG D 298 12.39 -24.32 6.52
N ALA D 299 12.04 -23.06 6.75
CA ALA D 299 12.37 -21.98 5.83
C ALA D 299 13.86 -21.85 5.77
N ASP D 300 14.44 -21.74 6.95
CA ASP D 300 15.88 -21.74 7.11
C ASP D 300 16.58 -22.96 6.53
N THR D 301 15.90 -24.09 6.47
CA THR D 301 16.44 -25.29 5.83
C THR D 301 16.53 -25.01 4.35
N ARG D 302 15.41 -24.59 3.78
CA ARG D 302 15.30 -24.32 2.35
C ARG D 302 16.29 -23.28 1.87
N GLU D 303 16.43 -22.19 2.61
CA GLU D 303 17.33 -21.14 2.19
C GLU D 303 18.75 -21.66 2.27
N ALA D 304 19.07 -22.45 3.31
CA ALA D 304 20.47 -22.88 3.51
C ALA D 304 20.84 -23.84 2.43
N LEU D 305 19.91 -24.69 2.04
CA LEU D 305 20.14 -25.61 0.91
C LEU D 305 20.30 -24.90 -0.42
N ASP D 306 19.42 -23.95 -0.69
CA ASP D 306 19.56 -23.20 -1.90
C ASP D 306 20.99 -22.65 -2.10
N PHE D 307 21.63 -22.05 -1.11
CA PHE D 307 23.10 -21.72 -1.27
C PHE D 307 24.01 -22.92 -1.58
N PHE D 308 23.68 -24.12 -1.10
CA PHE D 308 24.57 -25.26 -1.28
C PHE D 308 24.37 -25.68 -2.74
N ALA D 309 23.11 -25.74 -3.15
CA ALA D 309 22.70 -26.00 -4.57
C ALA D 309 23.29 -25.00 -5.54
N ARG D 310 23.34 -23.72 -5.19
CA ARG D 310 24.08 -22.78 -6.07
C ARG D 310 25.59 -23.03 -6.07
N GLY D 311 26.08 -24.00 -5.31
CA GLY D 311 27.52 -24.29 -5.32
C GLY D 311 28.34 -23.30 -4.52
N LEU D 312 27.71 -22.59 -3.57
CA LEU D 312 28.46 -21.49 -2.89
C LEU D 312 29.07 -21.86 -1.52
N VAL D 313 28.87 -23.12 -1.13
CA VAL D 313 29.18 -23.63 0.18
C VAL D 313 29.64 -25.08 0.08
N LYS D 314 30.92 -25.35 0.22
CA LYS D 314 31.34 -26.73 0.12
C LYS D 314 32.31 -27.09 1.23
N SER D 315 31.82 -27.80 2.24
CA SER D 315 32.72 -28.36 3.27
C SER D 315 33.43 -29.61 2.75
N PRO D 316 34.73 -29.75 3.07
CA PRO D 316 35.40 -31.00 2.76
C PRO D 316 34.93 -32.10 3.73
N ILE D 317 34.83 -33.32 3.22
CA ILE D 317 34.46 -34.48 4.01
C ILE D 317 35.31 -35.73 3.73
N LYS D 318 35.16 -36.71 4.59
CA LYS D 318 35.70 -38.04 4.38
C LYS D 318 34.60 -39.01 4.75
N VAL D 319 34.32 -39.93 3.82
CA VAL D 319 33.25 -40.89 3.94
C VAL D 319 33.83 -42.19 4.44
N VAL D 320 33.28 -42.74 5.52
CA VAL D 320 33.58 -44.14 5.98
C VAL D 320 32.27 -44.94 6.23
N GLY D 321 32.40 -46.24 6.41
CA GLY D 321 31.22 -47.09 6.51
C GLY D 321 30.37 -46.79 7.73
N LEU D 322 29.07 -46.99 7.62
CA LEU D 322 28.24 -46.93 8.81
C LEU D 322 28.75 -48.02 9.75
N SER D 323 29.09 -49.17 9.20
CA SER D 323 29.69 -50.24 10.00
C SER D 323 30.87 -49.77 10.87
N THR D 324 31.58 -48.72 10.46
CA THR D 324 32.67 -48.13 11.24
C THR D 324 32.20 -47.12 12.31
N LEU D 325 30.91 -46.85 12.37
CA LEU D 325 30.44 -45.82 13.28
C LEU D 325 30.87 -45.94 14.76
N PRO D 326 30.57 -47.09 15.43
CA PRO D 326 30.86 -47.21 16.88
C PRO D 326 32.27 -46.81 17.25
N GLU D 327 33.21 -47.26 16.42
CA GLU D 327 34.63 -46.89 16.49
C GLU D 327 34.80 -45.36 16.40
N ILE D 328 34.21 -44.74 15.38
CA ILE D 328 34.28 -43.28 15.21
C ILE D 328 33.80 -42.53 16.47
N TYR D 329 32.68 -42.96 17.06
CA TYR D 329 32.17 -42.36 18.30
C TYR D 329 33.30 -42.20 19.29
N GLU D 330 33.87 -43.34 19.66
CA GLU D 330 34.86 -43.43 20.73
C GLU D 330 36.10 -42.58 20.36
N LYS D 331 36.32 -42.39 19.06
CA LYS D 331 37.42 -41.56 18.56
C LYS D 331 37.13 -40.05 18.70
N MET D 332 35.86 -39.66 18.54
CA MET D 332 35.48 -38.23 18.53
C MET D 332 35.83 -37.60 19.85
N GLU D 333 35.32 -38.25 20.91
CA GLU D 333 35.41 -37.77 22.29
C GLU D 333 36.84 -37.71 22.87
N LYS D 334 37.77 -38.51 22.34
CA LYS D 334 39.19 -38.34 22.70
C LYS D 334 39.70 -37.01 22.13
N GLY D 335 39.24 -36.66 20.92
CA GLY D 335 39.68 -35.45 20.24
C GLY D 335 40.98 -35.72 19.51
N GLN D 336 40.97 -36.80 18.73
CA GLN D 336 41.97 -37.05 17.69
C GLN D 336 41.30 -37.09 16.30
N ILE D 337 39.97 -37.15 16.30
CA ILE D 337 39.19 -36.98 15.08
C ILE D 337 39.23 -35.51 14.67
N VAL D 338 39.68 -35.26 13.44
CA VAL D 338 39.84 -33.91 12.92
C VAL D 338 38.99 -33.72 11.64
N GLY D 339 38.22 -32.64 11.56
CA GLY D 339 37.43 -32.36 10.35
C GLY D 339 36.08 -33.08 10.30
N ARG D 340 35.42 -33.00 9.12
CA ARG D 340 33.96 -33.32 8.96
C ARG D 340 33.64 -34.74 8.44
N TYR D 341 33.01 -35.55 9.28
CA TYR D 341 32.75 -36.94 8.93
C TYR D 341 31.35 -37.20 8.40
N VAL D 342 31.28 -38.13 7.44
CA VAL D 342 30.00 -38.61 6.91
C VAL D 342 30.02 -40.14 6.77
N VAL D 343 28.90 -40.80 7.12
CA VAL D 343 28.80 -42.28 6.99
C VAL D 343 28.00 -42.74 5.78
N ASP D 344 28.56 -43.74 5.12
CA ASP D 344 27.90 -44.41 4.04
C ASP D 344 27.17 -45.60 4.63
N THR D 345 25.85 -45.65 4.44
CA THR D 345 25.07 -46.78 4.98
C THR D 345 25.15 -48.03 4.09
N SER D 346 25.89 -47.97 2.99
CA SER D 346 26.10 -49.14 2.14
C SER D 346 27.29 -49.93 2.66
N LYS D 347 28.25 -49.26 3.32
CA LYS D 347 29.47 -49.93 3.87
C LYS D 347 29.57 -49.90 5.41
ZN ZN E . -20.76 29.05 -11.00
ZN ZN F . -12.72 31.51 -29.09
O7N 8ID G . -20.53 24.54 -15.57
C7N 8ID G . -20.25 23.91 -14.56
N7N 8ID G . -19.60 22.76 -14.68
C3N 8ID G . -20.62 24.42 -13.23
C4N 8ID G . -21.39 25.55 -13.09
C5N 8ID G . -21.71 25.99 -11.80
C6N 8ID G . -21.25 25.28 -10.68
C2N 8ID G . -20.19 23.77 -12.10
N1N 8ID G . -20.51 24.20 -10.87
C1' 8ID G . -20.00 23.39 -9.77
C2' 8ID G . -19.38 24.10 -8.57
O2' 8ID G . -18.05 24.48 -8.91
C3' 8ID G . -19.46 22.99 -7.57
O3' 8ID G . -18.32 22.11 -7.71
O4' 8ID G . -21.10 22.66 -9.28
C4' 8ID G . -20.76 22.29 -7.94
C5' 8ID G . -21.93 22.68 -7.04
O5' 8ID G . -22.13 24.11 -7.08
PN 8ID G . -23.42 24.62 -6.23
O1N 8ID G . -24.71 23.93 -6.61
O2N 8ID G . -23.37 26.10 -6.18
OPP 8ID G . -23.13 23.80 -4.84
PA 8ID G . -24.02 23.99 -3.52
O1A 8ID G . -24.86 25.22 -3.71
O2A 8ID G . -22.97 23.92 -2.47
O5B 8ID G . -24.91 22.67 -3.36
C5B 8ID G . -24.29 21.40 -3.63
C4B 8ID G . -25.11 20.23 -3.08
O4B 8ID G . -24.43 18.98 -3.03
C1B 8ID G . -25.11 18.22 -2.09
C2B 8ID G . -25.12 19.18 -0.92
O2B 8ID G . -26.10 18.91 0.10
C3B 8ID G . -25.51 20.44 -1.63
O3B 8ID G . -26.90 20.65 -1.67
N9A 8ID G . -24.37 16.98 -1.90
C8A 8ID G . -23.13 16.78 -1.35
I8A 8ID G . -21.73 18.28 -0.65
N7A 8ID G . -22.75 15.48 -1.27
C5A 8ID G . -23.78 14.79 -1.78
C6A 8ID G . -24.03 13.36 -2.02
N6A 8ID G . -23.06 12.44 -1.70
C4A 8ID G . -24.83 15.76 -2.18
N3A 8ID G . -25.97 15.27 -2.71
C2A 8ID G . -26.15 13.94 -2.91
N1A 8ID G . -25.24 13.00 -2.58
C1 ETF H . -17.78 26.91 -13.08
C2 ETF H . -18.62 28.17 -12.86
O ETF H . -19.47 28.10 -11.75
F1 ETF H . -17.35 26.89 -14.30
F2 ETF H . -16.74 26.99 -12.29
F3 ETF H . -18.40 25.78 -12.84
ZN ZN I . -15.83 -11.87 -32.11
ZN ZN J . -36.06 -6.90 -25.50
C1 ETF K . -18.20 -8.76 -28.62
C2 ETF K . -18.63 -9.24 -30.00
O ETF K . -17.94 -10.46 -30.31
F1 ETF K . -18.46 -9.78 -27.82
F2 ETF K . -16.91 -8.39 -28.59
F3 ETF K . -18.90 -7.70 -28.23
ZN ZN L . 19.19 9.11 33.59
ZN ZN M . 28.24 10.84 16.18
O7N 8ID N . 19.72 4.45 29.25
C7N 8ID N . 19.84 3.69 30.22
N7N 8ID N . 20.25 2.43 30.18
C3N 8ID N . 19.42 4.23 31.49
C4N 8ID N . 18.58 5.32 31.49
C5N 8ID N . 18.22 5.82 32.73
C6N 8ID N . 18.64 5.18 33.88
C2N 8ID N . 19.86 3.66 32.68
N1N 8ID N . 19.47 4.15 33.85
C1' 8ID N . 19.88 3.42 35.04
C2' 8ID N . 20.34 4.12 36.27
O2' 8ID N . 21.72 4.43 36.08
C3' 8ID N . 20.04 3.06 37.34
O3' 8ID N . 21.10 2.06 37.55
O4' 8ID N . 18.70 2.70 35.44
C4' 8ID N . 18.78 2.38 36.82
C5' 8ID N . 17.51 2.76 37.58
O5' 8ID N . 17.33 4.16 37.63
PN 8ID N . 16.06 4.74 38.45
O1N 8ID N . 14.85 3.98 37.94
O2N 8ID N . 16.21 6.20 38.44
OPP 8ID N . 16.34 4.25 39.97
PA 8ID N . 15.35 4.21 41.23
O1A 8ID N . 14.57 5.47 41.14
O2A 8ID N . 16.33 3.89 42.43
O5B 8ID N . 14.46 2.90 41.25
C5B 8ID N . 15.16 1.69 40.98
C4B 8ID N . 14.32 0.55 41.46
O4B 8ID N . 15.09 -0.65 41.63
C1B 8ID N . 14.25 -1.46 42.42
C2B 8ID N . 14.04 -0.46 43.54
O2B 8ID N . 13.09 -0.86 44.54
C3B 8ID N . 13.68 0.81 42.80
O3B 8ID N . 12.25 0.98 42.70
N9A 8ID N . 14.88 -2.71 42.78
C8A 8ID N . 16.04 -2.95 43.49
I8A 8ID N . 17.39 -1.48 44.19
N7A 8ID N . 16.42 -4.22 43.65
C5A 8ID N . 15.42 -4.89 43.06
C6A 8ID N . 15.14 -6.31 42.86
N6A 8ID N . 16.00 -7.24 43.36
C4A 8ID N . 14.43 -3.94 42.48
N3A 8ID N . 13.37 -4.40 41.81
C2A 8ID N . 13.15 -5.70 41.69
N1A 8ID N . 14.00 -6.62 42.18
C1 ETF O . 22.27 6.81 31.76
C2 ETF O . 21.12 7.80 31.81
O ETF O . 20.76 8.22 33.07
F1 ETF O . 21.84 5.57 32.02
F2 ETF O . 22.68 6.88 30.53
F3 ETF O . 23.29 7.24 32.53
ZN ZN P . 25.22 -32.57 14.00
ZN ZN Q . 4.42 -27.27 19.21
C1 ETF R . 22.46 -29.37 17.24
C2 ETF R . 22.34 -30.23 15.96
O ETF R . 23.51 -30.97 15.63
F1 ETF R . 21.78 -28.26 17.14
F2 ETF R . 21.89 -30.02 18.27
F3 ETF R . 23.70 -28.88 17.38
#